data_1RQF
#
_entry.id   1RQF
#
_cell.length_a   145.422
_cell.length_b   170.626
_cell.length_c   74.546
_cell.angle_alpha   90.00
_cell.angle_beta   90.00
_cell.angle_gamma   90.00
#
_symmetry.space_group_name_H-M   'P 21 21 2'
#
loop_
_entity.id
_entity.type
_entity.pdbx_description
1 polymer 'Casein kinase II beta chain'
2 polymer 'Disordered segment of Cyclin-dependent kinase inhibitor 1'
3 polymer 'Disordered segment of Cyclin-dependent kinase inhibitor 1'
4 polymer 'Disordered segment of Cyclin-dependent kinase inhibitor 1'
5 non-polymer 'ZINC ION'
6 non-polymer 'UNKNOWN LIGAND'
7 water water
#
loop_
_entity_poly.entity_id
_entity_poly.type
_entity_poly.pdbx_seq_one_letter_code
_entity_poly.pdbx_strand_id
1 'polypeptide(L)'
;GSPGIQMSSSEEVSWISWFCGLRGNEFFCEVDEDYIQDKFNLTGLNEQVPHYRQALDMILDLEPDEELEDNPNQSDLIEQ
AAEMLYGLIHARYILTNRGIAQMLEKYQQGDFGYCPRVYCENQPMLPIGLSDIPGEAMVKLYCPKCMDVYTPKSSRHHHT
DGAYFGTGFPHMLFMVHPEYRPKR
;
A,B,D,E,G,H,J,K
2 'polypeptide(L)' (UNK)(UNK)(UNK)(UNK) M,N,T
3 'polypeptide(L)' (UNK)(UNK)(UNK)(UNK)(UNK)(UNK)(UNK)(UNK) O
4 'polypeptide(L)' (UNK)(UNK)(UNK) P,S
#
loop_
_chem_comp.id
_chem_comp.type
_chem_comp.name
_chem_comp.formula
UNL non-polymer 'UNKNOWN LIGAND' ?
ZN non-polymer 'ZINC ION' 'Zn 2'
#
# COMPACT_ATOMS: atom_id res chain seq x y z
N VAL A 13 -14.01 24.74 21.90
CA VAL A 13 -14.07 23.33 21.43
C VAL A 13 -14.38 22.33 22.55
N SER A 14 -15.15 21.31 22.18
CA SER A 14 -15.58 20.24 23.09
C SER A 14 -14.41 19.54 23.76
N TRP A 15 -14.68 18.92 24.90
CA TRP A 15 -13.64 18.21 25.62
C TRP A 15 -13.01 17.16 24.71
N ILE A 16 -13.87 16.42 24.01
CA ILE A 16 -13.42 15.39 23.09
C ILE A 16 -12.51 15.98 22.01
N SER A 17 -12.95 17.05 21.36
CA SER A 17 -12.16 17.68 20.32
C SER A 17 -10.82 18.15 20.91
N TRP A 18 -10.87 18.68 22.13
CA TRP A 18 -9.67 19.15 22.80
C TRP A 18 -8.71 18.00 23.08
N PHE A 19 -9.26 16.91 23.61
CA PHE A 19 -8.47 15.73 23.95
C PHE A 19 -7.76 15.13 22.74
N CYS A 20 -8.55 14.72 21.74
CA CYS A 20 -8.00 14.14 20.53
C CYS A 20 -7.00 15.05 19.85
N GLY A 21 -7.01 16.34 20.22
CA GLY A 21 -6.08 17.29 19.62
C GLY A 21 -4.73 17.40 20.32
N LEU A 22 -4.64 16.90 21.53
CA LEU A 22 -3.39 16.97 22.28
C LEU A 22 -2.27 16.19 21.63
N ARG A 23 -1.05 16.59 21.96
CA ARG A 23 0.16 15.96 21.46
C ARG A 23 0.14 14.53 21.99
N GLY A 24 0.30 13.55 21.11
CA GLY A 24 0.31 12.17 21.57
C GLY A 24 -0.99 11.42 21.37
N ASN A 25 -2.07 12.16 21.19
CA ASN A 25 -3.38 11.54 20.99
C ASN A 25 -3.80 11.52 19.52
N GLU A 26 -2.80 11.49 18.64
CA GLU A 26 -3.06 11.47 17.20
C GLU A 26 -3.72 10.15 16.79
N PHE A 27 -3.48 9.07 17.53
CA PHE A 27 -4.06 7.78 17.19
C PHE A 27 -5.55 7.67 17.46
N PHE A 28 -6.04 8.55 18.34
CA PHE A 28 -7.45 8.58 18.69
C PHE A 28 -8.31 9.23 17.64
N CYS A 29 -9.59 8.89 17.63
CA CYS A 29 -10.54 9.51 16.71
C CYS A 29 -11.62 10.11 17.62
N GLU A 30 -12.37 11.08 17.11
CA GLU A 30 -13.42 11.71 17.93
C GLU A 30 -14.72 10.90 17.97
N VAL A 31 -15.05 10.42 19.16
CA VAL A 31 -16.25 9.61 19.36
C VAL A 31 -17.51 10.48 19.29
N ASP A 32 -18.47 10.05 18.47
CA ASP A 32 -19.73 10.79 18.33
C ASP A 32 -20.42 10.95 19.68
N GLU A 33 -20.76 12.18 20.02
CA GLU A 33 -21.40 12.46 21.28
C GLU A 33 -22.59 11.54 21.53
N ASP A 34 -23.46 11.38 20.52
CA ASP A 34 -24.63 10.54 20.69
C ASP A 34 -24.31 9.10 21.08
N TYR A 35 -23.19 8.58 20.59
CA TYR A 35 -22.79 7.21 20.91
C TYR A 35 -22.57 7.12 22.42
N ILE A 36 -21.93 8.15 22.95
CA ILE A 36 -21.63 8.23 24.36
C ILE A 36 -22.90 8.46 25.19
N GLN A 37 -23.82 9.27 24.67
CA GLN A 37 -25.06 9.58 25.38
C GLN A 37 -25.99 8.39 25.57
N ASP A 38 -25.86 7.39 24.70
CA ASP A 38 -26.67 6.18 24.81
C ASP A 38 -26.07 5.34 25.94
N LYS A 39 -26.78 5.25 27.06
CA LYS A 39 -26.31 4.49 28.21
C LYS A 39 -25.96 3.05 27.86
N PHE A 40 -26.71 2.46 26.93
CA PHE A 40 -26.49 1.08 26.52
C PHE A 40 -25.09 0.78 25.97
N ASN A 41 -24.46 1.79 25.37
CA ASN A 41 -23.12 1.60 24.81
C ASN A 41 -22.03 1.59 25.86
N LEU A 42 -22.29 2.21 27.00
CA LEU A 42 -21.29 2.27 28.06
C LEU A 42 -21.51 1.25 29.19
N THR A 43 -22.49 0.36 29.03
CA THR A 43 -22.77 -0.64 30.06
C THR A 43 -21.50 -1.40 30.42
N GLY A 44 -21.14 -1.35 31.69
CA GLY A 44 -19.95 -2.05 32.14
C GLY A 44 -18.76 -1.16 32.39
N LEU A 45 -18.68 -0.05 31.66
CA LEU A 45 -17.55 0.86 31.82
C LEU A 45 -17.59 1.60 33.13
N ASN A 46 -18.80 1.96 33.57
CA ASN A 46 -18.96 2.75 34.78
C ASN A 46 -18.37 2.14 36.05
N GLU A 47 -18.07 0.86 36.00
CA GLU A 47 -17.49 0.21 37.17
C GLU A 47 -16.00 -0.06 37.00
N GLN A 48 -15.37 0.61 36.04
CA GLN A 48 -13.94 0.44 35.79
C GLN A 48 -13.14 1.70 36.06
N VAL A 49 -13.82 2.84 36.07
CA VAL A 49 -13.15 4.10 36.30
C VAL A 49 -13.71 4.80 37.52
N PRO A 50 -12.84 5.45 38.31
CA PRO A 50 -13.28 6.17 39.51
C PRO A 50 -13.97 7.50 39.13
N HIS A 51 -14.92 7.94 39.95
CA HIS A 51 -15.62 9.17 39.66
C HIS A 51 -16.32 9.09 38.31
N TYR A 52 -16.79 7.90 37.96
CA TYR A 52 -17.49 7.69 36.70
C TYR A 52 -18.51 8.75 36.33
N ARG A 53 -19.27 9.22 37.31
CA ARG A 53 -20.29 10.22 37.06
C ARG A 53 -19.70 11.56 36.57
N GLN A 54 -18.83 12.14 37.38
CA GLN A 54 -18.20 13.40 37.05
C GLN A 54 -17.31 13.31 35.81
N ALA A 55 -16.68 12.15 35.62
CA ALA A 55 -15.81 11.93 34.47
C ALA A 55 -16.62 11.90 33.18
N LEU A 56 -17.76 11.21 33.20
CA LEU A 56 -18.60 11.12 32.03
C LEU A 56 -19.18 12.49 31.72
N ASP A 57 -19.38 13.28 32.77
CA ASP A 57 -19.91 14.62 32.62
C ASP A 57 -18.89 15.50 31.92
N MET A 58 -17.64 15.38 32.33
CA MET A 58 -16.56 16.16 31.75
C MET A 58 -16.37 15.86 30.27
N ILE A 59 -16.50 14.59 29.90
CA ILE A 59 -16.36 14.18 28.50
C ILE A 59 -17.45 14.79 27.65
N LEU A 60 -18.65 14.87 28.21
CA LEU A 60 -19.81 15.42 27.50
C LEU A 60 -20.03 16.92 27.68
N ASP A 61 -19.09 17.58 28.36
CA ASP A 61 -19.19 19.02 28.60
C ASP A 61 -20.46 19.42 29.33
N LEU A 62 -20.57 19.00 30.58
CA LEU A 62 -21.75 19.33 31.38
C LEU A 62 -21.31 20.03 32.66
N GLU A 63 -22.23 20.73 33.30
CA GLU A 63 -21.93 21.46 34.53
C GLU A 63 -21.14 20.58 35.51
N PRO A 64 -19.88 20.97 35.78
CA PRO A 64 -18.96 20.27 36.69
C PRO A 64 -19.21 20.41 38.18
N ASP A 65 -20.18 19.65 38.69
CA ASP A 65 -20.52 19.63 40.10
C ASP A 65 -20.65 20.94 40.86
N GLU A 66 -21.03 20.79 42.12
CA GLU A 66 -21.21 21.87 43.08
C GLU A 66 -19.88 22.51 43.43
N GLU A 67 -19.02 21.71 44.07
CA GLU A 67 -17.68 22.13 44.49
C GLU A 67 -17.74 23.22 45.56
N LEU A 68 -17.64 22.81 46.82
CA LEU A 68 -17.70 23.76 47.94
C LEU A 68 -16.70 23.53 49.07
N GLU A 69 -16.07 24.63 49.50
CA GLU A 69 -15.12 24.66 50.61
C GLU A 69 -13.90 23.74 50.57
N ASP A 70 -13.21 23.68 51.72
CA ASP A 70 -11.99 22.90 51.94
C ASP A 70 -12.00 21.62 51.13
N ASN A 71 -13.18 21.02 51.02
CA ASN A 71 -13.38 19.80 50.25
C ASN A 71 -12.21 19.67 49.27
N PRO A 72 -11.19 18.88 49.63
CA PRO A 72 -10.05 18.72 48.72
C PRO A 72 -10.53 18.62 47.27
N ASN A 73 -9.88 19.38 46.38
CA ASN A 73 -10.26 19.44 44.96
C ASN A 73 -10.43 18.11 44.24
N GLN A 74 -9.49 17.18 44.43
CA GLN A 74 -9.55 15.87 43.76
C GLN A 74 -9.96 16.07 42.30
N SER A 75 -9.75 17.28 41.81
CA SER A 75 -10.08 17.65 40.46
C SER A 75 -9.29 16.83 39.44
N ASP A 76 -7.96 16.89 39.54
CA ASP A 76 -7.07 16.16 38.65
C ASP A 76 -7.42 14.67 38.57
N LEU A 77 -7.86 14.10 39.68
CA LEU A 77 -8.22 12.69 39.71
C LEU A 77 -9.41 12.42 38.80
N ILE A 78 -10.27 13.42 38.63
CA ILE A 78 -11.44 13.28 37.77
C ILE A 78 -11.03 13.44 36.32
N GLU A 79 -10.07 14.33 36.08
CA GLU A 79 -9.59 14.56 34.73
C GLU A 79 -8.97 13.27 34.22
N GLN A 80 -8.22 12.63 35.09
CA GLN A 80 -7.60 11.38 34.72
C GLN A 80 -8.68 10.34 34.44
N ALA A 81 -9.73 10.31 35.26
CA ALA A 81 -10.80 9.35 35.09
C ALA A 81 -11.50 9.55 33.75
N ALA A 82 -11.67 10.80 33.34
CA ALA A 82 -12.32 11.10 32.06
C ALA A 82 -11.43 10.56 30.95
N GLU A 83 -10.12 10.70 31.15
CA GLU A 83 -9.16 10.23 30.18
C GLU A 83 -9.24 8.72 30.02
N MET A 84 -9.33 8.00 31.14
CA MET A 84 -9.41 6.54 31.08
C MET A 84 -10.75 6.12 30.50
N LEU A 85 -11.82 6.78 30.95
CA LEU A 85 -13.14 6.45 30.47
C LEU A 85 -13.28 6.71 28.98
N TYR A 86 -12.69 7.81 28.50
CA TYR A 86 -12.79 8.11 27.08
C TYR A 86 -12.09 7.00 26.29
N GLY A 87 -10.96 6.56 26.82
CA GLY A 87 -10.21 5.51 26.18
C GLY A 87 -11.01 4.22 26.03
N LEU A 88 -11.61 3.76 27.14
CA LEU A 88 -12.41 2.54 27.11
C LEU A 88 -13.57 2.66 26.12
N ILE A 89 -14.15 3.86 26.04
CA ILE A 89 -15.26 4.09 25.12
C ILE A 89 -14.73 4.03 23.69
N HIS A 90 -13.55 4.64 23.49
CA HIS A 90 -12.91 4.66 22.19
C HIS A 90 -12.72 3.24 21.68
N ALA A 91 -12.26 2.36 22.57
CA ALA A 91 -12.02 0.98 22.24
C ALA A 91 -13.25 0.31 21.65
N ARG A 92 -14.39 0.51 22.31
CA ARG A 92 -15.64 -0.07 21.86
C ARG A 92 -16.09 0.59 20.56
N TYR A 93 -16.01 1.92 20.56
CA TYR A 93 -16.40 2.75 19.44
C TYR A 93 -15.77 2.39 18.10
N ILE A 94 -14.45 2.18 18.06
CA ILE A 94 -13.78 1.88 16.81
C ILE A 94 -14.04 0.47 16.26
N LEU A 95 -15.02 -0.22 16.83
CA LEU A 95 -15.38 -1.55 16.35
C LEU A 95 -16.70 -1.42 15.61
N THR A 96 -17.38 -0.31 15.84
CA THR A 96 -18.65 -0.02 15.20
C THR A 96 -18.37 0.54 13.82
N ASN A 97 -19.28 0.31 12.88
CA ASN A 97 -19.08 0.77 11.53
C ASN A 97 -18.76 2.26 11.43
N ARG A 98 -19.28 3.06 12.35
CA ARG A 98 -19.01 4.50 12.30
C ARG A 98 -17.59 4.79 12.77
N GLY A 99 -17.19 4.17 13.88
CA GLY A 99 -15.83 4.36 14.38
C GLY A 99 -14.82 3.89 13.34
N ILE A 100 -15.03 2.69 12.80
CA ILE A 100 -14.15 2.14 11.79
C ILE A 100 -14.03 3.08 10.61
N ALA A 101 -15.13 3.71 10.24
CA ALA A 101 -15.11 4.65 9.14
C ALA A 101 -14.12 5.78 9.43
N GLN A 102 -14.20 6.32 10.64
CA GLN A 102 -13.30 7.41 11.05
C GLN A 102 -11.84 6.99 11.09
N MET A 103 -11.57 5.81 11.64
CA MET A 103 -10.20 5.32 11.73
C MET A 103 -9.66 5.06 10.32
N LEU A 104 -10.51 4.52 9.45
CA LEU A 104 -10.11 4.25 8.09
C LEU A 104 -9.67 5.55 7.44
N GLU A 105 -10.30 6.64 7.85
CA GLU A 105 -9.95 7.95 7.32
C GLU A 105 -8.49 8.25 7.72
N LYS A 106 -8.22 8.26 9.03
CA LYS A 106 -6.88 8.54 9.54
C LYS A 106 -5.89 7.57 8.88
N TYR A 107 -6.30 6.32 8.72
CA TYR A 107 -5.43 5.33 8.10
C TYR A 107 -4.98 5.82 6.73
N GLN A 108 -5.92 6.32 5.94
CA GLN A 108 -5.59 6.82 4.62
C GLN A 108 -4.67 8.03 4.67
N GLN A 109 -4.66 8.72 5.81
CA GLN A 109 -3.80 9.91 5.96
C GLN A 109 -2.43 9.55 6.56
N GLY A 110 -2.20 8.28 6.85
CA GLY A 110 -0.93 7.88 7.43
C GLY A 110 -0.79 8.42 8.86
N ASP A 111 -1.94 8.66 9.49
CA ASP A 111 -1.99 9.18 10.87
C ASP A 111 -1.32 8.29 11.88
N PHE A 112 -1.21 7.01 11.59
CA PHE A 112 -0.63 6.07 12.52
C PHE A 112 0.84 5.74 12.25
N GLY A 113 1.39 6.26 11.15
CA GLY A 113 2.78 5.99 10.83
C GLY A 113 2.90 4.93 9.77
N TYR A 114 4.12 4.71 9.30
CA TYR A 114 4.37 3.72 8.26
C TYR A 114 5.30 2.63 8.73
N CYS A 115 5.12 1.44 8.18
CA CYS A 115 5.94 0.31 8.57
C CYS A 115 7.41 0.60 8.31
N PRO A 116 8.25 0.36 9.31
CA PRO A 116 9.69 0.59 9.18
C PRO A 116 10.44 -0.45 8.34
N ARG A 117 9.83 -1.61 8.07
CA ARG A 117 10.50 -2.63 7.24
C ARG A 117 10.78 -2.04 5.89
N VAL A 118 12.01 -2.19 5.42
CA VAL A 118 12.37 -1.65 4.13
C VAL A 118 11.50 -2.21 3.01
N TYR A 119 11.19 -3.50 3.09
CA TYR A 119 10.39 -4.14 2.06
C TYR A 119 8.88 -3.94 2.18
N CYS A 120 8.41 -3.38 3.27
CA CYS A 120 6.99 -3.10 3.44
C CYS A 120 6.71 -1.78 2.69
N GLU A 121 7.77 -1.12 2.25
CA GLU A 121 7.70 0.14 1.50
C GLU A 121 6.71 1.16 2.07
N ASN A 122 6.93 1.59 3.30
CA ASN A 122 6.07 2.58 3.95
C ASN A 122 4.57 2.27 3.92
N GLN A 123 4.23 1.04 4.24
CA GLN A 123 2.84 0.62 4.29
C GLN A 123 2.26 1.30 5.52
N PRO A 124 1.15 2.03 5.37
CA PRO A 124 0.60 2.66 6.57
C PRO A 124 0.14 1.62 7.59
N MET A 125 0.27 1.91 8.87
CA MET A 125 -0.13 0.96 9.90
C MET A 125 -1.37 1.36 10.65
N LEU A 126 -1.92 0.44 11.43
CA LEU A 126 -3.09 0.68 12.26
C LEU A 126 -2.67 0.53 13.71
N PRO A 127 -3.30 1.28 14.63
CA PRO A 127 -2.92 1.12 16.03
C PRO A 127 -3.49 -0.19 16.52
N ILE A 128 -2.89 -0.77 17.55
CA ILE A 128 -3.37 -2.02 18.06
C ILE A 128 -2.89 -2.18 19.49
N GLY A 129 -3.60 -2.97 20.27
CA GLY A 129 -3.22 -3.19 21.65
C GLY A 129 -2.78 -4.63 21.82
N LEU A 130 -1.78 -4.86 22.66
CA LEU A 130 -1.31 -6.22 22.90
C LEU A 130 -2.21 -6.84 23.95
N SER A 131 -3.01 -6.02 24.61
CA SER A 131 -3.92 -6.49 25.65
C SER A 131 -5.14 -5.58 25.75
N ASP A 132 -6.23 -6.11 26.28
CA ASP A 132 -7.45 -5.32 26.42
C ASP A 132 -7.61 -4.84 27.87
N ILE A 133 -6.66 -5.23 28.71
CA ILE A 133 -6.68 -4.84 30.10
C ILE A 133 -5.89 -3.55 30.27
N PRO A 134 -6.52 -2.49 30.78
CA PRO A 134 -5.81 -1.23 30.96
C PRO A 134 -4.59 -1.44 31.84
N GLY A 135 -3.53 -0.67 31.57
CA GLY A 135 -2.29 -0.79 32.35
C GLY A 135 -1.37 -1.94 31.96
N GLU A 136 -1.79 -2.79 31.04
CA GLU A 136 -0.98 -3.92 30.62
C GLU A 136 0.20 -3.48 29.72
N ALA A 137 -0.13 -2.89 28.58
CA ALA A 137 0.90 -2.46 27.65
C ALA A 137 0.46 -1.20 26.92
N MET A 138 1.44 -0.47 26.39
CA MET A 138 1.15 0.76 25.66
C MET A 138 0.79 0.39 24.22
N VAL A 139 0.15 1.32 23.51
CA VAL A 139 -0.27 1.07 22.14
C VAL A 139 0.89 0.77 21.18
N LYS A 140 0.64 -0.20 20.29
CA LYS A 140 1.61 -0.63 19.30
C LYS A 140 1.05 -0.41 17.92
N LEU A 141 1.87 -0.62 16.90
CA LEU A 141 1.43 -0.43 15.53
C LEU A 141 1.47 -1.73 14.74
N TYR A 142 0.41 -2.00 14.02
CA TYR A 142 0.30 -3.22 13.23
C TYR A 142 0.38 -2.94 11.73
N CYS A 143 1.37 -3.52 11.06
CA CYS A 143 1.51 -3.35 9.62
C CYS A 143 0.71 -4.46 8.97
N PRO A 144 -0.30 -4.09 8.17
CA PRO A 144 -1.10 -5.13 7.51
C PRO A 144 -0.37 -5.90 6.41
N LYS A 145 0.77 -5.39 5.96
CA LYS A 145 1.50 -6.08 4.89
C LYS A 145 2.37 -7.22 5.41
N CYS A 146 3.29 -6.93 6.33
CA CYS A 146 4.15 -7.95 6.91
C CYS A 146 3.46 -8.56 8.13
N MET A 147 2.28 -8.03 8.45
CA MET A 147 1.47 -8.52 9.56
C MET A 147 2.20 -8.67 10.89
N ASP A 148 3.07 -7.72 11.21
CA ASP A 148 3.81 -7.74 12.46
C ASP A 148 3.48 -6.52 13.32
N VAL A 149 3.91 -6.53 14.57
CA VAL A 149 3.63 -5.43 15.49
C VAL A 149 4.87 -4.65 15.88
N TYR A 150 4.82 -3.32 15.71
CA TYR A 150 5.94 -2.44 16.03
C TYR A 150 5.67 -1.40 17.09
N THR A 151 6.76 -0.90 17.70
CA THR A 151 6.68 0.15 18.70
C THR A 151 6.76 1.47 17.96
N PRO A 152 5.87 2.41 18.27
CA PRO A 152 5.86 3.73 17.61
C PRO A 152 7.23 4.42 17.69
N LYS A 153 7.66 4.99 16.57
CA LYS A 153 8.96 5.65 16.52
C LYS A 153 9.01 6.84 17.49
N SER A 154 7.91 7.57 17.62
CA SER A 154 7.89 8.74 18.51
C SER A 154 7.60 8.41 19.96
N SER A 155 8.42 8.95 20.86
CA SER A 155 8.23 8.71 22.28
C SER A 155 6.96 9.37 22.79
N ARG A 156 6.40 10.26 21.97
CA ARG A 156 5.17 10.95 22.37
C ARG A 156 4.00 9.96 22.49
N HIS A 157 4.14 8.77 21.91
CA HIS A 157 3.08 7.79 21.95
C HIS A 157 3.37 6.64 22.91
N HIS A 158 4.43 6.78 23.70
CA HIS A 158 4.80 5.71 24.62
C HIS A 158 4.05 5.71 25.94
N HIS A 159 3.00 6.51 26.04
CA HIS A 159 2.23 6.56 27.27
C HIS A 159 0.75 6.41 27.01
N THR A 160 0.42 6.02 25.79
CA THR A 160 -0.95 5.80 25.41
C THR A 160 -1.24 4.32 25.61
N ASP A 161 -2.16 4.01 26.51
CA ASP A 161 -2.51 2.62 26.78
C ASP A 161 -3.10 1.95 25.55
N GLY A 162 -2.62 0.76 25.23
CA GLY A 162 -3.11 0.04 24.07
C GLY A 162 -4.52 -0.49 24.23
N ALA A 163 -4.97 -0.59 25.47
CA ALA A 163 -6.33 -1.09 25.73
C ALA A 163 -7.36 -0.16 25.14
N TYR A 164 -6.96 1.08 24.85
CA TYR A 164 -7.89 2.05 24.27
C TYR A 164 -8.06 1.82 22.78
N PHE A 165 -7.38 0.81 22.25
CA PHE A 165 -7.48 0.46 20.84
C PHE A 165 -7.87 -1.01 20.66
N GLY A 166 -7.62 -1.82 21.68
CA GLY A 166 -7.99 -3.23 21.62
C GLY A 166 -7.12 -4.13 20.78
N THR A 167 -7.25 -5.44 21.00
CA THR A 167 -6.46 -6.41 20.27
C THR A 167 -7.09 -6.81 18.96
N GLY A 168 -8.36 -6.52 18.80
CA GLY A 168 -9.00 -6.92 17.56
C GLY A 168 -9.39 -5.82 16.61
N PHE A 169 -8.97 -4.59 16.88
CA PHE A 169 -9.33 -3.49 15.99
C PHE A 169 -8.87 -3.66 14.56
N PRO A 170 -7.56 -3.81 14.33
CA PRO A 170 -7.04 -3.97 12.96
C PRO A 170 -7.77 -5.07 12.19
N HIS A 171 -8.11 -6.15 12.89
CA HIS A 171 -8.79 -7.29 12.28
C HIS A 171 -10.17 -6.84 11.84
N MET A 172 -10.87 -6.19 12.76
CA MET A 172 -12.21 -5.69 12.50
C MET A 172 -12.25 -4.78 11.28
N LEU A 173 -11.31 -3.84 11.20
CA LEU A 173 -11.30 -2.91 10.09
C LEU A 173 -11.19 -3.60 8.75
N PHE A 174 -10.28 -4.56 8.62
CA PHE A 174 -10.13 -5.25 7.36
C PHE A 174 -11.28 -6.21 7.08
N MET A 175 -12.00 -6.60 8.14
CA MET A 175 -13.17 -7.46 8.00
C MET A 175 -14.28 -6.67 7.33
N VAL A 176 -14.40 -5.40 7.71
CA VAL A 176 -15.40 -4.50 7.17
C VAL A 176 -14.94 -3.82 5.87
N HIS A 177 -13.63 -3.77 5.65
CA HIS A 177 -13.10 -3.14 4.46
C HIS A 177 -12.03 -3.99 3.80
N PRO A 178 -12.40 -5.21 3.40
CA PRO A 178 -11.48 -6.17 2.74
C PRO A 178 -10.70 -5.55 1.58
N GLU A 179 -11.29 -4.56 0.93
CA GLU A 179 -10.63 -3.93 -0.20
C GLU A 179 -9.32 -3.23 0.16
N TYR A 180 -9.13 -2.87 1.43
CA TYR A 180 -7.89 -2.18 1.83
C TYR A 180 -6.75 -3.09 2.29
N ARG A 181 -7.02 -4.39 2.39
CA ARG A 181 -6.00 -5.36 2.81
C ARG A 181 -4.95 -5.55 1.69
N PRO A 182 -3.64 -5.42 2.02
CA PRO A 182 -2.56 -5.58 1.04
C PRO A 182 -2.68 -6.90 0.30
N LYS A 183 -2.43 -6.90 -1.00
CA LYS A 183 -2.52 -8.13 -1.79
C LYS A 183 -1.17 -8.79 -1.97
N ARG A 184 -1.11 -10.09 -1.67
CA ARG A 184 0.11 -10.87 -1.79
C ARG A 184 1.30 -10.21 -1.06
N GLU B 12 41.81 21.56 17.61
CA GLU B 12 42.75 21.00 16.60
C GLU B 12 42.16 19.76 15.97
N VAL B 13 41.06 19.29 16.53
CA VAL B 13 40.38 18.09 16.05
C VAL B 13 40.64 17.69 14.58
N SER B 14 41.07 16.44 14.40
CA SER B 14 41.37 15.88 13.09
C SER B 14 40.15 15.89 12.19
N TRP B 15 40.38 15.90 10.89
CA TRP B 15 39.29 15.90 9.91
C TRP B 15 38.36 14.72 10.21
N ILE B 16 38.96 13.57 10.44
CA ILE B 16 38.18 12.38 10.75
C ILE B 16 37.33 12.56 12.00
N SER B 17 37.95 13.06 13.06
CA SER B 17 37.21 13.28 14.31
C SER B 17 36.08 14.28 14.07
N TRP B 18 36.38 15.29 13.26
CA TRP B 18 35.39 16.31 12.93
C TRP B 18 34.23 15.72 12.15
N PHE B 19 34.56 14.94 11.12
CA PHE B 19 33.57 14.29 10.26
C PHE B 19 32.63 13.39 11.05
N CYS B 20 33.20 12.38 11.69
CA CYS B 20 32.42 11.44 12.47
C CYS B 20 31.57 12.11 13.54
N GLY B 21 31.89 13.37 13.83
CA GLY B 21 31.16 14.10 14.85
C GLY B 21 29.95 14.88 14.34
N LEU B 22 29.87 15.09 13.03
CA LEU B 22 28.76 15.83 12.44
C LEU B 22 27.42 15.13 12.64
N ARG B 23 26.35 15.92 12.56
CA ARG B 23 25.00 15.41 12.73
C ARG B 23 24.69 14.49 11.56
N GLY B 24 24.28 13.26 11.87
CA GLY B 24 23.97 12.33 10.80
C GLY B 24 25.05 11.29 10.56
N ASN B 25 26.26 11.56 11.05
CA ASN B 25 27.37 10.62 10.88
C ASN B 25 27.60 9.77 12.12
N GLU B 26 26.54 9.58 12.92
CA GLU B 26 26.65 8.80 14.13
C GLU B 26 26.94 7.33 13.86
N PHE B 27 26.55 6.85 12.68
CA PHE B 27 26.79 5.44 12.34
C PHE B 27 28.24 5.11 12.01
N PHE B 28 29.00 6.15 11.65
CA PHE B 28 30.41 6.00 11.31
C PHE B 28 31.28 5.83 12.52
N CYS B 29 32.44 5.23 12.33
CA CYS B 29 33.40 5.07 13.39
C CYS B 29 34.68 5.75 12.89
N GLU B 30 35.60 6.10 13.80
CA GLU B 30 36.81 6.77 13.38
C GLU B 30 37.87 5.78 12.91
N VAL B 31 38.23 5.88 11.63
CA VAL B 31 39.22 5.00 11.01
C VAL B 31 40.63 5.38 11.49
N ASP B 32 41.39 4.39 11.95
CA ASP B 32 42.76 4.62 12.41
C ASP B 32 43.60 5.25 11.31
N GLU B 33 44.25 6.36 11.63
CA GLU B 33 45.07 7.06 10.65
C GLU B 33 46.05 6.11 9.95
N ASP B 34 46.74 5.26 10.71
CA ASP B 34 47.71 4.34 10.12
C ASP B 34 47.11 3.37 9.09
N TYR B 35 45.85 2.98 9.28
CA TYR B 35 45.18 2.11 8.32
C TYR B 35 45.11 2.83 6.98
N ILE B 36 44.77 4.11 7.05
CA ILE B 36 44.65 4.93 5.86
C ILE B 36 46.00 5.21 5.23
N GLN B 37 47.03 5.41 6.06
CA GLN B 37 48.37 5.71 5.58
C GLN B 37 49.01 4.58 4.80
N ASP B 38 48.56 3.35 5.05
CA ASP B 38 49.09 2.19 4.34
C ASP B 38 48.43 2.18 2.95
N LYS B 39 49.20 2.47 1.91
CA LYS B 39 48.69 2.52 0.54
C LYS B 39 47.98 1.22 0.13
N PHE B 40 48.49 0.09 0.63
CA PHE B 40 47.92 -1.21 0.30
C PHE B 40 46.44 -1.37 0.67
N ASN B 41 46.00 -0.68 1.72
CA ASN B 41 44.61 -0.78 2.15
C ASN B 41 43.65 0.01 1.26
N LEU B 42 44.17 1.00 0.55
CA LEU B 42 43.33 1.83 -0.31
C LEU B 42 43.43 1.47 -1.78
N THR B 43 44.15 0.41 -2.10
CA THR B 43 44.30 0.01 -3.50
C THR B 43 42.94 -0.13 -4.16
N GLY B 44 42.74 0.62 -5.24
CA GLY B 44 41.48 0.54 -5.95
C GLY B 44 40.55 1.71 -5.69
N LEU B 45 40.65 2.30 -4.50
CA LEU B 45 39.78 3.42 -4.15
C LEU B 45 40.12 4.68 -4.93
N ASN B 46 41.42 4.90 -5.15
CA ASN B 46 41.91 6.09 -5.85
C ASN B 46 41.33 6.35 -7.25
N GLU B 47 40.69 5.33 -7.80
CA GLU B 47 40.10 5.49 -9.13
C GLU B 47 38.58 5.54 -9.08
N GLN B 48 38.02 5.79 -7.90
CA GLN B 48 36.57 5.87 -7.74
C GLN B 48 36.12 7.26 -7.33
N VAL B 49 37.04 8.06 -6.78
CA VAL B 49 36.71 9.40 -6.34
C VAL B 49 37.54 10.44 -7.07
N PRO B 50 36.93 11.58 -7.40
CA PRO B 50 37.64 12.67 -8.10
C PRO B 50 38.56 13.41 -7.13
N HIS B 51 39.67 13.93 -7.64
CA HIS B 51 40.62 14.67 -6.80
C HIS B 51 41.15 13.79 -5.69
N TYR B 52 41.27 12.49 -5.98
CA TYR B 52 41.76 11.52 -5.00
C TYR B 52 42.96 11.98 -4.17
N ARG B 53 43.90 12.66 -4.82
CA ARG B 53 45.09 13.12 -4.13
C ARG B 53 44.77 14.14 -3.04
N GLN B 54 44.14 15.24 -3.43
CA GLN B 54 43.78 16.29 -2.49
C GLN B 54 42.78 15.83 -1.44
N ALA B 55 41.89 14.92 -1.84
CA ALA B 55 40.88 14.40 -0.93
C ALA B 55 41.52 13.54 0.16
N LEU B 56 42.47 12.70 -0.23
CA LEU B 56 43.14 11.85 0.74
C LEU B 56 43.99 12.72 1.67
N ASP B 57 44.47 13.84 1.14
CA ASP B 57 45.29 14.74 1.93
C ASP B 57 44.43 15.39 2.99
N MET B 58 43.23 15.81 2.59
CA MET B 58 42.30 16.45 3.51
C MET B 58 41.89 15.51 4.66
N ILE B 59 41.69 14.23 4.35
CA ILE B 59 41.31 13.25 5.35
C ILE B 59 42.42 13.07 6.37
N LEU B 60 43.66 13.12 5.90
CA LEU B 60 44.82 12.94 6.77
C LEU B 60 45.40 14.23 7.34
N ASP B 61 44.73 15.34 7.10
CA ASP B 61 45.17 16.64 7.61
C ASP B 61 46.57 17.01 7.13
N LEU B 62 46.71 17.24 5.83
CA LEU B 62 48.00 17.62 5.26
C LEU B 62 47.86 18.93 4.52
N GLU B 63 48.98 19.62 4.30
CA GLU B 63 48.99 20.90 3.59
C GLU B 63 48.15 20.83 2.31
N PRO B 64 47.06 21.62 2.24
CA PRO B 64 46.20 21.61 1.05
C PRO B 64 46.93 22.06 -0.22
N ASN B 73 36.96 28.22 -5.61
CA ASN B 73 35.52 27.80 -5.66
C ASN B 73 35.42 26.28 -5.71
N GLN B 74 36.47 25.65 -6.25
CA GLN B 74 36.55 24.20 -6.38
C GLN B 74 36.78 23.58 -4.99
N SER B 75 36.63 24.41 -3.95
CA SER B 75 36.86 23.95 -2.59
C SER B 75 35.82 22.94 -2.13
N ASP B 76 34.55 23.35 -2.13
CA ASP B 76 33.45 22.50 -1.70
C ASP B 76 33.44 21.15 -2.42
N LEU B 77 33.87 21.14 -3.67
CA LEU B 77 33.90 19.90 -4.45
C LEU B 77 34.92 18.93 -3.87
N ILE B 78 35.97 19.45 -3.25
CA ILE B 78 36.98 18.63 -2.64
C ILE B 78 36.51 18.12 -1.28
N GLU B 79 35.76 18.95 -0.58
CA GLU B 79 35.22 18.57 0.72
C GLU B 79 34.28 17.41 0.48
N GLN B 80 33.56 17.48 -0.64
CA GLN B 80 32.58 16.45 -1.03
C GLN B 80 33.29 15.15 -1.37
N ALA B 81 34.47 15.29 -1.95
CA ALA B 81 35.28 14.16 -2.35
C ALA B 81 35.88 13.47 -1.12
N ALA B 82 36.30 14.26 -0.14
CA ALA B 82 36.87 13.70 1.08
C ALA B 82 35.78 12.92 1.80
N GLU B 83 34.56 13.43 1.74
CA GLU B 83 33.41 12.79 2.37
C GLU B 83 33.13 11.43 1.73
N MET B 84 33.17 11.39 0.40
CA MET B 84 32.93 10.14 -0.30
C MET B 84 34.08 9.17 -0.07
N LEU B 85 35.30 9.68 -0.17
CA LEU B 85 36.46 8.84 0.02
C LEU B 85 36.54 8.27 1.44
N TYR B 86 36.17 9.06 2.45
CA TYR B 86 36.22 8.57 3.81
C TYR B 86 35.23 7.44 3.93
N GLY B 87 34.08 7.61 3.29
CA GLY B 87 33.06 6.58 3.32
C GLY B 87 33.55 5.26 2.77
N LEU B 88 34.11 5.30 1.56
CA LEU B 88 34.61 4.09 0.93
C LEU B 88 35.67 3.41 1.78
N ILE B 89 36.52 4.20 2.43
CA ILE B 89 37.56 3.66 3.29
C ILE B 89 36.88 3.02 4.51
N HIS B 90 35.86 3.70 5.02
CA HIS B 90 35.12 3.23 6.18
C HIS B 90 34.58 1.81 5.89
N ALA B 91 34.02 1.65 4.70
CA ALA B 91 33.44 0.39 4.29
C ALA B 91 34.43 -0.75 4.41
N ARG B 92 35.63 -0.56 3.90
CA ARG B 92 36.65 -1.60 3.98
C ARG B 92 37.10 -1.74 5.44
N TYR B 93 37.41 -0.60 6.05
CA TYR B 93 37.87 -0.57 7.43
C TYR B 93 37.06 -1.43 8.43
N ILE B 94 35.74 -1.31 8.41
CA ILE B 94 34.91 -2.05 9.34
C ILE B 94 34.80 -3.54 9.07
N LEU B 95 35.64 -4.05 8.18
CA LEU B 95 35.65 -5.49 7.89
C LEU B 95 36.90 -6.08 8.53
N THR B 96 37.83 -5.19 8.88
CA THR B 96 39.08 -5.57 9.52
C THR B 96 38.80 -5.78 11.00
N ASN B 97 39.58 -6.63 11.64
CA ASN B 97 39.37 -6.90 13.05
C ASN B 97 39.39 -5.66 13.93
N ARG B 98 40.14 -4.64 13.53
CA ARG B 98 40.20 -3.41 14.32
C ARG B 98 38.90 -2.61 14.12
N GLY B 99 38.46 -2.47 12.87
CA GLY B 99 37.24 -1.73 12.61
C GLY B 99 36.07 -2.40 13.29
N ILE B 100 35.96 -3.71 13.11
CA ILE B 100 34.89 -4.47 13.73
C ILE B 100 34.88 -4.24 15.23
N ALA B 101 36.06 -4.19 15.84
CA ALA B 101 36.15 -3.96 17.27
C ALA B 101 35.46 -2.65 17.62
N GLN B 102 35.78 -1.59 16.89
CA GLN B 102 35.18 -0.28 17.13
C GLN B 102 33.66 -0.26 16.94
N MET B 103 33.19 -0.91 15.87
CA MET B 103 31.77 -0.96 15.61
C MET B 103 31.06 -1.75 16.69
N LEU B 104 31.69 -2.84 17.12
CA LEU B 104 31.12 -3.68 18.17
C LEU B 104 30.91 -2.82 19.41
N GLU B 105 31.80 -1.86 19.60
CA GLU B 105 31.70 -0.96 20.74
C GLU B 105 30.40 -0.17 20.62
N LYS B 106 30.25 0.58 19.52
CA LYS B 106 29.05 1.38 19.28
C LYS B 106 27.81 0.50 19.39
N TYR B 107 27.91 -0.72 18.88
CA TYR B 107 26.80 -1.66 18.93
C TYR B 107 26.37 -1.83 20.36
N GLN B 108 27.31 -2.07 21.25
CA GLN B 108 26.99 -2.26 22.66
C GLN B 108 26.38 -1.01 23.30
N GLN B 109 26.60 0.14 22.68
CA GLN B 109 26.05 1.40 23.21
C GLN B 109 24.69 1.73 22.57
N GLY B 110 24.20 0.87 21.67
CA GLY B 110 22.95 1.15 21.00
C GLY B 110 23.07 2.35 20.06
N ASP B 111 24.29 2.60 19.59
CA ASP B 111 24.58 3.73 18.71
C ASP B 111 23.81 3.69 17.40
N PHE B 112 23.37 2.50 17.00
CA PHE B 112 22.68 2.34 15.74
C PHE B 112 21.17 2.29 15.87
N GLY B 113 20.68 2.24 17.10
CA GLY B 113 19.24 2.20 17.29
C GLY B 113 18.79 0.83 17.69
N TYR B 114 17.50 0.68 17.97
CA TYR B 114 16.97 -0.62 18.38
C TYR B 114 15.87 -1.05 17.44
N CYS B 115 15.73 -2.37 17.29
CA CYS B 115 14.72 -2.94 16.41
C CYS B 115 13.33 -2.49 16.85
N PRO B 116 12.52 -2.00 15.89
CA PRO B 116 11.16 -1.54 16.19
C PRO B 116 10.15 -2.65 16.42
N ARG B 117 10.47 -3.87 16.01
CA ARG B 117 9.51 -4.96 16.22
C ARG B 117 9.25 -5.09 17.70
N VAL B 118 7.99 -5.13 18.08
CA VAL B 118 7.64 -5.27 19.49
C VAL B 118 8.25 -6.53 20.10
N TYR B 119 8.29 -7.62 19.34
CA TYR B 119 8.83 -8.86 19.87
C TYR B 119 10.35 -9.00 19.80
N CYS B 120 11.03 -8.07 19.15
CA CYS B 120 12.49 -8.12 19.09
C CYS B 120 13.01 -7.51 20.39
N GLU B 121 12.10 -6.91 21.15
CA GLU B 121 12.41 -6.28 22.45
C GLU B 121 13.63 -5.37 22.47
N ASN B 122 13.61 -4.33 21.64
CA ASN B 122 14.71 -3.38 21.58
C ASN B 122 16.08 -3.98 21.38
N GLN B 123 16.16 -4.92 20.45
CA GLN B 123 17.43 -5.56 20.11
C GLN B 123 18.25 -4.49 19.38
N PRO B 124 19.48 -4.25 19.83
CA PRO B 124 20.25 -3.22 19.11
C PRO B 124 20.56 -3.70 17.68
N MET B 125 20.59 -2.78 16.72
CA MET B 125 20.85 -3.16 15.35
C MET B 125 22.21 -2.71 14.86
N LEU B 126 22.60 -3.22 13.69
CA LEU B 126 23.87 -2.84 13.06
C LEU B 126 23.54 -2.10 11.75
N PRO B 127 24.40 -1.17 11.33
CA PRO B 127 24.10 -0.48 10.08
C PRO B 127 24.41 -1.45 8.96
N ILE B 128 23.78 -1.27 7.81
CA ILE B 128 24.02 -2.16 6.69
C ILE B 128 23.64 -1.44 5.40
N GLY B 129 24.24 -1.86 4.29
CA GLY B 129 23.94 -1.25 3.02
C GLY B 129 23.19 -2.27 2.17
N LEU B 130 22.25 -1.80 1.36
CA LEU B 130 21.52 -2.69 0.49
C LEU B 130 22.35 -2.89 -0.78
N SER B 131 23.35 -2.04 -0.97
CA SER B 131 24.21 -2.11 -2.14
C SER B 131 25.60 -1.60 -1.81
N ASP B 132 26.60 -2.05 -2.57
CA ASP B 132 27.96 -1.60 -2.34
C ASP B 132 28.35 -0.52 -3.34
N ILE B 133 27.42 -0.16 -4.21
CA ILE B 133 27.66 0.87 -5.20
C ILE B 133 27.18 2.19 -4.66
N PRO B 134 28.09 3.17 -4.54
CA PRO B 134 27.68 4.48 -4.02
C PRO B 134 26.50 5.03 -4.82
N GLY B 135 25.63 5.78 -4.16
CA GLY B 135 24.50 6.37 -4.86
C GLY B 135 23.31 5.46 -5.08
N GLU B 136 23.45 4.18 -4.76
CA GLU B 136 22.36 3.23 -4.94
C GLU B 136 21.25 3.40 -3.91
N ALA B 137 21.59 3.26 -2.63
CA ALA B 137 20.60 3.40 -1.57
C ALA B 137 21.25 3.96 -0.32
N MET B 138 20.42 4.52 0.55
CA MET B 138 20.90 5.08 1.82
C MET B 138 21.04 3.96 2.87
N VAL B 139 21.82 4.22 3.92
CA VAL B 139 22.05 3.22 4.94
C VAL B 139 20.79 2.73 5.63
N LYS B 140 20.76 1.43 5.91
CA LYS B 140 19.61 0.81 6.58
C LYS B 140 20.08 0.13 7.86
N LEU B 141 19.14 -0.37 8.65
CA LEU B 141 19.51 -1.03 9.90
C LEU B 141 19.09 -2.49 9.91
N TYR B 142 20.03 -3.35 10.31
CA TYR B 142 19.80 -4.78 10.35
C TYR B 142 19.65 -5.28 11.78
N CYS B 143 18.51 -5.88 12.10
CA CYS B 143 18.31 -6.42 13.44
C CYS B 143 18.76 -7.85 13.39
N PRO B 144 19.76 -8.21 14.20
CA PRO B 144 20.25 -9.59 14.19
C PRO B 144 19.27 -10.62 14.77
N LYS B 145 18.22 -10.17 15.46
CA LYS B 145 17.26 -11.11 16.04
C LYS B 145 16.21 -11.58 15.03
N CYS B 146 15.48 -10.64 14.44
CA CYS B 146 14.46 -11.00 13.47
C CYS B 146 15.09 -11.06 12.09
N MET B 147 16.38 -10.72 12.04
CA MET B 147 17.15 -10.76 10.80
C MET B 147 16.52 -10.04 9.63
N ASP B 148 15.95 -8.86 9.88
CA ASP B 148 15.34 -8.09 8.81
C ASP B 148 16.00 -6.72 8.69
N VAL B 149 15.64 -5.96 7.67
CA VAL B 149 16.24 -4.66 7.44
C VAL B 149 15.24 -3.52 7.55
N TYR B 150 15.58 -2.51 8.36
CA TYR B 150 14.70 -1.36 8.59
C TYR B 150 15.29 -0.02 8.21
N THR B 151 14.40 0.95 8.02
CA THR B 151 14.82 2.31 7.70
C THR B 151 14.96 3.06 9.02
N PRO B 152 16.07 3.80 9.18
CA PRO B 152 16.31 4.55 10.41
C PRO B 152 15.15 5.47 10.77
N LYS B 153 14.75 5.46 12.04
CA LYS B 153 13.63 6.30 12.51
C LYS B 153 13.91 7.78 12.32
N SER B 154 15.16 8.19 12.50
CA SER B 154 15.53 9.60 12.36
C SER B 154 15.87 10.00 10.94
N SER B 155 15.28 11.10 10.49
CA SER B 155 15.53 11.60 9.15
C SER B 155 16.96 12.12 8.99
N ARG B 156 17.65 12.30 10.11
CA ARG B 156 19.02 12.79 10.07
C ARG B 156 19.94 11.75 9.41
N HIS B 157 19.48 10.51 9.32
CA HIS B 157 20.28 9.45 8.72
C HIS B 157 19.84 9.09 7.30
N HIS B 158 18.89 9.85 6.76
CA HIS B 158 18.39 9.55 5.43
C HIS B 158 19.22 10.05 4.27
N HIS B 159 20.43 10.50 4.55
CA HIS B 159 21.30 10.99 3.49
C HIS B 159 22.69 10.36 3.57
N THR B 160 22.81 9.33 4.39
CA THR B 160 24.05 8.61 4.53
C THR B 160 24.03 7.40 3.60
N ASP B 161 24.91 7.40 2.61
CA ASP B 161 24.97 6.32 1.65
C ASP B 161 25.28 5.00 2.34
N GLY B 162 24.53 3.97 2.00
CA GLY B 162 24.73 2.65 2.58
C GLY B 162 26.00 1.96 2.12
N ALA B 163 26.55 2.43 1.02
CA ALA B 163 27.76 1.84 0.48
C ALA B 163 28.93 2.05 1.43
N TYR B 164 28.79 3.03 2.33
CA TYR B 164 29.86 3.31 3.29
C TYR B 164 29.86 2.31 4.45
N PHE B 165 28.93 1.35 4.40
CA PHE B 165 28.82 0.32 5.41
C PHE B 165 28.83 -1.07 4.80
N GLY B 166 28.50 -1.15 3.52
CA GLY B 166 28.53 -2.45 2.85
C GLY B 166 27.40 -3.42 3.14
N THR B 167 27.26 -4.41 2.27
CA THR B 167 26.21 -5.40 2.42
C THR B 167 26.62 -6.56 3.30
N GLY B 168 27.92 -6.69 3.54
CA GLY B 168 28.36 -7.80 4.36
C GLY B 168 28.90 -7.47 5.73
N PHE B 169 28.80 -6.21 6.15
CA PHE B 169 29.33 -5.85 7.45
C PHE B 169 28.72 -6.63 8.62
N PRO B 170 27.39 -6.54 8.79
CA PRO B 170 26.74 -7.24 9.89
C PRO B 170 27.13 -8.69 10.00
N HIS B 171 27.28 -9.33 8.85
CA HIS B 171 27.60 -10.75 8.87
C HIS B 171 29.05 -10.99 9.22
N MET B 172 29.91 -10.04 8.84
CA MET B 172 31.31 -10.11 9.18
C MET B 172 31.46 -10.01 10.69
N LEU B 173 30.76 -9.04 11.28
CA LEU B 173 30.86 -8.84 12.72
C LEU B 173 30.50 -10.07 13.51
N PHE B 174 29.39 -10.71 13.16
CA PHE B 174 28.98 -11.89 13.88
C PHE B 174 29.83 -13.12 13.59
N MET B 175 30.55 -13.16 12.47
CA MET B 175 31.42 -14.32 12.24
C MET B 175 32.59 -14.15 13.22
N VAL B 176 33.11 -12.92 13.33
CA VAL B 176 34.22 -12.63 14.22
C VAL B 176 33.83 -12.62 15.70
N HIS B 177 32.55 -12.39 15.98
CA HIS B 177 32.06 -12.34 17.35
C HIS B 177 30.78 -13.14 17.53
N PRO B 178 30.83 -14.44 17.22
CA PRO B 178 29.68 -15.34 17.32
C PRO B 178 28.95 -15.20 18.65
N GLU B 179 29.68 -14.88 19.70
CA GLU B 179 29.07 -14.76 21.02
C GLU B 179 28.01 -13.68 21.14
N TYR B 180 28.01 -12.71 20.24
CA TYR B 180 26.99 -11.66 20.31
C TYR B 180 25.71 -11.96 19.52
N ARG B 181 25.67 -13.14 18.88
CA ARG B 181 24.53 -13.61 18.09
C ARG B 181 23.33 -13.86 19.01
N PRO B 182 22.30 -12.98 18.96
CA PRO B 182 21.10 -13.10 19.79
C PRO B 182 20.41 -14.43 19.72
N LYS B 183 19.86 -14.84 20.86
CA LYS B 183 19.11 -16.07 20.92
C LYS B 183 17.73 -15.59 20.46
N ARG B 184 17.30 -16.04 19.29
CA ARG B 184 16.00 -15.61 18.76
C ARG B 184 14.82 -16.47 19.20
N GLU C 12 40.77 -55.34 0.45
CA GLU C 12 40.86 -55.18 1.92
C GLU C 12 40.37 -53.82 2.41
N VAL C 13 39.05 -53.70 2.59
CA VAL C 13 38.44 -52.45 3.06
C VAL C 13 38.91 -52.22 4.49
N SER C 14 39.26 -50.97 4.79
CA SER C 14 39.74 -50.62 6.13
C SER C 14 38.55 -50.38 7.06
N TRP C 15 38.79 -50.55 8.35
CA TRP C 15 37.75 -50.34 9.35
C TRP C 15 37.16 -48.96 9.18
N ILE C 16 38.04 -47.97 9.04
CA ILE C 16 37.63 -46.60 8.87
C ILE C 16 36.75 -46.42 7.63
N SER C 17 37.20 -46.97 6.51
CA SER C 17 36.42 -46.87 5.28
C SER C 17 35.07 -47.54 5.48
N TRP C 18 35.08 -48.67 6.17
CA TRP C 18 33.85 -49.40 6.42
C TRP C 18 32.90 -48.58 7.31
N PHE C 19 33.45 -48.00 8.37
CA PHE C 19 32.67 -47.21 9.32
C PHE C 19 32.01 -46.02 8.65
N CYS C 20 32.83 -45.15 8.06
CA CYS C 20 32.33 -43.96 7.41
C CYS C 20 31.33 -44.28 6.30
N GLY C 21 31.28 -45.54 5.90
CA GLY C 21 30.36 -45.94 4.85
C GLY C 21 28.99 -46.41 5.33
N LEU C 22 28.85 -46.69 6.63
CA LEU C 22 27.57 -47.16 7.16
C LEU C 22 26.51 -46.06 7.02
N ARG C 23 25.25 -46.47 6.81
CA ARG C 23 24.18 -45.47 6.68
C ARG C 23 23.97 -44.81 8.04
N GLY C 24 24.11 -43.49 8.07
CA GLY C 24 23.99 -42.70 9.29
C GLY C 24 25.30 -41.99 9.58
N ASN C 25 26.39 -42.52 9.02
CA ASN C 25 27.72 -41.94 9.23
C ASN C 25 28.18 -41.08 8.05
N GLU C 26 27.22 -40.55 7.31
CA GLU C 26 27.52 -39.71 6.17
C GLU C 26 28.20 -38.42 6.56
N PHE C 27 27.97 -37.94 7.79
CA PHE C 27 28.59 -36.70 8.25
C PHE C 27 30.07 -36.81 8.56
N PHE C 28 30.52 -38.05 8.78
CA PHE C 28 31.91 -38.32 9.09
C PHE C 28 32.80 -38.28 7.86
N CYS C 29 34.09 -38.05 8.09
CA CYS C 29 35.05 -38.05 7.00
C CYS C 29 36.08 -39.10 7.41
N GLU C 30 36.84 -39.62 6.44
CA GLU C 30 37.83 -40.63 6.76
C GLU C 30 39.14 -40.01 7.28
N VAL C 31 39.46 -40.32 8.52
CA VAL C 31 40.67 -39.80 9.16
C VAL C 31 41.92 -40.51 8.62
N ASP C 32 42.92 -39.72 8.22
CA ASP C 32 44.17 -40.28 7.69
C ASP C 32 44.80 -41.21 8.70
N GLU C 33 45.13 -42.43 8.27
CA GLU C 33 45.73 -43.40 9.16
C GLU C 33 46.93 -42.83 9.90
N ASP C 34 47.82 -42.14 9.19
CA ASP C 34 49.01 -41.57 9.83
C ASP C 34 48.71 -40.61 10.96
N TYR C 35 47.60 -39.86 10.84
CA TYR C 35 47.21 -38.92 11.90
C TYR C 35 46.95 -39.70 13.17
N ILE C 36 46.28 -40.83 13.02
CA ILE C 36 45.95 -41.69 14.13
C ILE C 36 47.19 -42.38 14.69
N GLN C 37 48.10 -42.77 13.81
CA GLN C 37 49.32 -43.47 14.21
C GLN C 37 50.26 -42.63 15.06
N ASP C 38 50.17 -41.32 14.93
CA ASP C 38 50.99 -40.42 15.72
C ASP C 38 50.38 -40.35 17.12
N LYS C 39 51.06 -40.93 18.10
CA LYS C 39 50.57 -40.95 19.48
C LYS C 39 50.25 -39.56 20.02
N PHE C 40 51.04 -38.58 19.61
CA PHE C 40 50.86 -37.20 20.06
C PHE C 40 49.48 -36.61 19.76
N ASN C 41 48.85 -37.08 18.68
CA ASN C 41 47.54 -36.55 18.30
C ASN C 41 46.42 -37.12 19.16
N LEU C 42 46.65 -38.27 19.75
CA LEU C 42 45.62 -38.90 20.56
C LEU C 42 45.83 -38.72 22.06
N THR C 43 46.82 -37.93 22.46
CA THR C 43 47.08 -37.71 23.87
C THR C 43 45.81 -37.25 24.60
N GLY C 44 45.41 -38.00 25.62
CA GLY C 44 44.22 -37.64 26.36
C GLY C 44 42.99 -38.48 26.04
N LEU C 45 42.91 -38.97 24.81
CA LEU C 45 41.76 -39.77 24.39
C LEU C 45 41.76 -41.14 25.05
N ASN C 46 42.97 -41.66 25.20
CA ASN C 46 43.26 -42.98 25.77
C ASN C 46 42.60 -43.27 27.12
N GLU C 47 42.19 -42.20 27.82
CA GLU C 47 41.58 -42.33 29.14
C GLU C 47 40.10 -41.96 29.15
N GLN C 48 39.48 -41.93 27.98
CA GLN C 48 38.06 -41.59 27.87
C GLN C 48 37.23 -42.77 27.36
N VAL C 49 37.89 -43.72 26.72
CA VAL C 49 37.21 -44.88 26.17
C VAL C 49 37.72 -46.18 26.79
N PRO C 50 36.82 -47.14 27.03
CA PRO C 50 37.20 -48.43 27.61
C PRO C 50 37.88 -49.30 26.55
N HIS C 51 38.80 -50.15 26.97
CA HIS C 51 39.49 -51.04 26.05
C HIS C 51 40.25 -50.23 25.00
N TYR C 52 40.72 -49.06 25.40
CA TYR C 52 41.44 -48.17 24.49
C TYR C 52 42.47 -48.87 23.59
N ARG C 53 43.19 -49.83 24.14
CA ARG C 53 44.21 -50.54 23.37
C ARG C 53 43.61 -51.33 22.21
N GLN C 54 42.70 -52.25 22.53
CA GLN C 54 42.07 -53.07 21.52
C GLN C 54 41.23 -52.26 20.54
N ALA C 55 40.62 -51.18 21.04
CA ALA C 55 39.78 -50.33 20.21
C ALA C 55 40.63 -49.58 19.18
N LEU C 56 41.76 -49.06 19.61
CA LEU C 56 42.64 -48.35 18.69
C LEU C 56 43.23 -49.33 17.68
N ASP C 57 43.37 -50.57 18.09
CA ASP C 57 43.90 -51.60 17.20
C ASP C 57 42.88 -51.88 16.11
N MET C 58 41.62 -51.99 16.51
CA MET C 58 40.53 -52.27 15.58
C MET C 58 40.40 -51.17 14.53
N ILE C 59 40.55 -49.92 14.96
CA ILE C 59 40.45 -48.78 14.05
C ILE C 59 41.56 -48.82 13.00
N LEU C 60 42.75 -49.24 13.42
CA LEU C 60 43.90 -49.32 12.54
C LEU C 60 44.11 -50.66 11.84
N ASP C 61 43.14 -51.57 12.01
CA ASP C 61 43.20 -52.88 11.38
C ASP C 61 44.44 -53.67 11.78
N LEU C 62 44.53 -54.05 13.04
CA LEU C 62 45.67 -54.80 13.54
C LEU C 62 45.19 -56.10 14.17
N GLU C 63 46.08 -57.08 14.30
CA GLU C 63 45.74 -58.36 14.89
C GLU C 63 44.96 -58.19 16.18
N PRO C 64 43.70 -58.68 16.23
CA PRO C 64 42.85 -58.56 17.42
C PRO C 64 43.47 -59.18 18.66
N PRO C 72 35.65 -64.89 22.69
CA PRO C 72 34.97 -64.12 23.76
C PRO C 72 33.67 -63.41 23.36
N ASN C 73 32.86 -63.11 24.37
CA ASN C 73 31.58 -62.41 24.21
C ASN C 73 31.92 -60.93 24.19
N GLN C 74 33.10 -60.63 24.72
CA GLN C 74 33.60 -59.28 24.80
C GLN C 74 33.87 -58.76 23.39
N SER C 75 33.02 -59.10 22.42
CA SER C 75 33.29 -58.61 21.08
C SER C 75 32.57 -57.31 20.77
N ASP C 76 31.24 -57.37 20.79
CA ASP C 76 30.42 -56.19 20.50
C ASP C 76 30.82 -54.97 21.33
N LEU C 77 31.27 -55.21 22.56
CA LEU C 77 31.67 -54.11 23.44
C LEU C 77 32.90 -53.41 22.91
N ILE C 78 33.72 -54.15 22.18
CA ILE C 78 34.94 -53.58 21.59
C ILE C 78 34.58 -52.82 20.33
N GLU C 79 33.60 -53.34 19.59
CA GLU C 79 33.16 -52.69 18.36
C GLU C 79 32.59 -51.33 18.75
N GLN C 80 31.90 -51.32 19.89
CA GLN C 80 31.26 -50.11 20.44
C GLN C 80 32.28 -49.15 21.04
N ALA C 81 33.48 -49.64 21.26
CA ALA C 81 34.55 -48.82 21.79
C ALA C 81 35.29 -48.18 20.62
N ALA C 82 35.44 -48.97 19.55
CA ALA C 82 36.12 -48.47 18.36
C ALA C 82 35.30 -47.32 17.78
N GLU C 83 33.98 -47.49 17.83
CA GLU C 83 33.05 -46.49 17.32
C GLU C 83 33.19 -45.18 18.09
N MET C 84 33.26 -45.29 19.41
CA MET C 84 33.42 -44.09 20.24
C MET C 84 34.79 -43.48 20.05
N LEU C 85 35.80 -44.33 20.03
CA LEU C 85 37.17 -43.83 19.86
C LEU C 85 37.36 -43.16 18.51
N TYR C 86 36.75 -43.72 17.45
CA TYR C 86 36.89 -43.12 16.13
C TYR C 86 36.27 -41.73 16.16
N GLY C 87 35.12 -41.64 16.84
CA GLY C 87 34.42 -40.37 16.96
C GLY C 87 35.28 -39.31 17.60
N LEU C 88 35.85 -39.63 18.76
CA LEU C 88 36.70 -38.68 19.47
C LEU C 88 37.88 -38.24 18.63
N ILE C 89 38.44 -39.18 17.87
CA ILE C 89 39.57 -38.87 17.00
C ILE C 89 39.10 -37.95 15.89
N HIS C 90 37.91 -38.25 15.35
CA HIS C 90 37.31 -37.45 14.29
C HIS C 90 37.19 -36.00 14.73
N ALA C 91 36.74 -35.81 15.96
CA ALA C 91 36.56 -34.48 16.53
C ALA C 91 37.85 -33.67 16.47
N ARG C 92 38.96 -34.26 16.86
CA ARG C 92 40.23 -33.53 16.85
C ARG C 92 40.69 -33.35 15.41
N TYR C 93 40.59 -34.44 14.66
CA TYR C 93 40.99 -34.48 13.26
C TYR C 93 40.43 -33.36 12.40
N ILE C 94 39.12 -33.09 12.51
CA ILE C 94 38.50 -32.06 11.69
C ILE C 94 38.83 -30.61 12.09
N LEU C 95 39.82 -30.45 12.96
CA LEU C 95 40.25 -29.11 13.37
C LEU C 95 41.59 -28.84 12.70
N THR C 96 42.23 -29.92 12.24
CA THR C 96 43.51 -29.84 11.56
C THR C 96 43.24 -29.42 10.12
N ASN C 97 44.20 -28.75 9.52
CA ASN C 97 44.05 -28.30 8.15
C ASN C 97 43.68 -29.41 7.17
N ARG C 98 44.15 -30.63 7.43
CA ARG C 98 43.84 -31.75 6.54
C ARG C 98 42.38 -32.17 6.73
N GLY C 99 41.95 -32.30 7.98
CA GLY C 99 40.58 -32.69 8.26
C GLY C 99 39.61 -31.65 7.69
N ILE C 100 39.89 -30.39 7.98
CA ILE C 100 39.06 -29.29 7.48
C ILE C 100 38.95 -29.34 5.96
N ALA C 101 40.05 -29.68 5.29
CA ALA C 101 40.04 -29.76 3.85
C ALA C 101 39.01 -30.79 3.42
N GLN C 102 39.03 -31.95 4.07
CA GLN C 102 38.08 -33.01 3.73
C GLN C 102 36.64 -32.63 4.00
N MET C 103 36.37 -31.99 5.13
CA MET C 103 35.02 -31.60 5.48
C MET C 103 34.54 -30.54 4.50
N LEU C 104 35.45 -29.62 4.15
CA LEU C 104 35.13 -28.57 3.20
C LEU C 104 34.66 -29.19 1.89
N GLU C 105 35.22 -30.35 1.58
CA GLU C 105 34.84 -31.06 0.38
C GLU C 105 33.36 -31.46 0.50
N LYS C 106 33.04 -32.24 1.52
CA LYS C 106 31.68 -32.68 1.76
C LYS C 106 30.74 -31.49 1.82
N TYR C 107 31.20 -30.41 2.43
CA TYR C 107 30.40 -29.20 2.52
C TYR C 107 29.98 -28.77 1.12
N GLN C 108 30.94 -28.70 0.20
CA GLN C 108 30.66 -28.30 -1.17
C GLN C 108 29.69 -29.26 -1.86
N GLN C 109 29.60 -30.49 -1.38
CA GLN C 109 28.71 -31.48 -1.98
C GLN C 109 27.33 -31.48 -1.31
N GLY C 110 27.13 -30.62 -0.31
CA GLY C 110 25.85 -30.60 0.38
C GLY C 110 25.64 -31.87 1.20
N ASP C 111 26.74 -32.50 1.59
CA ASP C 111 26.74 -33.73 2.36
C ASP C 111 26.03 -33.60 3.71
N PHE C 112 25.98 -32.40 4.24
CA PHE C 112 25.39 -32.18 5.55
C PHE C 112 23.96 -31.67 5.51
N GLY C 113 23.46 -31.40 4.31
CA GLY C 113 22.10 -30.92 4.18
C GLY C 113 22.04 -29.42 3.95
N TYR C 114 20.84 -28.90 3.71
CA TYR C 114 20.67 -27.49 3.47
C TYR C 114 19.75 -26.85 4.50
N CYS C 115 20.00 -25.57 4.79
CA CYS C 115 19.21 -24.84 5.76
C CYS C 115 17.75 -24.85 5.37
N PRO C 116 16.87 -25.16 6.33
CA PRO C 116 15.43 -25.20 6.07
C PRO C 116 14.76 -23.83 5.98
N ARG C 117 15.42 -22.79 6.48
CA ARG C 117 14.82 -21.45 6.40
C ARG C 117 14.58 -21.09 4.96
N VAL C 118 13.38 -20.62 4.66
CA VAL C 118 13.04 -20.27 3.30
C VAL C 118 13.95 -19.20 2.77
N TYR C 119 14.32 -18.26 3.64
CA TYR C 119 15.20 -17.18 3.21
C TYR C 119 16.68 -17.47 3.21
N CYS C 120 17.09 -18.62 3.71
CA CYS C 120 18.50 -18.99 3.69
C CYS C 120 18.78 -19.60 2.30
N GLU C 121 17.71 -19.84 1.54
CA GLU C 121 17.79 -20.39 0.20
C GLU C 121 18.69 -21.61 0.02
N ASN C 122 18.42 -22.67 0.77
CA ASN C 122 19.22 -23.88 0.68
C ASN C 122 20.71 -23.72 0.85
N GLN C 123 21.09 -22.94 1.85
CA GLN C 123 22.49 -22.71 2.17
C GLN C 123 22.98 -24.02 2.74
N PRO C 124 24.06 -24.58 2.19
CA PRO C 124 24.53 -25.84 2.78
C PRO C 124 24.99 -25.62 4.22
N MET C 125 24.79 -26.62 5.09
CA MET C 125 25.19 -26.48 6.49
C MET C 125 26.39 -27.33 6.87
N LEU C 126 26.95 -27.06 8.06
CA LEU C 126 28.07 -27.83 8.60
C LEU C 126 27.57 -28.57 9.84
N PRO C 127 28.14 -29.74 10.14
CA PRO C 127 27.69 -30.44 11.35
C PRO C 127 28.31 -29.71 12.53
N ILE C 128 27.70 -29.82 13.69
CA ILE C 128 28.20 -29.14 14.88
C ILE C 128 27.67 -29.84 16.11
N GLY C 129 28.39 -29.71 17.22
CA GLY C 129 27.96 -30.34 18.44
C GLY C 129 27.55 -29.27 19.43
N LEU C 130 26.53 -29.55 20.22
CA LEU C 130 26.09 -28.58 21.21
C LEU C 130 26.97 -28.75 22.45
N SER C 131 27.69 -29.86 22.51
CA SER C 131 28.58 -30.17 23.63
C SER C 131 29.76 -31.02 23.19
N ASP C 132 30.85 -30.93 23.93
CA ASP C 132 32.05 -31.71 23.60
C ASP C 132 32.12 -32.96 24.46
N ILE C 133 31.16 -33.12 25.36
CA ILE C 133 31.11 -34.27 26.24
C ILE C 133 30.27 -35.36 25.61
N PRO C 134 30.85 -36.54 25.36
CA PRO C 134 30.09 -37.63 24.75
C PRO C 134 28.83 -37.91 25.55
N GLY C 135 27.76 -38.31 24.88
CA GLY C 135 26.51 -38.61 25.56
C GLY C 135 25.64 -37.43 25.91
N GLU C 136 26.13 -36.21 25.71
CA GLU C 136 25.37 -35.01 26.02
C GLU C 136 24.22 -34.77 25.04
N ALA C 137 24.57 -34.58 23.77
CA ALA C 137 23.56 -34.33 22.76
C ALA C 137 23.98 -34.91 21.42
N MET C 138 23.01 -35.15 20.56
CA MET C 138 23.28 -35.68 19.24
C MET C 138 23.72 -34.55 18.31
N VAL C 139 24.34 -34.90 17.18
CA VAL C 139 24.82 -33.90 16.24
C VAL C 139 23.71 -33.03 15.64
N LYS C 140 24.03 -31.76 15.51
CA LYS C 140 23.11 -30.77 14.96
C LYS C 140 23.73 -30.13 13.71
N LEU C 141 22.97 -29.30 13.03
CA LEU C 141 23.45 -28.66 11.82
C LEU C 141 23.47 -27.14 11.98
N TYR C 142 24.60 -26.55 11.58
CA TYR C 142 24.78 -25.12 11.67
C TYR C 142 24.74 -24.46 10.28
N CYS C 143 23.80 -23.54 10.09
CA CYS C 143 23.72 -22.82 8.83
C CYS C 143 24.57 -21.58 8.99
N PRO C 144 25.60 -21.43 8.15
CA PRO C 144 26.48 -20.26 8.25
C PRO C 144 25.82 -18.95 7.84
N LYS C 145 24.68 -19.01 7.15
CA LYS C 145 24.02 -17.79 6.70
C LYS C 145 23.17 -17.15 7.80
N CYS C 146 22.21 -17.90 8.35
CA CYS C 146 21.36 -17.37 9.41
C CYS C 146 22.02 -17.61 10.75
N MET C 147 23.17 -18.28 10.71
CA MET C 147 23.95 -18.61 11.91
C MET C 147 23.18 -19.26 13.05
N ASP C 148 22.28 -20.17 12.73
CA ASP C 148 21.49 -20.85 13.75
C ASP C 148 21.75 -22.36 13.71
N VAL C 149 21.22 -23.07 14.70
CA VAL C 149 21.42 -24.51 14.78
C VAL C 149 20.12 -25.31 14.60
N TYR C 150 20.14 -26.29 13.70
CA TYR C 150 18.98 -27.11 13.39
C TYR C 150 19.16 -28.60 13.61
N THR C 151 18.04 -29.29 13.73
CA THR C 151 18.04 -30.73 13.91
C THR C 151 17.95 -31.37 12.53
N PRO C 152 18.79 -32.37 12.25
CA PRO C 152 18.80 -33.04 10.95
C PRO C 152 17.41 -33.53 10.59
N LYS C 153 17.02 -33.32 9.34
CA LYS C 153 15.70 -33.74 8.87
C LYS C 153 15.56 -35.25 8.90
N SER C 154 16.64 -35.97 8.62
CA SER C 154 16.58 -37.43 8.62
C SER C 154 16.84 -38.06 9.98
N SER C 155 15.96 -38.98 10.39
CA SER C 155 16.08 -39.66 11.68
C SER C 155 17.31 -40.57 11.71
N ARG C 156 17.87 -40.83 10.54
CA ARG C 156 19.05 -41.67 10.45
C ARG C 156 20.22 -41.02 11.15
N HIS C 157 20.15 -39.71 11.36
CA HIS C 157 21.24 -38.99 12.01
C HIS C 157 20.96 -38.63 13.47
N HIS C 158 19.87 -39.16 14.01
CA HIS C 158 19.50 -38.86 15.38
C HIS C 158 20.18 -39.69 16.46
N HIS C 159 21.22 -40.43 16.07
CA HIS C 159 21.93 -41.25 17.04
C HIS C 159 23.42 -41.03 16.94
N THR C 160 23.81 -40.00 16.20
CA THR C 160 25.21 -39.66 16.05
C THR C 160 25.54 -38.62 17.09
N ASP C 161 26.44 -38.96 18.00
CA ASP C 161 26.83 -38.04 19.06
C ASP C 161 27.49 -36.79 18.48
N GLY C 162 27.04 -35.62 18.94
CA GLY C 162 27.60 -34.38 18.44
C GLY C 162 29.02 -34.11 18.91
N ALA C 163 29.45 -34.81 19.96
CA ALA C 163 30.80 -34.63 20.48
C ALA C 163 31.82 -35.09 19.46
N TYR C 164 31.39 -35.89 18.49
CA TYR C 164 32.31 -36.36 17.46
C TYR C 164 32.56 -35.28 16.39
N PHE C 165 31.95 -34.12 16.59
CA PHE C 165 32.11 -32.99 15.67
C PHE C 165 32.54 -31.74 16.41
N GLY C 166 32.28 -31.70 17.72
CA GLY C 166 32.70 -30.55 18.49
C GLY C 166 31.90 -29.28 18.34
N THR C 167 32.06 -28.38 19.29
CA THR C 167 31.33 -27.12 19.28
C THR C 167 32.03 -26.05 18.49
N GLY C 168 33.31 -26.25 18.20
CA GLY C 168 34.03 -25.24 17.47
C GLY C 168 34.42 -25.57 16.04
N PHE C 169 33.96 -26.70 15.52
CA PHE C 169 34.31 -27.06 14.16
C PHE C 169 33.91 -26.05 13.10
N PRO C 170 32.60 -25.70 13.01
CA PRO C 170 32.15 -24.73 12.00
C PRO C 170 32.91 -23.41 12.03
N HIS C 171 33.25 -22.93 13.23
CA HIS C 171 33.99 -21.68 13.31
C HIS C 171 35.41 -21.90 12.77
N MET C 172 36.01 -23.03 13.16
CA MET C 172 37.36 -23.36 12.70
C MET C 172 37.44 -23.34 11.19
N LEU C 173 36.49 -24.02 10.53
CA LEU C 173 36.48 -24.10 9.09
C LEU C 173 36.45 -22.73 8.42
N PHE C 174 35.57 -21.85 8.87
CA PHE C 174 35.51 -20.53 8.27
C PHE C 174 36.70 -19.65 8.67
N MET C 175 37.38 -20.05 9.73
CA MET C 175 38.57 -19.36 10.20
C MET C 175 39.64 -19.56 9.14
N VAL C 176 39.77 -20.83 8.75
CA VAL C 176 40.75 -21.30 7.76
C VAL C 176 40.33 -21.04 6.30
N HIS C 177 39.02 -20.88 6.07
CA HIS C 177 38.53 -20.64 4.72
C HIS C 177 37.51 -19.49 4.69
N PRO C 178 37.94 -18.30 5.12
CA PRO C 178 37.09 -17.11 5.16
C PRO C 178 36.31 -16.89 3.86
N GLU C 179 36.90 -17.32 2.76
CA GLU C 179 36.27 -17.15 1.45
C GLU C 179 34.92 -17.82 1.30
N TYR C 180 34.66 -18.85 2.09
CA TYR C 180 33.39 -19.57 1.98
C TYR C 180 32.29 -18.97 2.83
N ARG C 181 32.64 -17.86 3.49
CA ARG C 181 31.72 -17.10 4.32
C ARG C 181 30.56 -16.85 3.38
N PRO C 182 29.32 -16.85 3.89
CA PRO C 182 28.21 -16.60 2.98
C PRO C 182 28.01 -15.11 2.73
N LYS C 183 27.22 -14.84 1.71
CA LYS C 183 26.87 -13.49 1.29
C LYS C 183 26.86 -13.51 -0.22
N GLU D 12 -18.15 -45.91 -0.24
CA GLU D 12 -17.73 -45.04 -1.38
C GLU D 12 -17.02 -43.79 -0.85
N VAL D 13 -15.78 -43.57 -1.29
CA VAL D 13 -15.02 -42.41 -0.85
C VAL D 13 -15.29 -41.19 -1.72
N SER D 14 -15.55 -40.07 -1.07
CA SER D 14 -15.83 -38.82 -1.75
C SER D 14 -14.58 -38.25 -2.39
N TRP D 15 -14.76 -37.44 -3.42
CA TRP D 15 -13.63 -36.83 -4.12
C TRP D 15 -12.73 -36.10 -3.11
N ILE D 16 -13.37 -35.34 -2.24
CA ILE D 16 -12.66 -34.57 -1.21
C ILE D 16 -11.86 -35.49 -0.30
N SER D 17 -12.49 -36.55 0.18
CA SER D 17 -11.81 -37.49 1.07
C SER D 17 -10.64 -38.12 0.31
N TRP D 18 -10.86 -38.41 -0.96
CA TRP D 18 -9.81 -39.01 -1.79
C TRP D 18 -8.64 -38.05 -1.97
N PHE D 19 -8.96 -36.81 -2.31
CA PHE D 19 -7.96 -35.77 -2.52
C PHE D 19 -7.10 -35.53 -1.29
N CYS D 20 -7.73 -35.15 -0.19
CA CYS D 20 -7.02 -34.88 1.03
C CYS D 20 -6.20 -36.08 1.50
N GLY D 21 -6.50 -37.25 0.93
CA GLY D 21 -5.78 -38.46 1.31
C GLY D 21 -4.52 -38.74 0.51
N LEU D 22 -4.37 -38.08 -0.64
CA LEU D 22 -3.20 -38.28 -1.49
C LEU D 22 -1.90 -37.83 -0.80
N ARG D 23 -0.80 -38.45 -1.20
CA ARG D 23 0.49 -38.14 -0.65
C ARG D 23 0.84 -36.70 -1.06
N GLY D 24 1.17 -35.88 -0.08
CA GLY D 24 1.50 -34.50 -0.37
C GLY D 24 0.39 -33.54 0.03
N ASN D 25 -0.82 -34.07 0.20
CA ASN D 25 -1.95 -33.23 0.60
C ASN D 25 -2.28 -33.36 2.08
N GLU D 26 -1.28 -33.70 2.87
CA GLU D 26 -1.46 -33.84 4.31
C GLU D 26 -1.79 -32.50 4.97
N PHE D 27 -1.37 -31.40 4.37
CA PHE D 27 -1.64 -30.09 4.96
C PHE D 27 -3.09 -29.64 4.82
N PHE D 28 -3.80 -30.22 3.86
CA PHE D 28 -5.19 -29.90 3.62
C PHE D 28 -6.13 -30.53 4.62
N CYS D 29 -7.30 -29.93 4.78
CA CYS D 29 -8.30 -30.47 5.67
C CYS D 29 -9.53 -30.69 4.78
N GLU D 30 -10.45 -31.56 5.20
CA GLU D 30 -11.63 -31.82 4.39
C GLU D 30 -12.72 -30.76 4.58
N VAL D 31 -13.01 -30.06 3.50
CA VAL D 31 -14.02 -29.01 3.53
C VAL D 31 -15.43 -29.61 3.59
N ASP D 32 -16.24 -29.12 4.52
CA ASP D 32 -17.63 -29.59 4.65
C ASP D 32 -18.38 -29.41 3.34
N GLU D 33 -19.02 -30.48 2.86
CA GLU D 33 -19.76 -30.41 1.62
C GLU D 33 -20.75 -29.24 1.62
N ASP D 34 -21.49 -29.07 2.71
CA ASP D 34 -22.47 -27.99 2.76
C ASP D 34 -21.87 -26.59 2.57
N TYR D 35 -20.64 -26.40 3.02
CA TYR D 35 -19.97 -25.11 2.86
C TYR D 35 -19.81 -24.83 1.38
N ILE D 36 -19.44 -25.87 0.64
CA ILE D 36 -19.24 -25.77 -0.80
C ILE D 36 -20.56 -25.61 -1.56
N GLN D 37 -21.61 -26.28 -1.07
CA GLN D 37 -22.91 -26.22 -1.71
C GLN D 37 -23.56 -24.85 -1.65
N ASP D 38 -23.19 -24.05 -0.66
CA ASP D 38 -23.73 -22.70 -0.52
C ASP D 38 -23.01 -21.83 -1.57
N LYS D 39 -23.74 -21.42 -2.60
CA LYS D 39 -23.17 -20.59 -3.66
C LYS D 39 -22.50 -19.33 -3.13
N PHE D 40 -23.07 -18.76 -2.07
CA PHE D 40 -22.54 -17.53 -1.48
C PHE D 40 -21.10 -17.63 -1.01
N ASN D 41 -20.66 -18.83 -0.60
CA ASN D 41 -19.29 -19.00 -0.12
C ASN D 41 -18.27 -19.05 -1.24
N LEU D 42 -18.70 -19.38 -2.45
CA LEU D 42 -17.78 -19.48 -3.57
C LEU D 42 -17.83 -18.29 -4.49
N THR D 43 -18.60 -17.25 -4.14
CA THR D 43 -18.71 -16.08 -5.00
C THR D 43 -17.33 -15.55 -5.36
N GLY D 44 -17.04 -15.43 -6.64
CA GLY D 44 -15.74 -14.93 -7.05
C GLY D 44 -14.75 -15.99 -7.48
N LEU D 45 -14.89 -17.21 -6.97
CA LEU D 45 -14.00 -18.30 -7.34
C LEU D 45 -14.18 -18.87 -8.74
N ASN D 46 -15.39 -19.19 -9.12
CA ASN D 46 -15.53 -19.75 -10.44
C ASN D 46 -14.80 -18.96 -11.55
N GLU D 47 -14.79 -17.63 -11.51
CA GLU D 47 -14.11 -16.88 -12.58
C GLU D 47 -12.58 -16.95 -12.51
N GLN D 48 -12.06 -17.84 -11.68
CA GLN D 48 -10.62 -17.99 -11.54
C GLN D 48 -10.12 -19.31 -12.06
N VAL D 49 -11.03 -20.28 -12.17
CA VAL D 49 -10.63 -21.60 -12.65
C VAL D 49 -11.39 -21.96 -13.92
N PRO D 50 -10.72 -22.66 -14.85
CA PRO D 50 -11.36 -23.06 -16.10
C PRO D 50 -12.29 -24.26 -15.86
N HIS D 51 -13.36 -24.35 -16.65
CA HIS D 51 -14.31 -25.45 -16.51
C HIS D 51 -14.92 -25.46 -15.11
N TYR D 52 -15.09 -24.28 -14.53
CA TYR D 52 -15.63 -24.16 -13.18
C TYR D 52 -16.85 -25.02 -12.90
N ARG D 53 -17.74 -25.17 -13.88
CA ARG D 53 -18.94 -25.95 -13.69
C ARG D 53 -18.62 -27.42 -13.46
N GLN D 54 -17.91 -28.02 -14.41
CA GLN D 54 -17.55 -29.44 -14.33
C GLN D 54 -16.62 -29.74 -13.16
N ALA D 55 -15.74 -28.79 -12.86
CA ALA D 55 -14.80 -28.93 -11.75
C ALA D 55 -15.51 -28.93 -10.41
N LEU D 56 -16.50 -28.06 -10.25
CA LEU D 56 -17.24 -27.98 -8.99
C LEU D 56 -18.09 -29.23 -8.85
N ASP D 57 -18.51 -29.78 -9.99
CA ASP D 57 -19.32 -30.99 -9.98
C ASP D 57 -18.46 -32.15 -9.50
N MET D 58 -17.23 -32.22 -10.01
CA MET D 58 -16.32 -33.27 -9.64
C MET D 58 -16.01 -33.24 -8.14
N ILE D 59 -15.85 -32.05 -7.59
CA ILE D 59 -15.55 -31.92 -6.17
C ILE D 59 -16.71 -32.43 -5.32
N LEU D 60 -17.92 -32.19 -5.78
CA LEU D 60 -19.12 -32.59 -5.06
C LEU D 60 -19.66 -33.97 -5.44
N ASP D 61 -18.93 -34.68 -6.30
CA ASP D 61 -19.34 -36.02 -6.71
C ASP D 61 -20.71 -36.02 -7.40
N LEU D 62 -20.79 -35.40 -8.57
CA LEU D 62 -22.04 -35.35 -9.32
C LEU D 62 -21.81 -35.92 -10.71
N GLU D 63 -22.90 -36.31 -11.38
CA GLU D 63 -22.82 -36.87 -12.73
C GLU D 63 -21.92 -36.03 -13.64
N PRO D 64 -20.82 -36.63 -14.16
CA PRO D 64 -19.81 -36.03 -15.05
C PRO D 64 -20.25 -35.63 -16.46
N ASP D 65 -19.27 -35.28 -17.28
CA ASP D 65 -19.51 -34.85 -18.66
C ASP D 65 -19.71 -35.94 -19.70
N GLU D 66 -19.87 -35.51 -20.94
CA GLU D 66 -20.08 -36.38 -22.09
C GLU D 66 -18.76 -36.68 -22.79
N GLU D 67 -17.66 -36.21 -22.17
CA GLU D 67 -16.35 -36.38 -22.75
C GLU D 67 -15.45 -37.35 -21.98
N LEU D 68 -16.02 -38.06 -21.00
CA LEU D 68 -15.25 -39.00 -20.19
C LEU D 68 -14.67 -40.19 -20.97
N GLU D 69 -15.34 -40.56 -22.07
CA GLU D 69 -14.89 -41.68 -22.88
C GLU D 69 -13.93 -41.31 -24.00
N ASP D 70 -13.05 -42.25 -24.32
CA ASP D 70 -12.05 -42.13 -25.38
C ASP D 70 -11.36 -40.77 -25.47
N ASN D 71 -11.36 -40.02 -24.36
CA ASN D 71 -10.70 -38.72 -24.34
C ASN D 71 -9.76 -38.62 -23.13
N PRO D 72 -8.46 -38.45 -23.40
CA PRO D 72 -7.42 -38.34 -22.36
C PRO D 72 -7.28 -36.95 -21.77
N ASN D 73 -6.87 -36.00 -22.61
CA ASN D 73 -6.67 -34.63 -22.19
C ASN D 73 -7.92 -34.06 -21.52
N GLN D 74 -8.89 -33.66 -22.34
CA GLN D 74 -10.14 -33.09 -21.86
C GLN D 74 -10.56 -33.48 -20.43
N SER D 75 -10.47 -34.77 -20.10
CA SER D 75 -10.84 -35.22 -18.76
C SER D 75 -9.84 -34.74 -17.72
N ASP D 76 -8.59 -35.11 -17.91
CA ASP D 76 -7.51 -34.72 -16.99
C ASP D 76 -7.46 -33.22 -16.72
N LEU D 77 -7.81 -32.43 -17.73
CA LEU D 77 -7.80 -30.97 -17.58
C LEU D 77 -8.85 -30.54 -16.57
N ILE D 78 -9.92 -31.30 -16.46
CA ILE D 78 -10.99 -30.98 -15.52
C ILE D 78 -10.56 -31.44 -14.12
N GLU D 79 -9.84 -32.55 -14.06
CA GLU D 79 -9.39 -33.06 -12.77
C GLU D 79 -8.44 -32.02 -12.17
N GLN D 80 -7.64 -31.42 -13.04
CA GLN D 80 -6.68 -30.39 -12.61
C GLN D 80 -7.43 -29.16 -12.12
N ALA D 81 -8.51 -28.84 -12.82
CA ALA D 81 -9.30 -27.69 -12.47
C ALA D 81 -9.96 -27.88 -11.12
N ALA D 82 -10.43 -29.10 -10.86
CA ALA D 82 -11.07 -29.38 -9.58
C ALA D 82 -10.03 -29.23 -8.47
N GLU D 83 -8.81 -29.65 -8.77
CA GLU D 83 -7.72 -29.57 -7.82
C GLU D 83 -7.41 -28.11 -7.45
N MET D 84 -7.37 -27.26 -8.48
CA MET D 84 -7.09 -25.85 -8.26
C MET D 84 -8.26 -25.20 -7.54
N LEU D 85 -9.47 -25.49 -8.01
CA LEU D 85 -10.66 -24.92 -7.40
C LEU D 85 -10.84 -25.34 -5.94
N TYR D 86 -10.50 -26.59 -5.62
CA TYR D 86 -10.62 -27.04 -4.24
C TYR D 86 -9.64 -26.24 -3.38
N GLY D 87 -8.45 -26.01 -3.94
CA GLY D 87 -7.44 -25.26 -3.23
C GLY D 87 -7.91 -23.87 -2.89
N LEU D 88 -8.39 -23.14 -3.90
CA LEU D 88 -8.86 -21.77 -3.68
C LEU D 88 -9.96 -21.72 -2.64
N ILE D 89 -10.83 -22.73 -2.64
CA ILE D 89 -11.92 -22.82 -1.68
C ILE D 89 -11.33 -23.09 -0.29
N HIS D 90 -10.32 -23.95 -0.25
CA HIS D 90 -9.68 -24.30 1.00
C HIS D 90 -9.13 -23.04 1.65
N ALA D 91 -8.49 -22.21 0.83
CA ALA D 91 -7.92 -20.98 1.33
C ALA D 91 -8.95 -20.14 2.05
N ARG D 92 -10.12 -19.97 1.43
CA ARG D 92 -11.21 -19.16 2.00
C ARG D 92 -11.82 -19.83 3.23
N TYR D 93 -11.93 -21.15 3.14
CA TYR D 93 -12.48 -21.98 4.18
C TYR D 93 -11.73 -21.95 5.51
N ILE D 94 -10.41 -22.09 5.46
CA ILE D 94 -9.63 -22.10 6.71
C ILE D 94 -9.50 -20.74 7.42
N LEU D 95 -10.32 -19.77 7.01
CA LEU D 95 -10.30 -18.46 7.65
C LEU D 95 -11.59 -18.36 8.45
N THR D 96 -12.52 -19.24 8.14
CA THR D 96 -13.81 -19.28 8.82
C THR D 96 -13.62 -20.05 10.11
N ASN D 97 -14.41 -19.73 11.13
CA ASN D 97 -14.29 -20.39 12.41
C ASN D 97 -14.33 -21.92 12.33
N ARG D 98 -15.08 -22.45 11.36
CA ARG D 98 -15.18 -23.90 11.22
C ARG D 98 -13.88 -24.45 10.63
N GLY D 99 -13.40 -23.82 9.58
CA GLY D 99 -12.15 -24.26 8.96
C GLY D 99 -11.03 -24.20 9.98
N ILE D 100 -10.91 -23.07 10.66
CA ILE D 100 -9.87 -22.88 11.67
C ILE D 100 -9.96 -23.98 12.73
N ALA D 101 -11.16 -24.36 13.10
CA ALA D 101 -11.33 -25.41 14.09
C ALA D 101 -10.65 -26.68 13.59
N GLN D 102 -10.91 -27.04 12.34
CA GLN D 102 -10.34 -28.24 11.77
C GLN D 102 -8.82 -28.18 11.68
N MET D 103 -8.29 -27.05 11.25
CA MET D 103 -6.83 -26.91 11.13
C MET D 103 -6.18 -26.96 12.51
N LEU D 104 -6.86 -26.34 13.48
CA LEU D 104 -6.35 -26.34 14.84
C LEU D 104 -6.21 -27.78 15.30
N GLU D 105 -7.10 -28.65 14.80
CA GLU D 105 -7.07 -30.05 15.16
C GLU D 105 -5.77 -30.66 14.63
N LYS D 106 -5.57 -30.56 13.32
CA LYS D 106 -4.36 -31.09 12.70
C LYS D 106 -3.12 -30.50 13.38
N TYR D 107 -3.19 -29.21 13.72
CA TYR D 107 -2.08 -28.54 14.38
C TYR D 107 -1.72 -29.30 15.65
N GLN D 108 -2.72 -29.62 16.47
CA GLN D 108 -2.48 -30.36 17.71
C GLN D 108 -1.89 -31.75 17.45
N GLN D 109 -2.12 -32.29 16.26
CA GLN D 109 -1.60 -33.61 15.91
C GLN D 109 -0.20 -33.53 15.29
N GLY D 110 0.33 -32.31 15.09
CA GLY D 110 1.64 -32.16 14.47
C GLY D 110 1.58 -32.54 13.00
N ASP D 111 0.39 -32.43 12.41
CA ASP D 111 0.16 -32.76 11.01
C ASP D 111 1.01 -31.96 10.05
N PHE D 112 1.44 -30.77 10.49
CA PHE D 112 2.21 -29.88 9.63
C PHE D 112 3.72 -29.97 9.84
N GLY D 113 4.14 -30.72 10.84
CA GLY D 113 5.56 -30.85 11.09
C GLY D 113 6.00 -30.01 12.26
N TYR D 114 7.27 -30.15 12.65
CA TYR D 114 7.78 -29.38 13.78
C TYR D 114 8.94 -28.50 13.38
N CYS D 115 9.07 -27.38 14.07
CA CYS D 115 10.13 -26.44 13.78
C CYS D 115 11.50 -27.09 13.90
N PRO D 116 12.35 -26.94 12.86
CA PRO D 116 13.69 -27.52 12.87
C PRO D 116 14.68 -26.81 13.78
N ARG D 117 14.41 -25.58 14.19
CA ARG D 117 15.32 -24.89 15.08
C ARG D 117 15.49 -25.73 16.32
N VAL D 118 16.74 -25.94 16.74
CA VAL D 118 17.01 -26.72 17.94
C VAL D 118 16.36 -26.08 19.16
N TYR D 119 16.37 -24.75 19.22
CA TYR D 119 15.79 -24.06 20.36
C TYR D 119 14.29 -23.85 20.33
N CYS D 120 13.64 -24.18 19.23
CA CYS D 120 12.19 -24.06 19.15
C CYS D 120 11.60 -25.34 19.77
N GLU D 121 12.48 -26.30 20.04
CA GLU D 121 12.11 -27.56 20.66
C GLU D 121 10.88 -28.25 20.07
N ASN D 122 10.93 -28.56 18.79
CA ASN D 122 9.84 -29.23 18.10
C ASN D 122 8.46 -28.59 18.25
N GLN D 123 8.43 -27.27 18.11
CA GLN D 123 7.19 -26.51 18.17
C GLN D 123 6.42 -26.88 16.90
N PRO D 124 5.16 -27.32 17.04
CA PRO D 124 4.45 -27.66 15.81
C PRO D 124 4.21 -26.40 14.97
N MET D 125 4.24 -26.55 13.65
CA MET D 125 4.06 -25.39 12.77
C MET D 125 2.72 -25.39 12.04
N LEU D 126 2.39 -24.25 11.42
CA LEU D 126 1.17 -24.11 10.63
C LEU D 126 1.56 -23.90 9.18
N PRO D 127 0.73 -24.35 8.24
CA PRO D 127 1.12 -24.14 6.86
C PRO D 127 0.88 -22.67 6.56
N ILE D 128 1.57 -22.13 5.56
CA ILE D 128 1.40 -20.73 5.21
C ILE D 128 1.85 -20.51 3.78
N GLY D 129 1.32 -19.47 3.15
CA GLY D 129 1.70 -19.18 1.78
C GLY D 129 2.48 -17.89 1.74
N LEU D 130 3.48 -17.82 0.87
CA LEU D 130 4.26 -16.61 0.74
C LEU D 130 3.51 -15.65 -0.18
N SER D 131 2.50 -16.18 -0.88
CA SER D 131 1.70 -15.38 -1.80
C SER D 131 0.29 -15.93 -1.91
N ASP D 132 -0.65 -15.07 -2.28
CA ASP D 132 -2.03 -15.52 -2.44
C ASP D 132 -2.35 -15.77 -3.92
N ILE D 133 -1.37 -15.53 -4.77
CA ILE D 133 -1.55 -15.73 -6.20
C ILE D 133 -1.12 -17.13 -6.55
N PRO D 134 -2.01 -17.93 -7.13
CA PRO D 134 -1.66 -19.30 -7.51
C PRO D 134 -0.45 -19.29 -8.42
N GLY D 135 0.38 -20.32 -8.31
CA GLY D 135 1.56 -20.40 -9.16
C GLY D 135 2.78 -19.60 -8.72
N GLU D 136 2.61 -18.75 -7.68
CA GLU D 136 3.71 -17.93 -7.20
C GLU D 136 4.76 -18.77 -6.44
N ALA D 137 4.34 -19.42 -5.37
CA ALA D 137 5.26 -20.20 -4.57
C ALA D 137 4.54 -21.38 -3.93
N MET D 138 5.32 -22.40 -3.56
CA MET D 138 4.78 -23.57 -2.93
C MET D 138 4.57 -23.33 -1.44
N VAL D 139 3.74 -24.15 -0.80
CA VAL D 139 3.45 -23.98 0.60
C VAL D 139 4.69 -24.08 1.49
N LYS D 140 4.72 -23.21 2.52
CA LYS D 140 5.82 -23.16 3.48
C LYS D 140 5.25 -23.40 4.88
N LEU D 141 6.15 -23.53 5.85
CA LEU D 141 5.72 -23.75 7.23
C LEU D 141 6.12 -22.62 8.15
N TYR D 142 5.17 -22.18 8.96
CA TYR D 142 5.38 -21.09 9.88
C TYR D 142 5.44 -21.59 11.33
N CYS D 143 6.56 -21.34 12.01
CA CYS D 143 6.69 -21.74 13.39
C CYS D 143 6.24 -20.54 14.22
N PRO D 144 5.22 -20.75 15.07
CA PRO D 144 4.73 -19.64 15.89
C PRO D 144 5.64 -19.22 17.00
N LYS D 145 6.66 -20.02 17.31
CA LYS D 145 7.59 -19.66 18.39
C LYS D 145 8.69 -18.71 17.93
N CYS D 146 9.48 -19.12 16.94
CA CYS D 146 10.55 -18.26 16.42
C CYS D 146 10.00 -17.35 15.34
N MET D 147 8.71 -17.51 15.04
CA MET D 147 8.00 -16.71 14.04
C MET D 147 8.68 -16.59 12.68
N ASP D 148 9.27 -17.68 12.19
CA ASP D 148 9.94 -17.68 10.91
C ASP D 148 9.27 -18.69 9.94
N VAL D 149 9.68 -18.65 8.68
CA VAL D 149 9.10 -19.51 7.66
C VAL D 149 10.11 -20.50 7.10
N TYR D 150 9.73 -21.78 7.12
CA TYR D 150 10.58 -22.87 6.65
C TYR D 150 10.03 -23.68 5.49
N THR D 151 10.94 -24.35 4.80
CA THR D 151 10.55 -25.21 3.67
C THR D 151 10.32 -26.61 4.24
N PRO D 152 9.20 -27.26 3.87
CA PRO D 152 8.87 -28.59 4.37
C PRO D 152 10.02 -29.57 4.16
N LYS D 153 10.34 -30.36 5.18
CA LYS D 153 11.42 -31.33 5.07
C LYS D 153 11.16 -32.36 3.99
N SER D 154 9.91 -32.78 3.83
CA SER D 154 9.57 -33.79 2.82
C SER D 154 9.32 -33.21 1.44
N SER D 155 9.92 -33.83 0.43
CA SER D 155 9.76 -33.36 -0.94
C SER D 155 8.35 -33.62 -1.44
N ARG D 156 7.61 -34.43 -0.70
CA ARG D 156 6.24 -34.77 -1.09
C ARG D 156 5.34 -33.53 -1.03
N HIS D 157 5.79 -32.50 -0.31
CA HIS D 157 5.02 -31.26 -0.16
C HIS D 157 5.54 -30.12 -1.02
N HIS D 158 6.52 -30.39 -1.88
CA HIS D 158 7.11 -29.36 -2.72
C HIS D 158 6.35 -29.00 -3.97
N HIS D 159 5.11 -29.49 -4.09
CA HIS D 159 4.32 -29.20 -5.26
C HIS D 159 2.92 -28.72 -4.89
N THR D 160 2.75 -28.42 -3.61
CA THR D 160 1.48 -27.91 -3.12
C THR D 160 1.58 -26.39 -3.14
N ASP D 161 0.73 -25.75 -3.93
CA ASP D 161 0.75 -24.31 -4.02
C ASP D 161 0.37 -23.69 -2.68
N GLY D 162 1.16 -22.71 -2.24
CA GLY D 162 0.91 -22.03 -0.98
C GLY D 162 -0.33 -21.17 -1.00
N ALA D 163 -0.81 -20.81 -2.19
CA ALA D 163 -2.00 -19.95 -2.30
C ALA D 163 -3.22 -20.69 -1.76
N TYR D 164 -3.12 -22.00 -1.63
CA TYR D 164 -4.24 -22.75 -1.11
C TYR D 164 -4.29 -22.69 0.41
N PHE D 165 -3.35 -21.95 0.99
CA PHE D 165 -3.32 -21.76 2.44
C PHE D 165 -3.31 -20.29 2.81
N GLY D 166 -2.89 -19.44 1.88
CA GLY D 166 -2.89 -18.02 2.14
C GLY D 166 -1.78 -17.45 3.01
N THR D 167 -1.61 -16.14 2.93
CA THR D 167 -0.56 -15.49 3.70
C THR D 167 -1.03 -15.12 5.09
N GLY D 168 -2.34 -15.08 5.30
CA GLY D 168 -2.84 -14.71 6.61
C GLY D 168 -3.45 -15.80 7.46
N PHE D 169 -3.35 -17.06 7.04
CA PHE D 169 -3.95 -18.14 7.82
C PHE D 169 -3.41 -18.26 9.25
N PRO D 170 -2.10 -18.49 9.39
CA PRO D 170 -1.51 -18.63 10.73
C PRO D 170 -1.91 -17.48 11.64
N HIS D 171 -1.95 -16.27 11.09
CA HIS D 171 -2.31 -15.08 11.85
C HIS D 171 -3.77 -15.15 12.30
N MET D 172 -4.62 -15.61 11.41
CA MET D 172 -6.05 -15.76 11.69
C MET D 172 -6.27 -16.76 12.82
N LEU D 173 -5.63 -17.91 12.72
CA LEU D 173 -5.81 -18.94 13.73
C LEU D 173 -5.48 -18.45 15.12
N PHE D 174 -4.34 -17.81 15.30
CA PHE D 174 -4.00 -17.33 16.63
C PHE D 174 -4.87 -16.15 17.07
N MET D 175 -5.57 -15.54 16.11
CA MET D 175 -6.45 -14.39 16.38
C MET D 175 -7.71 -14.91 17.02
N VAL D 176 -8.08 -16.10 16.59
CA VAL D 176 -9.27 -16.79 17.08
C VAL D 176 -8.94 -17.71 18.26
N HIS D 177 -7.69 -18.10 18.40
CA HIS D 177 -7.27 -18.99 19.48
C HIS D 177 -6.00 -18.50 20.15
N PRO D 178 -6.03 -17.28 20.70
CA PRO D 178 -4.88 -16.66 21.39
C PRO D 178 -4.23 -17.58 22.41
N GLU D 179 -5.02 -18.47 23.00
CA GLU D 179 -4.48 -19.37 24.01
C GLU D 179 -3.42 -20.34 23.49
N TYR D 180 -3.38 -20.58 22.18
CA TYR D 180 -2.38 -21.51 21.62
C TYR D 180 -1.08 -20.83 21.19
N ARG D 181 -1.05 -19.51 21.28
CA ARG D 181 0.13 -18.74 20.91
C ARG D 181 1.21 -18.96 21.93
N PRO D 182 2.38 -19.45 21.50
CA PRO D 182 3.55 -19.74 22.34
C PRO D 182 3.85 -18.71 23.42
N LYS D 183 3.77 -19.15 24.68
CA LYS D 183 4.03 -18.27 25.80
C LYS D 183 5.42 -17.67 25.66
N ARG D 184 5.45 -16.36 25.45
CA ARG D 184 6.68 -15.60 25.32
C ARG D 184 6.37 -14.21 24.74
N GLU E 11 27.01 -15.46 -17.06
CA GLU E 11 25.85 -15.31 -17.99
C GLU E 11 24.65 -14.74 -17.21
N GLU E 12 23.52 -14.54 -17.90
CA GLU E 12 22.35 -14.00 -17.23
C GLU E 12 21.00 -14.22 -17.89
N VAL E 13 20.61 -13.28 -18.77
CA VAL E 13 19.33 -13.36 -19.43
C VAL E 13 19.43 -13.05 -20.92
N SER E 14 19.02 -14.02 -21.74
CA SER E 14 19.05 -13.85 -23.19
C SER E 14 18.03 -12.81 -23.59
N TRP E 15 18.25 -12.16 -24.73
CA TRP E 15 17.33 -11.14 -25.20
C TRP E 15 15.92 -11.71 -25.29
N ILE E 16 15.82 -12.91 -25.85
CA ILE E 16 14.54 -13.59 -25.99
C ILE E 16 13.87 -13.82 -24.64
N SER E 17 14.62 -14.35 -23.68
CA SER E 17 14.08 -14.60 -22.36
C SER E 17 13.63 -13.28 -21.72
N TRP E 18 14.42 -12.23 -21.95
CA TRP E 18 14.08 -10.91 -21.42
C TRP E 18 12.80 -10.38 -22.06
N PHE E 19 12.72 -10.48 -23.38
CA PHE E 19 11.55 -10.00 -24.13
C PHE E 19 10.26 -10.68 -23.69
N CYS E 20 10.23 -12.01 -23.83
CA CYS E 20 9.05 -12.78 -23.46
C CYS E 20 8.67 -12.57 -22.00
N GLY E 21 9.56 -11.98 -21.21
CA GLY E 21 9.28 -11.75 -19.80
C GLY E 21 8.65 -10.40 -19.51
N LEU E 22 8.71 -9.48 -20.46
CA LEU E 22 8.15 -8.15 -20.25
C LEU E 22 6.63 -8.20 -20.07
N ARG E 23 6.10 -7.22 -19.35
CA ARG E 23 4.67 -7.15 -19.10
C ARG E 23 3.99 -6.90 -20.46
N GLY E 24 3.00 -7.74 -20.77
CA GLY E 24 2.30 -7.60 -22.04
C GLY E 24 2.69 -8.65 -23.06
N ASN E 25 3.86 -9.26 -22.86
CA ASN E 25 4.33 -10.28 -23.78
C ASN E 25 4.08 -11.69 -23.25
N GLU E 26 3.06 -11.83 -22.41
CA GLU E 26 2.72 -13.12 -21.84
C GLU E 26 2.23 -14.11 -22.89
N PHE E 27 1.70 -13.60 -23.99
CA PHE E 27 1.19 -14.48 -25.04
C PHE E 27 2.29 -15.13 -25.87
N PHE E 28 3.47 -14.54 -25.86
CA PHE E 28 4.61 -15.04 -26.59
C PHE E 28 5.25 -16.25 -25.92
N CYS E 29 5.96 -17.04 -26.70
CA CYS E 29 6.68 -18.19 -26.17
C CYS E 29 8.13 -17.96 -26.61
N GLU E 30 9.07 -18.60 -25.93
CA GLU E 30 10.47 -18.43 -26.28
C GLU E 30 10.89 -19.30 -27.45
N VAL E 31 11.28 -18.66 -28.54
CA VAL E 31 11.70 -19.35 -29.75
C VAL E 31 13.09 -19.96 -29.57
N ASP E 32 13.24 -21.24 -29.90
CA ASP E 32 14.53 -21.92 -29.78
C ASP E 32 15.59 -21.21 -30.60
N GLU E 33 16.71 -20.89 -29.96
CA GLU E 33 17.79 -20.20 -30.64
C GLU E 33 18.16 -20.86 -31.95
N ASP E 34 18.31 -22.19 -31.94
CA ASP E 34 18.69 -22.92 -33.16
C ASP E 34 17.72 -22.72 -34.32
N TYR E 35 16.44 -22.56 -34.01
CA TYR E 35 15.42 -22.35 -35.05
C TYR E 35 15.75 -21.05 -35.77
N ILE E 36 16.13 -20.05 -34.99
CA ILE E 36 16.47 -18.74 -35.51
C ILE E 36 17.79 -18.76 -36.26
N GLN E 37 18.74 -19.53 -35.76
CA GLN E 37 20.07 -19.63 -36.39
C GLN E 37 20.06 -20.24 -37.78
N ASP E 38 19.05 -21.06 -38.06
CA ASP E 38 18.93 -21.68 -39.37
C ASP E 38 18.38 -20.62 -40.32
N LYS E 39 19.23 -20.15 -41.24
CA LYS E 39 18.83 -19.12 -42.20
C LYS E 39 17.58 -19.50 -42.99
N PHE E 40 17.43 -20.78 -43.29
CA PHE E 40 16.28 -21.26 -44.05
C PHE E 40 14.92 -20.96 -43.42
N ASN E 41 14.87 -20.88 -42.09
CA ASN E 41 13.62 -20.61 -41.41
C ASN E 41 13.21 -19.14 -41.49
N LEU E 42 14.18 -18.26 -41.70
CA LEU E 42 13.90 -16.84 -41.76
C LEU E 42 13.83 -16.28 -43.18
N THR E 43 13.91 -17.15 -44.18
CA THR E 43 13.86 -16.68 -45.57
C THR E 43 12.63 -15.83 -45.81
N GLY E 44 12.85 -14.60 -46.26
CA GLY E 44 11.72 -13.71 -46.52
C GLY E 44 11.50 -12.65 -45.47
N LEU E 45 11.86 -12.94 -44.22
CA LEU E 45 11.67 -11.98 -43.13
C LEU E 45 12.64 -10.82 -43.24
N ASN E 46 13.85 -11.15 -43.71
CA ASN E 46 14.97 -10.22 -43.89
C ASN E 46 14.64 -8.93 -44.63
N GLU E 47 13.59 -8.98 -45.44
CA GLU E 47 13.17 -7.84 -46.24
C GLU E 47 11.88 -7.17 -45.75
N GLN E 48 11.50 -7.44 -44.52
CA GLN E 48 10.29 -6.85 -43.95
C GLN E 48 10.60 -5.91 -42.80
N VAL E 49 11.77 -6.08 -42.20
CA VAL E 49 12.16 -5.25 -41.07
C VAL E 49 13.42 -4.45 -41.37
N PRO E 50 13.47 -3.19 -40.88
CA PRO E 50 14.64 -2.34 -41.12
C PRO E 50 15.79 -2.78 -40.20
N HIS E 51 17.03 -2.59 -40.66
CA HIS E 51 18.20 -2.96 -39.86
C HIS E 51 18.18 -4.45 -39.53
N TYR E 52 17.64 -5.25 -40.46
CA TYR E 52 17.53 -6.70 -40.28
C TYR E 52 18.79 -7.36 -39.70
N ARG E 53 19.96 -6.91 -40.15
CA ARG E 53 21.21 -7.50 -39.68
C ARG E 53 21.43 -7.27 -38.19
N GLN E 54 21.45 -6.01 -37.78
CA GLN E 54 21.67 -5.65 -36.38
C GLN E 54 20.54 -6.15 -35.48
N ALA E 55 19.32 -6.17 -36.02
CA ALA E 55 18.17 -6.63 -35.26
C ALA E 55 18.25 -8.12 -34.99
N LEU E 56 18.64 -8.90 -35.99
CA LEU E 56 18.78 -10.34 -35.82
C LEU E 56 19.92 -10.63 -34.86
N ASP E 57 20.93 -9.75 -34.86
CA ASP E 57 22.06 -9.91 -33.98
C ASP E 57 21.62 -9.70 -32.55
N MET E 58 20.81 -8.67 -32.33
CA MET E 58 20.32 -8.35 -31.00
C MET E 58 19.48 -9.49 -30.42
N ILE E 59 18.66 -10.11 -31.25
CA ILE E 59 17.82 -11.21 -30.82
C ILE E 59 18.65 -12.41 -30.37
N LEU E 60 19.76 -12.64 -31.08
CA LEU E 60 20.64 -13.76 -30.78
C LEU E 60 21.78 -13.44 -29.82
N ASP E 61 21.77 -12.23 -29.27
CA ASP E 61 22.80 -11.80 -28.33
C ASP E 61 24.21 -11.86 -28.91
N LEU E 62 24.48 -11.00 -29.90
CA LEU E 62 25.79 -10.96 -30.53
C LEU E 62 26.35 -9.55 -30.44
N GLU E 63 27.67 -9.44 -30.59
CA GLU E 63 28.35 -8.13 -30.53
C GLU E 63 27.65 -7.08 -31.37
N PRO E 64 27.23 -5.97 -30.76
CA PRO E 64 26.55 -4.91 -31.52
C PRO E 64 27.34 -4.44 -32.75
N GLN E 74 19.67 6.26 -32.38
CA GLN E 74 19.67 5.19 -33.42
C GLN E 74 19.58 3.81 -32.79
N SER E 75 20.06 3.70 -31.56
CA SER E 75 20.02 2.44 -30.81
C SER E 75 18.59 1.95 -30.66
N ASP E 76 17.73 2.79 -30.09
CA ASP E 76 16.32 2.44 -29.87
C ASP E 76 15.64 1.93 -31.13
N LEU E 77 16.02 2.47 -32.28
CA LEU E 77 15.43 2.06 -33.55
C LEU E 77 15.76 0.61 -33.86
N ILE E 78 16.91 0.15 -33.36
CA ILE E 78 17.33 -1.23 -33.58
C ILE E 78 16.60 -2.14 -32.60
N GLU E 79 16.37 -1.64 -31.39
CA GLU E 79 15.66 -2.43 -30.38
C GLU E 79 14.25 -2.66 -30.89
N GLN E 80 13.73 -1.62 -31.53
CA GLN E 80 12.39 -1.59 -32.13
C GLN E 80 12.29 -2.55 -33.31
N ALA E 81 13.43 -2.77 -33.98
CA ALA E 81 13.51 -3.68 -35.12
C ALA E 81 13.60 -5.12 -34.65
N ALA E 82 14.34 -5.34 -33.57
CA ALA E 82 14.50 -6.69 -33.02
C ALA E 82 13.13 -7.17 -32.55
N GLU E 83 12.38 -6.24 -31.98
CA GLU E 83 11.05 -6.54 -31.47
C GLU E 83 10.13 -6.97 -32.61
N MET E 84 10.18 -6.24 -33.73
CA MET E 84 9.35 -6.58 -34.87
C MET E 84 9.81 -7.89 -35.50
N LEU E 85 11.12 -8.03 -35.65
CA LEU E 85 11.68 -9.23 -36.25
C LEU E 85 11.38 -10.46 -35.41
N TYR E 86 11.46 -10.33 -34.08
CA TYR E 86 11.19 -11.48 -33.24
C TYR E 86 9.73 -11.89 -33.43
N GLY E 87 8.85 -10.89 -33.54
CA GLY E 87 7.45 -11.17 -33.74
C GLY E 87 7.20 -11.96 -35.01
N LEU E 88 7.74 -11.48 -36.13
CA LEU E 88 7.56 -12.16 -37.41
C LEU E 88 8.07 -13.60 -37.35
N ILE E 89 9.18 -13.80 -36.64
CA ILE E 89 9.76 -15.13 -36.50
C ILE E 89 8.82 -15.99 -35.66
N HIS E 90 8.28 -15.38 -34.61
CA HIS E 90 7.34 -16.05 -33.71
C HIS E 90 6.16 -16.60 -34.51
N ALA E 91 5.65 -15.76 -35.41
CA ALA E 91 4.52 -16.14 -36.24
C ALA E 91 4.77 -17.43 -37.00
N ARG E 92 5.94 -17.54 -37.65
CA ARG E 92 6.30 -18.74 -38.42
C ARG E 92 6.60 -19.90 -37.49
N TYR E 93 7.27 -19.57 -36.40
CA TYR E 93 7.65 -20.56 -35.41
C TYR E 93 6.47 -21.34 -34.80
N ILE E 94 5.41 -20.65 -34.38
CA ILE E 94 4.29 -21.34 -33.76
C ILE E 94 3.42 -22.17 -34.70
N LEU E 95 3.90 -22.38 -35.93
CA LEU E 95 3.17 -23.20 -36.90
C LEU E 95 3.90 -24.52 -37.02
N THR E 96 5.15 -24.53 -36.54
CA THR E 96 5.98 -25.72 -36.57
C THR E 96 5.60 -26.57 -35.38
N ASN E 97 5.77 -27.88 -35.51
CA ASN E 97 5.40 -28.79 -34.44
C ASN E 97 6.04 -28.45 -33.09
N ARG E 98 7.21 -27.86 -33.12
CA ARG E 98 7.88 -27.51 -31.87
C ARG E 98 7.23 -26.28 -31.26
N GLY E 99 6.98 -25.27 -32.09
CA GLY E 99 6.33 -24.06 -31.61
C GLY E 99 4.95 -24.40 -31.04
N ILE E 100 4.17 -25.14 -31.81
CA ILE E 100 2.84 -25.56 -31.41
C ILE E 100 2.89 -26.27 -30.06
N ALA E 101 3.92 -27.10 -29.87
CA ALA E 101 4.05 -27.83 -28.61
C ALA E 101 4.15 -26.84 -27.46
N GLN E 102 4.97 -25.80 -27.64
CA GLN E 102 5.14 -24.78 -26.61
C GLN E 102 3.88 -24.00 -26.32
N MET E 103 3.18 -23.58 -27.38
CA MET E 103 1.96 -22.82 -27.21
C MET E 103 0.90 -23.69 -26.53
N LEU E 104 0.85 -24.96 -26.91
CA LEU E 104 -0.11 -25.88 -26.32
C LEU E 104 0.12 -25.93 -24.83
N GLU E 105 1.39 -25.76 -24.43
CA GLU E 105 1.72 -25.78 -23.02
C GLU E 105 1.05 -24.58 -22.34
N LYS E 106 1.35 -23.38 -22.83
CA LYS E 106 0.75 -22.16 -22.28
C LYS E 106 -0.77 -22.27 -22.29
N TYR E 107 -1.31 -22.85 -23.37
CA TYR E 107 -2.75 -23.03 -23.49
C TYR E 107 -3.27 -23.80 -22.29
N GLN E 108 -2.62 -24.90 -21.95
CA GLN E 108 -3.04 -25.68 -20.82
C GLN E 108 -2.92 -24.92 -19.50
N GLN E 109 -2.10 -23.87 -19.48
CA GLN E 109 -1.92 -23.07 -18.27
C GLN E 109 -2.89 -21.88 -18.22
N GLY E 110 -3.69 -21.71 -19.26
CA GLY E 110 -4.61 -20.58 -19.28
C GLY E 110 -3.85 -19.27 -19.46
N ASP E 111 -2.66 -19.36 -20.06
CA ASP E 111 -1.81 -18.22 -20.30
C ASP E 111 -2.43 -17.15 -21.19
N PHE E 112 -3.42 -17.54 -21.99
CA PHE E 112 -4.04 -16.61 -22.91
C PHE E 112 -5.37 -16.05 -22.42
N GLY E 113 -5.85 -16.54 -21.28
CA GLY E 113 -7.10 -16.05 -20.77
C GLY E 113 -8.23 -17.02 -21.04
N TYR E 114 -9.40 -16.73 -20.48
CA TYR E 114 -10.54 -17.59 -20.66
C TYR E 114 -11.69 -16.86 -21.35
N CYS E 115 -12.49 -17.61 -22.09
CA CYS E 115 -13.61 -17.04 -22.80
C CYS E 115 -14.57 -16.35 -21.83
N PRO E 116 -14.94 -15.11 -22.13
CA PRO E 116 -15.87 -14.36 -21.29
C PRO E 116 -17.32 -14.79 -21.37
N ARG E 117 -17.71 -15.53 -22.42
CA ARG E 117 -19.10 -15.99 -22.53
C ARG E 117 -19.43 -16.84 -21.33
N VAL E 118 -20.56 -16.53 -20.71
CA VAL E 118 -20.97 -17.27 -19.53
C VAL E 118 -21.12 -18.75 -19.84
N TYR E 119 -21.63 -19.08 -21.02
CA TYR E 119 -21.83 -20.47 -21.37
C TYR E 119 -20.62 -21.20 -21.91
N CYS E 120 -19.54 -20.48 -22.18
CA CYS E 120 -18.31 -21.13 -22.64
C CYS E 120 -17.58 -21.68 -21.39
N GLU E 121 -18.09 -21.32 -20.22
CA GLU E 121 -17.56 -21.76 -18.93
C GLU E 121 -16.04 -21.71 -18.80
N ASN E 122 -15.47 -20.52 -18.95
CA ASN E 122 -14.04 -20.31 -18.84
C ASN E 122 -13.18 -21.22 -19.70
N GLN E 123 -13.56 -21.37 -20.94
CA GLN E 123 -12.81 -22.18 -21.89
C GLN E 123 -11.54 -21.41 -22.18
N PRO E 124 -10.37 -22.03 -22.01
CA PRO E 124 -9.15 -21.29 -22.30
C PRO E 124 -9.07 -20.91 -23.78
N MET E 125 -8.54 -19.73 -24.09
CA MET E 125 -8.46 -19.32 -25.48
C MET E 125 -7.04 -19.34 -26.05
N LEU E 126 -6.93 -19.15 -27.36
CA LEU E 126 -5.64 -19.12 -28.05
C LEU E 126 -5.50 -17.74 -28.65
N PRO E 127 -4.26 -17.24 -28.77
CA PRO E 127 -4.12 -15.91 -29.37
C PRO E 127 -4.34 -16.08 -30.86
N ILE E 128 -4.71 -14.99 -31.52
CA ILE E 128 -4.95 -15.06 -32.96
C ILE E 128 -4.86 -13.66 -33.53
N GLY E 129 -4.53 -13.59 -34.82
CA GLY E 129 -4.44 -12.28 -35.45
C GLY E 129 -5.55 -12.14 -36.47
N LEU E 130 -6.06 -10.93 -36.61
CA LEU E 130 -7.12 -10.69 -37.57
C LEU E 130 -6.49 -10.47 -38.93
N SER E 131 -5.17 -10.22 -38.92
CA SER E 131 -4.42 -9.98 -40.15
C SER E 131 -2.98 -10.44 -40.01
N ASP E 132 -2.35 -10.75 -41.13
CA ASP E 132 -0.96 -11.19 -41.12
C ASP E 132 -0.02 -10.05 -41.47
N ILE E 133 -0.60 -8.90 -41.76
CA ILE E 133 0.17 -7.71 -42.10
C ILE E 133 0.44 -6.92 -40.83
N PRO E 134 1.74 -6.69 -40.52
CA PRO E 134 2.08 -5.92 -39.31
C PRO E 134 1.40 -4.56 -39.36
N GLY E 135 1.02 -4.05 -38.18
CA GLY E 135 0.38 -2.75 -38.11
C GLY E 135 -1.11 -2.72 -38.42
N GLU E 136 -1.67 -3.84 -38.87
CA GLU E 136 -3.10 -3.90 -39.20
C GLU E 136 -3.99 -3.87 -37.96
N ALA E 137 -3.82 -4.87 -37.09
CA ALA E 137 -4.63 -4.95 -35.89
C ALA E 137 -3.83 -5.59 -34.76
N MET E 138 -4.26 -5.34 -33.53
CA MET E 138 -3.61 -5.90 -32.35
C MET E 138 -4.11 -7.31 -32.12
N VAL E 139 -3.37 -8.09 -31.34
CA VAL E 139 -3.74 -9.47 -31.09
C VAL E 139 -5.09 -9.64 -30.41
N LYS E 140 -5.81 -10.67 -30.83
CA LYS E 140 -7.12 -10.97 -30.29
C LYS E 140 -7.12 -12.39 -29.71
N LEU E 141 -8.21 -12.78 -29.09
CA LEU E 141 -8.29 -14.10 -28.51
C LEU E 141 -9.41 -14.93 -29.14
N TYR E 142 -9.08 -16.16 -29.49
CA TYR E 142 -10.03 -17.08 -30.10
C TYR E 142 -10.48 -18.17 -29.14
N CYS E 143 -11.78 -18.26 -28.89
CA CYS E 143 -12.29 -19.30 -28.01
C CYS E 143 -12.64 -20.46 -28.92
N PRO E 144 -12.03 -21.63 -28.70
CA PRO E 144 -12.33 -22.78 -29.54
C PRO E 144 -13.72 -23.37 -29.33
N LYS E 145 -14.39 -23.02 -28.23
CA LYS E 145 -15.71 -23.57 -27.97
C LYS E 145 -16.82 -22.85 -28.73
N CYS E 146 -16.95 -21.55 -28.54
CA CYS E 146 -17.97 -20.75 -29.23
C CYS E 146 -17.40 -20.26 -30.56
N MET E 147 -16.15 -20.60 -30.80
CA MET E 147 -15.44 -20.24 -32.05
C MET E 147 -15.53 -18.79 -32.45
N ASP E 148 -15.46 -17.87 -31.48
CA ASP E 148 -15.51 -16.44 -31.76
C ASP E 148 -14.22 -15.74 -31.35
N VAL E 149 -14.09 -14.48 -31.73
CA VAL E 149 -12.90 -13.71 -31.42
C VAL E 149 -13.16 -12.55 -30.47
N TYR E 150 -12.38 -12.47 -29.39
CA TYR E 150 -12.52 -11.45 -28.36
C TYR E 150 -11.30 -10.58 -28.16
N THR E 151 -11.53 -9.41 -27.57
CA THR E 151 -10.46 -8.46 -27.27
C THR E 151 -9.99 -8.78 -25.85
N PRO E 152 -8.67 -8.87 -25.66
CA PRO E 152 -8.09 -9.17 -24.33
C PRO E 152 -8.62 -8.24 -23.24
N LYS E 153 -8.98 -8.81 -22.09
CA LYS E 153 -9.52 -8.03 -21.01
C LYS E 153 -8.51 -7.02 -20.48
N SER E 154 -7.23 -7.41 -20.46
CA SER E 154 -6.19 -6.51 -19.97
C SER E 154 -5.65 -5.57 -21.03
N SER E 155 -5.55 -4.29 -20.67
CA SER E 155 -5.04 -3.29 -21.60
C SER E 155 -3.55 -3.48 -21.86
N ARG E 156 -2.92 -4.31 -21.03
CA ARG E 156 -1.49 -4.56 -21.20
C ARG E 156 -1.22 -5.29 -22.51
N HIS E 157 -2.25 -5.88 -23.10
CA HIS E 157 -2.10 -6.62 -24.35
C HIS E 157 -2.63 -5.87 -25.56
N HIS E 158 -2.99 -4.61 -25.37
CA HIS E 158 -3.55 -3.82 -26.46
C HIS E 158 -2.55 -3.18 -27.40
N HIS E 159 -1.29 -3.57 -27.28
CA HIS E 159 -0.26 -3.01 -28.14
C HIS E 159 0.60 -4.10 -28.78
N THR E 160 0.14 -5.33 -28.65
CA THR E 160 0.83 -6.46 -29.22
C THR E 160 0.21 -6.72 -30.59
N ASP E 161 1.01 -6.57 -31.63
CA ASP E 161 0.51 -6.78 -32.98
C ASP E 161 0.07 -8.22 -33.19
N GLY E 162 -1.12 -8.39 -33.77
CA GLY E 162 -1.64 -9.72 -34.00
C GLY E 162 -0.91 -10.48 -35.08
N ALA E 163 -0.19 -9.76 -35.94
CA ALA E 163 0.55 -10.41 -37.02
C ALA E 163 1.63 -11.31 -36.46
N TYR E 164 2.00 -11.12 -35.20
CA TYR E 164 3.02 -11.94 -34.57
C TYR E 164 2.44 -13.29 -34.14
N PHE E 165 1.15 -13.49 -34.40
CA PHE E 165 0.49 -14.75 -34.06
C PHE E 165 -0.19 -15.36 -35.29
N GLY E 166 -0.46 -14.53 -36.29
CA GLY E 166 -1.08 -15.03 -37.51
C GLY E 166 -2.56 -15.36 -37.43
N THR E 167 -3.18 -15.45 -38.60
CA THR E 167 -4.60 -15.75 -38.69
C THR E 167 -4.88 -17.24 -38.66
N GLY E 168 -3.86 -18.05 -38.91
CA GLY E 168 -4.09 -19.49 -38.93
C GLY E 168 -3.52 -20.29 -37.79
N PHE E 169 -2.96 -19.62 -36.78
CA PHE E 169 -2.38 -20.36 -35.68
C PHE E 169 -3.35 -21.29 -34.94
N PRO E 170 -4.46 -20.76 -34.41
CA PRO E 170 -5.43 -21.59 -33.68
C PRO E 170 -5.87 -22.82 -34.46
N HIS E 171 -6.06 -22.63 -35.76
CA HIS E 171 -6.47 -23.72 -36.63
C HIS E 171 -5.37 -24.76 -36.68
N MET E 172 -4.15 -24.29 -36.93
CA MET E 172 -2.99 -25.17 -36.99
C MET E 172 -2.87 -26.03 -35.75
N LEU E 173 -2.96 -25.40 -34.57
CA LEU E 173 -2.84 -26.13 -33.33
C LEU E 173 -3.83 -27.26 -33.21
N PHE E 174 -5.09 -27.00 -33.51
CA PHE E 174 -6.09 -28.06 -33.40
C PHE E 174 -5.97 -29.12 -34.50
N MET E 175 -5.30 -28.80 -35.60
CA MET E 175 -5.13 -29.80 -36.64
C MET E 175 -4.17 -30.82 -36.05
N VAL E 176 -3.06 -30.29 -35.53
CA VAL E 176 -2.02 -31.11 -34.95
C VAL E 176 -2.41 -31.76 -33.63
N HIS E 177 -3.39 -31.19 -32.95
CA HIS E 177 -3.83 -31.74 -31.67
C HIS E 177 -5.34 -31.80 -31.58
N PRO E 178 -5.97 -32.55 -32.49
CA PRO E 178 -7.43 -32.71 -32.56
C PRO E 178 -8.04 -33.09 -31.21
N GLU E 179 -7.28 -33.78 -30.39
CA GLU E 179 -7.79 -34.21 -29.09
C GLU E 179 -8.14 -33.08 -28.13
N TYR E 180 -7.60 -31.89 -28.35
CA TYR E 180 -7.88 -30.75 -27.47
C TYR E 180 -9.07 -29.90 -27.93
N ARG E 181 -9.59 -30.25 -29.10
CA ARG E 181 -10.73 -29.55 -29.69
C ARG E 181 -11.97 -29.72 -28.81
N PRO E 182 -12.63 -28.61 -28.45
CA PRO E 182 -13.82 -28.82 -27.63
C PRO E 182 -14.81 -29.62 -28.45
N LYS E 183 -15.45 -30.61 -27.84
CA LYS E 183 -16.40 -31.40 -28.59
C LYS E 183 -17.79 -30.78 -28.49
N ARG E 184 -18.21 -30.15 -29.59
CA ARG E 184 -19.53 -29.51 -29.69
C ARG E 184 -20.56 -30.51 -30.23
N VAL F 13 -24.44 10.52 1.33
CA VAL F 13 -25.19 10.93 2.56
C VAL F 13 -26.45 10.09 2.74
N SER F 14 -27.38 10.05 1.75
CA SER F 14 -28.55 9.17 1.94
C SER F 14 -28.03 7.74 1.85
N TRP F 15 -28.72 6.81 2.51
CA TRP F 15 -28.31 5.41 2.51
C TRP F 15 -28.17 4.93 1.07
N ILE F 16 -29.16 5.25 0.25
CA ILE F 16 -29.17 4.87 -1.14
C ILE F 16 -27.95 5.43 -1.87
N SER F 17 -27.69 6.72 -1.71
CA SER F 17 -26.55 7.33 -2.36
C SER F 17 -25.27 6.67 -1.89
N TRP F 18 -25.22 6.35 -0.60
CA TRP F 18 -24.05 5.70 -0.03
C TRP F 18 -23.87 4.31 -0.63
N PHE F 19 -24.96 3.55 -0.69
CA PHE F 19 -24.93 2.19 -1.22
C PHE F 19 -24.48 2.14 -2.67
N CYS F 20 -25.20 2.82 -3.53
CA CYS F 20 -24.87 2.83 -4.93
C CYS F 20 -23.44 3.32 -5.19
N GLY F 21 -22.85 3.97 -4.18
CA GLY F 21 -21.50 4.48 -4.35
C GLY F 21 -20.39 3.50 -3.97
N LEU F 22 -20.71 2.44 -3.23
CA LEU F 22 -19.72 1.46 -2.83
C LEU F 22 -19.08 0.76 -4.03
N ARG F 23 -17.85 0.27 -3.84
CA ARG F 23 -17.14 -0.44 -4.90
C ARG F 23 -17.89 -1.73 -5.17
N GLY F 24 -18.21 -1.96 -6.43
CA GLY F 24 -18.92 -3.17 -6.80
C GLY F 24 -20.38 -2.90 -7.10
N ASN F 25 -20.89 -1.75 -6.66
CA ASN F 25 -22.28 -1.42 -6.89
C ASN F 25 -22.46 -0.43 -8.02
N GLU F 26 -21.49 -0.40 -8.92
CA GLU F 26 -21.53 0.50 -10.07
C GLU F 26 -22.69 0.19 -11.00
N PHE F 27 -23.16 -1.07 -11.02
CA PHE F 27 -24.24 -1.43 -11.92
C PHE F 27 -25.60 -0.94 -11.47
N PHE F 28 -25.71 -0.61 -10.18
CA PHE F 28 -26.95 -0.12 -9.60
C PHE F 28 -27.21 1.34 -9.93
N CYS F 29 -28.47 1.74 -9.85
CA CYS F 29 -28.83 3.13 -10.08
C CYS F 29 -29.57 3.54 -8.80
N GLU F 30 -29.67 4.85 -8.55
CA GLU F 30 -30.33 5.31 -7.34
C GLU F 30 -31.85 5.38 -7.51
N VAL F 31 -32.54 4.57 -6.73
CA VAL F 31 -33.99 4.51 -6.79
C VAL F 31 -34.61 5.76 -6.14
N ASP F 32 -35.55 6.40 -6.84
CA ASP F 32 -36.22 7.59 -6.32
C ASP F 32 -36.89 7.27 -5.00
N GLU F 33 -36.61 8.07 -3.99
CA GLU F 33 -37.20 7.87 -2.66
C GLU F 33 -38.72 7.70 -2.72
N ASP F 34 -39.40 8.58 -3.48
CA ASP F 34 -40.86 8.52 -3.60
C ASP F 34 -41.38 7.18 -4.14
N TYR F 35 -40.61 6.56 -5.05
CA TYR F 35 -41.00 5.26 -5.60
C TYR F 35 -41.07 4.27 -4.45
N ILE F 36 -40.08 4.34 -3.57
CA ILE F 36 -40.00 3.45 -2.44
C ILE F 36 -41.07 3.75 -1.41
N GLN F 37 -41.36 5.03 -1.23
CA GLN F 37 -42.36 5.44 -0.24
C GLN F 37 -43.77 4.99 -0.55
N ASP F 38 -44.05 4.76 -1.83
CA ASP F 38 -45.36 4.29 -2.26
C ASP F 38 -45.46 2.80 -1.92
N LYS F 39 -46.25 2.45 -0.91
CA LYS F 39 -46.42 1.06 -0.49
C LYS F 39 -46.80 0.12 -1.62
N PHE F 40 -47.58 0.63 -2.56
CA PHE F 40 -48.04 -0.17 -3.69
C PHE F 40 -46.92 -0.73 -4.55
N ASN F 41 -45.79 -0.02 -4.62
CA ASN F 41 -44.69 -0.49 -5.44
C ASN F 41 -43.91 -1.63 -4.81
N LEU F 42 -43.98 -1.74 -3.49
CA LEU F 42 -43.26 -2.79 -2.78
C LEU F 42 -44.10 -3.99 -2.38
N THR F 43 -45.36 -4.01 -2.81
CA THR F 43 -46.25 -5.12 -2.46
C THR F 43 -45.63 -6.44 -2.83
N GLY F 44 -45.47 -7.31 -1.83
CA GLY F 44 -44.88 -8.60 -2.09
C GLY F 44 -43.45 -8.73 -1.64
N LEU F 45 -42.70 -7.63 -1.63
CA LEU F 45 -41.30 -7.67 -1.21
C LEU F 45 -41.17 -7.89 0.29
N ASN F 46 -42.10 -7.31 1.04
CA ASN F 46 -42.14 -7.38 2.51
C ASN F 46 -42.19 -8.76 3.13
N GLU F 47 -42.30 -9.78 2.30
CA GLU F 47 -42.33 -11.15 2.79
C GLU F 47 -41.20 -11.97 2.22
N GLN F 48 -40.18 -11.29 1.67
CA GLN F 48 -39.03 -11.98 1.10
C GLN F 48 -37.75 -11.69 1.86
N VAL F 49 -37.75 -10.60 2.61
CA VAL F 49 -36.56 -10.21 3.38
C VAL F 49 -36.86 -10.16 4.87
N PRO F 50 -35.90 -10.60 5.70
CA PRO F 50 -36.08 -10.57 7.15
C PRO F 50 -35.94 -9.16 7.69
N HIS F 51 -36.64 -8.85 8.77
CA HIS F 51 -36.59 -7.52 9.38
C HIS F 51 -37.02 -6.46 8.37
N TYR F 52 -37.96 -6.82 7.51
CA TYR F 52 -38.48 -5.92 6.49
C TYR F 52 -38.75 -4.50 6.98
N ARG F 53 -39.31 -4.38 8.17
CA ARG F 53 -39.63 -3.06 8.72
C ARG F 53 -38.38 -2.20 8.92
N GLN F 54 -37.45 -2.70 9.74
CA GLN F 54 -36.23 -1.97 10.04
C GLN F 54 -35.36 -1.77 8.81
N ALA F 55 -35.39 -2.73 7.90
CA ALA F 55 -34.59 -2.67 6.68
C ALA F 55 -35.11 -1.57 5.77
N LEU F 56 -36.42 -1.47 5.63
CA LEU F 56 -37.01 -0.45 4.77
C LEU F 56 -36.77 0.91 5.40
N ASP F 57 -36.69 0.94 6.74
CA ASP F 57 -36.45 2.18 7.44
C ASP F 57 -35.04 2.67 7.15
N MET F 58 -34.10 1.74 7.20
CA MET F 58 -32.70 2.06 6.94
C MET F 58 -32.49 2.61 5.53
N ILE F 59 -33.18 2.02 4.56
CA ILE F 59 -33.06 2.46 3.18
C ILE F 59 -33.57 3.88 3.01
N LEU F 60 -34.62 4.22 3.74
CA LEU F 60 -35.22 5.55 3.67
C LEU F 60 -34.67 6.56 4.68
N ASP F 61 -33.65 6.15 5.43
CA ASP F 61 -33.04 7.02 6.43
C ASP F 61 -34.03 7.50 7.50
N LEU F 62 -34.51 6.57 8.31
CA LEU F 62 -35.46 6.91 9.37
C LEU F 62 -34.89 6.43 10.72
N GLU F 63 -35.41 6.99 11.81
CA GLU F 63 -34.97 6.64 13.15
C GLU F 63 -34.89 5.13 13.36
N PRO F 64 -33.70 4.61 13.68
CA PRO F 64 -33.58 3.17 13.90
C PRO F 64 -34.38 2.74 15.12
N GLN F 74 -26.70 -7.36 16.68
CA GLN F 74 -27.81 -7.64 15.73
C GLN F 74 -27.91 -6.51 14.71
N SER F 75 -26.79 -5.81 14.52
CA SER F 75 -26.74 -4.68 13.61
C SER F 75 -26.40 -5.07 12.18
N ASP F 76 -25.24 -5.70 12.00
CA ASP F 76 -24.77 -6.11 10.70
C ASP F 76 -25.81 -6.93 9.92
N LEU F 77 -26.62 -7.71 10.65
CA LEU F 77 -27.65 -8.53 10.02
C LEU F 77 -28.72 -7.66 9.38
N ILE F 78 -28.92 -6.48 9.95
CA ILE F 78 -29.91 -5.55 9.41
C ILE F 78 -29.33 -4.82 8.20
N GLU F 79 -28.03 -4.53 8.25
CA GLU F 79 -27.37 -3.84 7.15
C GLU F 79 -27.47 -4.75 5.93
N GLN F 80 -27.31 -6.05 6.15
CA GLN F 80 -27.37 -7.03 5.08
C GLN F 80 -28.77 -7.02 4.51
N ALA F 81 -29.73 -7.03 5.41
CA ALA F 81 -31.13 -7.04 5.01
C ALA F 81 -31.48 -5.84 4.16
N ALA F 82 -30.96 -4.67 4.52
CA ALA F 82 -31.25 -3.46 3.75
C ALA F 82 -30.63 -3.64 2.37
N GLU F 83 -29.46 -4.27 2.32
CA GLU F 83 -28.76 -4.50 1.07
C GLU F 83 -29.60 -5.41 0.17
N MET F 84 -30.15 -6.47 0.75
CA MET F 84 -30.96 -7.39 -0.04
C MET F 84 -32.25 -6.73 -0.48
N LEU F 85 -32.89 -6.03 0.48
CA LEU F 85 -34.14 -5.35 0.19
C LEU F 85 -33.98 -4.26 -0.88
N TYR F 86 -32.87 -3.53 -0.82
CA TYR F 86 -32.67 -2.48 -1.81
C TYR F 86 -32.55 -3.14 -3.18
N GLY F 87 -31.86 -4.28 -3.22
CA GLY F 87 -31.69 -4.99 -4.47
C GLY F 87 -33.02 -5.40 -5.09
N LEU F 88 -33.86 -6.06 -4.30
CA LEU F 88 -35.17 -6.50 -4.77
C LEU F 88 -35.98 -5.32 -5.29
N ILE F 89 -35.92 -4.20 -4.58
CA ILE F 89 -36.64 -3.01 -5.00
C ILE F 89 -36.05 -2.50 -6.33
N HIS F 90 -34.73 -2.53 -6.44
CA HIS F 90 -34.02 -2.09 -7.63
C HIS F 90 -34.54 -2.87 -8.83
N ALA F 91 -34.69 -4.17 -8.64
CA ALA F 91 -35.17 -5.05 -9.71
C ALA F 91 -36.49 -4.58 -10.27
N ARG F 92 -37.46 -4.30 -9.41
CA ARG F 92 -38.76 -3.83 -9.89
C ARG F 92 -38.54 -2.44 -10.49
N TYR F 93 -37.97 -1.56 -9.69
CA TYR F 93 -37.73 -0.19 -10.11
C TYR F 93 -37.22 0.01 -11.55
N ILE F 94 -36.21 -0.74 -11.97
CA ILE F 94 -35.68 -0.55 -13.32
C ILE F 94 -36.57 -1.08 -14.45
N LEU F 95 -37.81 -1.44 -14.13
CA LEU F 95 -38.75 -1.90 -15.14
C LEU F 95 -39.75 -0.78 -15.39
N THR F 96 -39.79 0.16 -14.46
CA THR F 96 -40.67 1.33 -14.55
C THR F 96 -40.00 2.34 -15.47
N ASN F 97 -40.81 3.14 -16.16
CA ASN F 97 -40.28 4.13 -17.08
C ASN F 97 -39.23 5.06 -16.47
N ARG F 98 -39.35 5.33 -15.17
CA ARG F 98 -38.38 6.20 -14.53
C ARG F 98 -37.07 5.45 -14.30
N GLY F 99 -37.15 4.22 -13.81
CA GLY F 99 -35.94 3.44 -13.59
C GLY F 99 -35.20 3.25 -14.90
N ILE F 100 -35.94 2.80 -15.92
CA ILE F 100 -35.38 2.58 -17.24
C ILE F 100 -34.69 3.84 -17.74
N ALA F 101 -35.27 4.99 -17.47
CA ALA F 101 -34.66 6.23 -17.90
C ALA F 101 -33.27 6.38 -17.29
N GLN F 102 -33.17 6.09 -15.99
CA GLN F 102 -31.89 6.19 -15.30
C GLN F 102 -30.86 5.19 -15.80
N MET F 103 -31.27 3.94 -16.01
CA MET F 103 -30.36 2.92 -16.50
C MET F 103 -29.91 3.28 -17.91
N LEU F 104 -30.83 3.80 -18.71
CA LEU F 104 -30.50 4.18 -20.07
C LEU F 104 -29.39 5.21 -20.03
N GLU F 105 -29.39 6.03 -18.98
CA GLU F 105 -28.38 7.05 -18.81
C GLU F 105 -27.04 6.37 -18.64
N LYS F 106 -26.93 5.50 -17.63
CA LYS F 106 -25.69 4.79 -17.36
C LYS F 106 -25.26 4.02 -18.60
N TYR F 107 -26.24 3.45 -19.31
CA TYR F 107 -25.96 2.70 -20.52
C TYR F 107 -25.18 3.59 -21.49
N GLN F 108 -25.66 4.81 -21.69
CA GLN F 108 -24.99 5.73 -22.59
C GLN F 108 -23.60 6.11 -22.12
N GLN F 109 -23.33 5.93 -20.83
CA GLN F 109 -22.02 6.26 -20.27
C GLN F 109 -21.08 5.06 -20.27
N GLY F 110 -21.56 3.90 -20.72
CA GLY F 110 -20.74 2.70 -20.72
C GLY F 110 -20.47 2.23 -19.29
N ASP F 111 -21.40 2.55 -18.40
CA ASP F 111 -21.31 2.19 -16.99
C ASP F 111 -21.28 0.68 -16.75
N PHE F 112 -21.81 -0.07 -17.70
CA PHE F 112 -21.88 -1.51 -17.55
C PHE F 112 -20.78 -2.27 -18.26
N GLY F 113 -19.96 -1.54 -19.03
CA GLY F 113 -18.87 -2.19 -19.73
C GLY F 113 -19.19 -2.40 -21.18
N TYR F 114 -18.22 -2.88 -21.95
CA TYR F 114 -18.43 -3.09 -23.36
C TYR F 114 -18.25 -4.55 -23.73
N CYS F 115 -18.94 -4.98 -24.78
CA CYS F 115 -18.86 -6.36 -25.24
C CYS F 115 -17.44 -6.71 -25.63
N PRO F 116 -16.94 -7.85 -25.14
CA PRO F 116 -15.58 -8.30 -25.44
C PRO F 116 -15.39 -8.86 -26.84
N ARG F 117 -16.48 -9.25 -27.51
CA ARG F 117 -16.33 -9.77 -28.86
C ARG F 117 -15.65 -8.73 -29.75
N VAL F 118 -14.63 -9.15 -30.47
CA VAL F 118 -13.91 -8.24 -31.33
C VAL F 118 -14.84 -7.63 -32.35
N TYR F 119 -15.78 -8.41 -32.85
CA TYR F 119 -16.69 -7.89 -33.87
C TYR F 119 -17.91 -7.11 -33.36
N CYS F 120 -18.12 -7.08 -32.04
CA CYS F 120 -19.22 -6.31 -31.47
C CYS F 120 -18.73 -4.86 -31.36
N GLU F 121 -17.44 -4.67 -31.58
CA GLU F 121 -16.80 -3.34 -31.54
C GLU F 121 -17.16 -2.48 -30.35
N ASN F 122 -16.87 -2.97 -29.15
CA ASN F 122 -17.15 -2.24 -27.92
C ASN F 122 -18.56 -1.74 -27.76
N GLN F 123 -19.52 -2.59 -28.07
CA GLN F 123 -20.93 -2.28 -27.92
C GLN F 123 -21.20 -2.22 -26.43
N PRO F 124 -21.78 -1.12 -25.93
CA PRO F 124 -22.03 -1.09 -24.49
C PRO F 124 -23.06 -2.16 -24.09
N MET F 125 -22.90 -2.76 -22.92
CA MET F 125 -23.83 -3.79 -22.49
C MET F 125 -24.75 -3.35 -21.37
N LEU F 126 -25.76 -4.15 -21.07
CA LEU F 126 -26.72 -3.88 -20.00
C LEU F 126 -26.56 -5.01 -18.99
N PRO F 127 -26.82 -4.72 -17.71
CA PRO F 127 -26.68 -5.79 -16.73
C PRO F 127 -27.89 -6.68 -16.88
N ILE F 128 -27.78 -7.93 -16.46
CA ILE F 128 -28.90 -8.86 -16.59
C ILE F 128 -28.70 -9.99 -15.59
N GLY F 129 -29.80 -10.62 -15.20
CA GLY F 129 -29.70 -11.71 -14.26
C GLY F 129 -30.06 -12.99 -14.96
N LEU F 130 -29.43 -14.09 -14.59
CA LEU F 130 -29.74 -15.36 -15.21
C LEU F 130 -30.94 -15.96 -14.48
N SER F 131 -31.25 -15.40 -13.32
CA SER F 131 -32.36 -15.87 -12.51
C SER F 131 -32.95 -14.73 -11.68
N ASP F 132 -34.22 -14.87 -11.30
CA ASP F 132 -34.88 -13.85 -10.51
C ASP F 132 -34.89 -14.25 -9.05
N ILE F 133 -34.36 -15.43 -8.76
CA ILE F 133 -34.31 -15.92 -7.39
C ILE F 133 -32.99 -15.50 -6.76
N PRO F 134 -33.05 -14.76 -5.65
CA PRO F 134 -31.81 -14.33 -4.99
C PRO F 134 -30.97 -15.55 -4.65
N GLY F 135 -29.65 -15.38 -4.71
CA GLY F 135 -28.74 -16.46 -4.38
C GLY F 135 -28.48 -17.46 -5.50
N GLU F 136 -29.21 -17.34 -6.60
CA GLU F 136 -29.03 -18.27 -7.73
C GLU F 136 -27.73 -18.02 -8.49
N ALA F 137 -27.58 -16.83 -9.05
CA ALA F 137 -26.38 -16.49 -9.80
C ALA F 137 -26.04 -15.02 -9.66
N MET F 138 -24.79 -14.67 -9.91
CA MET F 138 -24.34 -13.30 -9.83
C MET F 138 -24.68 -12.58 -11.14
N VAL F 139 -24.70 -11.25 -11.10
CA VAL F 139 -25.06 -10.45 -12.27
C VAL F 139 -24.14 -10.69 -13.48
N LYS F 140 -24.76 -10.70 -14.66
CA LYS F 140 -24.02 -10.91 -15.90
C LYS F 140 -24.25 -9.72 -16.82
N LEU F 141 -23.56 -9.69 -17.95
CA LEU F 141 -23.73 -8.60 -18.89
C LEU F 141 -24.28 -9.09 -20.23
N TYR F 142 -25.28 -8.37 -20.73
CA TYR F 142 -25.92 -8.71 -21.99
C TYR F 142 -25.56 -7.70 -23.09
N CYS F 143 -24.95 -8.20 -24.16
CA CYS F 143 -24.60 -7.36 -25.29
C CYS F 143 -25.78 -7.38 -26.23
N PRO F 144 -26.39 -6.21 -26.49
CA PRO F 144 -27.54 -6.17 -27.39
C PRO F 144 -27.20 -6.44 -28.85
N LYS F 145 -25.93 -6.37 -29.22
CA LYS F 145 -25.55 -6.60 -30.62
C LYS F 145 -25.45 -8.08 -30.97
N CYS F 146 -24.60 -8.82 -30.26
CA CYS F 146 -24.44 -10.24 -30.49
C CYS F 146 -25.45 -11.01 -29.65
N MET F 147 -26.22 -10.27 -28.88
CA MET F 147 -27.27 -10.84 -28.03
C MET F 147 -26.83 -12.01 -27.16
N ASP F 148 -25.63 -11.94 -26.60
CA ASP F 148 -25.16 -13.02 -25.74
C ASP F 148 -24.90 -12.50 -24.32
N VAL F 149 -24.64 -13.42 -23.39
CA VAL F 149 -24.40 -13.05 -22.00
C VAL F 149 -22.97 -13.33 -21.54
N TYR F 150 -22.32 -12.30 -20.99
CA TYR F 150 -20.95 -12.40 -20.51
C TYR F 150 -20.74 -12.17 -19.02
N THR F 151 -19.60 -12.64 -18.52
CA THR F 151 -19.25 -12.45 -17.12
C THR F 151 -18.43 -11.17 -17.05
N PRO F 152 -18.74 -10.28 -16.10
CA PRO F 152 -18.03 -9.01 -15.94
C PRO F 152 -16.52 -9.22 -15.82
N LYS F 153 -15.75 -8.42 -16.56
CA LYS F 153 -14.28 -8.54 -16.54
C LYS F 153 -13.71 -8.29 -15.16
N SER F 154 -14.28 -7.34 -14.42
CA SER F 154 -13.80 -7.02 -13.07
C SER F 154 -14.37 -7.92 -11.98
N SER F 155 -13.51 -8.44 -11.12
CA SER F 155 -13.93 -9.31 -10.04
C SER F 155 -14.71 -8.54 -8.98
N ARG F 156 -14.66 -7.22 -9.07
CA ARG F 156 -15.39 -6.39 -8.13
C ARG F 156 -16.90 -6.57 -8.27
N HIS F 157 -17.32 -7.12 -9.41
CA HIS F 157 -18.74 -7.33 -9.67
C HIS F 157 -19.17 -8.78 -9.52
N HIS F 158 -18.26 -9.64 -9.05
CA HIS F 158 -18.57 -11.06 -8.90
C HIS F 158 -19.33 -11.43 -7.64
N HIS F 159 -19.86 -10.44 -6.94
CA HIS F 159 -20.60 -10.75 -5.73
C HIS F 159 -21.94 -10.03 -5.70
N THR F 160 -22.28 -9.42 -6.82
CA THR F 160 -23.55 -8.73 -6.96
C THR F 160 -24.56 -9.72 -7.52
N ASP F 161 -25.59 -10.02 -6.74
CA ASP F 161 -26.62 -10.95 -7.15
C ASP F 161 -27.35 -10.43 -8.38
N GLY F 162 -27.52 -11.29 -9.38
CA GLY F 162 -28.20 -10.91 -10.62
C GLY F 162 -29.69 -10.69 -10.45
N ALA F 163 -30.27 -11.24 -9.39
CA ALA F 163 -31.69 -11.09 -9.14
C ALA F 163 -32.03 -9.62 -8.91
N TYR F 164 -31.03 -8.81 -8.59
CA TYR F 164 -31.27 -7.40 -8.36
C TYR F 164 -31.40 -6.64 -9.68
N PHE F 165 -31.30 -7.36 -10.78
CA PHE F 165 -31.42 -6.76 -12.10
C PHE F 165 -32.47 -7.48 -12.93
N GLY F 166 -32.77 -8.72 -12.54
CA GLY F 166 -33.79 -9.50 -13.24
C GLY F 166 -33.42 -10.04 -14.61
N THR F 167 -34.21 -11.00 -15.07
CA THR F 167 -33.97 -11.63 -16.37
C THR F 167 -34.59 -10.88 -17.52
N GLY F 168 -35.51 -9.98 -17.22
CA GLY F 168 -36.17 -9.25 -18.30
C GLY F 168 -35.84 -7.79 -18.44
N PHE F 169 -34.88 -7.30 -17.66
CA PHE F 169 -34.55 -5.88 -17.74
C PHE F 169 -34.10 -5.41 -19.14
N PRO F 170 -33.03 -6.03 -19.68
CA PRO F 170 -32.56 -5.62 -21.01
C PRO F 170 -33.64 -5.58 -22.08
N HIS F 171 -34.56 -6.54 -22.05
CA HIS F 171 -35.63 -6.56 -23.03
C HIS F 171 -36.63 -5.45 -22.78
N MET F 172 -36.87 -5.15 -21.51
CA MET F 172 -37.79 -4.09 -21.15
C MET F 172 -37.25 -2.77 -21.66
N LEU F 173 -35.96 -2.52 -21.45
CA LEU F 173 -35.36 -1.27 -21.89
C LEU F 173 -35.50 -1.04 -23.37
N PHE F 174 -35.19 -2.05 -24.18
CA PHE F 174 -35.29 -1.89 -25.62
C PHE F 174 -36.72 -1.84 -26.12
N MET F 175 -37.63 -2.39 -25.32
CA MET F 175 -39.04 -2.36 -25.65
C MET F 175 -39.42 -0.87 -25.62
N VAL F 176 -39.11 -0.22 -24.50
CA VAL F 176 -39.38 1.19 -24.25
C VAL F 176 -38.52 2.16 -25.06
N HIS F 177 -37.37 1.70 -25.51
CA HIS F 177 -36.47 2.56 -26.28
C HIS F 177 -35.93 1.84 -27.50
N PRO F 178 -36.84 1.39 -28.38
CA PRO F 178 -36.48 0.67 -29.60
C PRO F 178 -35.37 1.35 -30.39
N GLU F 179 -35.33 2.68 -30.31
CA GLU F 179 -34.32 3.45 -31.03
C GLU F 179 -32.87 3.13 -30.67
N TYR F 180 -32.64 2.55 -29.49
CA TYR F 180 -31.28 2.22 -29.06
C TYR F 180 -30.81 0.82 -29.45
N ARG F 181 -31.71 0.04 -30.06
CA ARG F 181 -31.37 -1.30 -30.51
C ARG F 181 -30.29 -1.08 -31.58
N PRO F 182 -29.19 -1.85 -31.54
CA PRO F 182 -28.15 -1.63 -32.56
C PRO F 182 -28.27 -2.53 -33.80
N LYS F 183 -28.81 -3.72 -33.59
CA LYS F 183 -28.98 -4.71 -34.64
C LYS F 183 -27.97 -4.64 -35.78
N ARG F 184 -26.82 -5.24 -35.51
CA ARG F 184 -25.68 -5.37 -36.41
C ARG F 184 -26.04 -5.42 -37.88
N GLU G 12 1.49 10.33 -24.66
CA GLU G 12 0.40 11.21 -24.14
C GLU G 12 0.97 12.24 -23.16
N VAL G 13 0.12 12.89 -22.38
CA VAL G 13 0.58 13.89 -21.40
C VAL G 13 1.25 13.24 -20.21
N SER G 14 2.37 13.83 -19.79
CA SER G 14 3.08 13.31 -18.65
C SER G 14 2.25 13.48 -17.39
N TRP G 15 2.51 12.64 -16.40
CA TRP G 15 1.77 12.72 -15.14
C TRP G 15 1.89 14.13 -14.56
N ILE G 16 3.12 14.64 -14.56
CA ILE G 16 3.37 15.96 -14.05
C ILE G 16 2.56 17.01 -14.80
N SER G 17 2.60 16.95 -16.13
CA SER G 17 1.85 17.92 -16.93
C SER G 17 0.36 17.80 -16.60
N TRP G 18 -0.09 16.57 -16.44
CA TRP G 18 -1.51 16.33 -16.13
C TRP G 18 -1.86 16.91 -14.76
N PHE G 19 -0.99 16.64 -13.78
CA PHE G 19 -1.21 17.10 -12.41
C PHE G 19 -1.30 18.60 -12.34
N CYS G 20 -0.21 19.25 -12.75
CA CYS G 20 -0.16 20.70 -12.71
C CYS G 20 -1.31 21.35 -13.49
N GLY G 21 -1.97 20.58 -14.34
CA GLY G 21 -3.07 21.12 -15.12
C GLY G 21 -4.44 21.03 -14.46
N LEU G 22 -4.56 20.22 -13.41
CA LEU G 22 -5.84 20.06 -12.72
C LEU G 22 -6.31 21.34 -12.04
N ARG G 23 -7.61 21.38 -11.80
CA ARG G 23 -8.27 22.50 -11.16
C ARG G 23 -7.79 22.63 -9.73
N GLY G 24 -7.19 23.77 -9.40
CA GLY G 24 -6.71 23.95 -8.04
C GLY G 24 -5.20 23.85 -7.93
N ASN G 25 -4.56 23.30 -8.96
CA ASN G 25 -3.11 23.17 -8.95
C ASN G 25 -2.44 24.24 -9.78
N GLU G 26 -3.09 25.39 -9.88
CA GLU G 26 -2.53 26.49 -10.64
C GLU G 26 -1.27 27.06 -9.99
N PHE G 27 -1.14 26.91 -8.68
CA PHE G 27 0.03 27.44 -7.99
C PHE G 27 1.30 26.64 -8.21
N PHE G 28 1.14 25.39 -8.62
CA PHE G 28 2.26 24.51 -8.89
C PHE G 28 2.95 24.80 -10.20
N CYS G 29 4.20 24.42 -10.31
CA CYS G 29 4.94 24.59 -11.55
C CYS G 29 5.42 23.17 -11.92
N GLU G 30 5.73 22.94 -13.19
CA GLU G 30 6.18 21.61 -13.62
C GLU G 30 7.66 21.38 -13.34
N VAL G 31 7.92 20.41 -12.46
CA VAL G 31 9.28 20.06 -12.07
C VAL G 31 10.00 19.30 -13.18
N ASP G 32 11.20 19.76 -13.53
CA ASP G 32 11.98 19.10 -14.56
C ASP G 32 12.20 17.63 -14.26
N GLU G 33 11.84 16.76 -15.19
CA GLU G 33 12.00 15.32 -14.98
C GLU G 33 13.41 14.96 -14.46
N ASP G 34 14.44 15.53 -15.07
CA ASP G 34 15.81 15.23 -14.68
C ASP G 34 16.10 15.56 -13.22
N TYR G 35 15.47 16.62 -12.71
CA TYR G 35 15.66 17.00 -11.31
C TYR G 35 15.19 15.85 -10.42
N ILE G 36 14.05 15.28 -10.80
CA ILE G 36 13.46 14.17 -10.09
C ILE G 36 14.24 12.88 -10.24
N GLN G 37 14.82 12.68 -11.43
CA GLN G 37 15.58 11.47 -11.71
C GLN G 37 16.88 11.36 -10.92
N ASP G 38 17.41 12.50 -10.49
CA ASP G 38 18.65 12.52 -9.69
C ASP G 38 18.26 12.14 -8.27
N LYS G 39 18.67 10.94 -7.85
CA LYS G 39 18.35 10.44 -6.50
C LYS G 39 18.78 11.41 -5.40
N PHE G 40 19.89 12.09 -5.60
CA PHE G 40 20.43 13.03 -4.62
C PHE G 40 19.46 14.15 -4.26
N ASN G 41 18.61 14.55 -5.19
CA ASN G 41 17.66 15.63 -4.91
C ASN G 41 16.50 15.20 -4.05
N LEU G 42 16.19 13.90 -4.07
CA LEU G 42 15.08 13.40 -3.30
C LEU G 42 15.47 12.75 -1.97
N THR G 43 16.75 12.81 -1.62
CA THR G 43 17.21 12.18 -0.38
C THR G 43 16.38 12.66 0.79
N GLY G 44 15.79 11.73 1.54
CA GLY G 44 14.98 12.13 2.68
C GLY G 44 13.49 12.09 2.44
N LEU G 45 13.07 12.31 1.19
CA LEU G 45 11.65 12.30 0.85
C LEU G 45 10.95 10.95 0.85
N ASN G 46 11.53 9.94 0.23
CA ASN G 46 10.80 8.71 0.23
C ASN G 46 10.38 8.21 1.62
N GLU G 47 11.13 8.50 2.70
CA GLU G 47 10.71 8.03 4.02
C GLU G 47 9.58 8.85 4.62
N GLN G 48 8.96 9.69 3.81
CA GLN G 48 7.86 10.52 4.27
C GLN G 48 6.54 10.16 3.63
N VAL G 49 6.61 9.47 2.50
CA VAL G 49 5.39 9.07 1.79
C VAL G 49 5.28 7.57 1.67
N PRO G 50 4.07 7.03 1.78
CA PRO G 50 3.85 5.59 1.66
C PRO G 50 3.95 5.14 0.20
N HIS G 51 4.40 3.91 -0.03
CA HIS G 51 4.51 3.41 -1.40
C HIS G 51 5.43 4.29 -2.23
N TYR G 52 6.43 4.87 -1.57
CA TYR G 52 7.36 5.75 -2.24
C TYR G 52 7.89 5.23 -3.58
N ARG G 53 8.10 3.92 -3.71
CA ARG G 53 8.62 3.34 -4.96
C ARG G 53 7.61 3.51 -6.11
N GLN G 54 6.41 2.98 -5.90
CA GLN G 54 5.37 3.05 -6.90
C GLN G 54 4.92 4.48 -7.19
N ALA G 55 4.93 5.31 -6.16
CA ALA G 55 4.54 6.72 -6.31
C ALA G 55 5.55 7.49 -7.15
N LEU G 56 6.83 7.24 -6.94
CA LEU G 56 7.85 7.94 -7.70
C LEU G 56 7.80 7.44 -9.14
N ASP G 57 7.39 6.19 -9.31
CA ASP G 57 7.29 5.61 -10.65
C ASP G 57 6.16 6.31 -11.39
N MET G 58 5.04 6.49 -10.70
CA MET G 58 3.87 7.12 -11.29
C MET G 58 4.17 8.55 -11.74
N ILE G 59 4.95 9.27 -10.94
CA ILE G 59 5.30 10.64 -11.25
C ILE G 59 6.14 10.71 -12.51
N LEU G 60 7.04 9.74 -12.66
CA LEU G 60 7.94 9.68 -13.81
C LEU G 60 7.41 8.88 -15.00
N ASP G 61 6.17 8.44 -14.92
CA ASP G 61 5.54 7.69 -16.00
C ASP G 61 6.30 6.42 -16.33
N LEU G 62 6.31 5.47 -15.41
CA LEU G 62 6.99 4.21 -15.63
C LEU G 62 6.01 3.06 -15.44
N GLU G 63 6.35 1.89 -15.97
CA GLU G 63 5.50 0.71 -15.85
C GLU G 63 5.01 0.50 -14.41
N PRO G 64 3.69 0.60 -14.18
CA PRO G 64 3.10 0.42 -12.86
C PRO G 64 3.41 -1.00 -12.42
N ASP G 65 3.60 -1.23 -11.13
CA ASP G 65 3.91 -2.59 -10.73
C ASP G 65 2.62 -3.34 -10.39
N GLU G 66 2.03 -3.91 -11.45
CA GLU G 66 0.79 -4.67 -11.42
C GLU G 66 -0.04 -4.78 -10.15
N GLU G 67 -1.14 -4.03 -10.15
CA GLU G 67 -2.12 -3.96 -9.08
C GLU G 67 -3.11 -2.97 -9.69
N LEU G 68 -2.59 -2.18 -10.63
CA LEU G 68 -3.36 -1.17 -11.33
C LEU G 68 -4.55 -1.81 -12.03
N GLU G 69 -4.54 -3.14 -12.17
CA GLU G 69 -5.64 -3.80 -12.85
C GLU G 69 -6.93 -3.85 -12.06
N ASP G 70 -7.40 -5.06 -11.71
CA ASP G 70 -8.67 -5.18 -10.99
C ASP G 70 -8.71 -4.48 -9.65
N ASN G 71 -7.55 -4.08 -9.14
CA ASN G 71 -7.52 -3.40 -7.85
C ASN G 71 -7.44 -1.88 -7.98
N PRO G 72 -8.60 -1.22 -7.97
CA PRO G 72 -8.56 0.22 -8.09
C PRO G 72 -8.14 0.83 -6.77
N ASN G 73 -8.63 0.28 -5.66
CA ASN G 73 -8.31 0.80 -4.33
C ASN G 73 -6.80 0.88 -4.02
N GLN G 74 -6.13 -0.26 -3.90
CA GLN G 74 -4.70 -0.23 -3.60
C GLN G 74 -4.04 0.67 -4.60
N SER G 75 -4.71 0.84 -5.73
CA SER G 75 -4.23 1.70 -6.80
C SER G 75 -4.34 3.16 -6.36
N ASP G 76 -5.54 3.57 -5.99
CA ASP G 76 -5.81 4.94 -5.54
C ASP G 76 -4.86 5.41 -4.44
N LEU G 77 -4.47 4.50 -3.55
CA LEU G 77 -3.57 4.82 -2.47
C LEU G 77 -2.21 5.23 -3.03
N ILE G 78 -1.84 4.67 -4.17
CA ILE G 78 -0.56 4.99 -4.80
C ILE G 78 -0.66 6.32 -5.49
N GLU G 79 -1.83 6.60 -6.06
CA GLU G 79 -2.06 7.86 -6.75
C GLU G 79 -1.94 9.00 -5.74
N GLN G 80 -2.52 8.83 -4.55
CA GLN G 80 -2.44 9.87 -3.54
C GLN G 80 -1.00 9.98 -3.02
N ALA G 81 -0.24 8.87 -3.04
CA ALA G 81 1.15 8.89 -2.60
C ALA G 81 1.97 9.70 -3.59
N ALA G 82 1.69 9.52 -4.88
CA ALA G 82 2.42 10.26 -5.91
C ALA G 82 2.13 11.74 -5.71
N GLU G 83 0.88 12.03 -5.37
CA GLU G 83 0.45 13.40 -5.17
C GLU G 83 1.18 14.03 -4.00
N MET G 84 1.36 13.27 -2.92
CA MET G 84 2.07 13.80 -1.77
C MET G 84 3.56 13.94 -2.09
N LEU G 85 4.11 12.93 -2.71
CA LEU G 85 5.52 12.93 -3.05
C LEU G 85 5.86 14.04 -4.02
N TYR G 86 4.98 14.30 -4.98
CA TYR G 86 5.27 15.36 -5.94
C TYR G 86 5.30 16.70 -5.18
N GLY G 87 4.37 16.86 -4.25
CA GLY G 87 4.31 18.07 -3.45
C GLY G 87 5.61 18.32 -2.68
N LEU G 88 6.06 17.32 -1.93
CA LEU G 88 7.28 17.44 -1.17
C LEU G 88 8.45 17.79 -2.07
N ILE G 89 8.48 17.20 -3.26
CA ILE G 89 9.55 17.49 -4.22
C ILE G 89 9.44 18.94 -4.70
N HIS G 90 8.20 19.34 -4.96
CA HIS G 90 7.92 20.69 -5.42
C HIS G 90 8.49 21.68 -4.41
N ALA G 91 8.30 21.40 -3.13
CA ALA G 91 8.77 22.25 -2.05
C ALA G 91 10.27 22.49 -2.14
N ARG G 92 11.05 21.45 -2.37
CA ARG G 92 12.51 21.61 -2.47
C ARG G 92 12.83 22.35 -3.74
N TYR G 93 12.22 21.83 -4.80
CA TYR G 93 12.42 22.34 -6.13
C TYR G 93 12.31 23.84 -6.28
N ILE G 94 11.25 24.45 -5.74
CA ILE G 94 11.09 25.89 -5.87
C ILE G 94 12.05 26.76 -5.02
N LEU G 95 13.09 26.14 -4.47
CA LEU G 95 14.07 26.87 -3.68
C LEU G 95 15.34 26.93 -4.51
N THR G 96 15.40 26.08 -5.54
CA THR G 96 16.53 26.02 -6.46
C THR G 96 16.36 27.12 -7.49
N ASN G 97 17.47 27.63 -8.01
CA ASN G 97 17.42 28.70 -8.98
C ASN G 97 16.51 28.42 -10.18
N ARG G 98 16.41 27.15 -10.56
CA ARG G 98 15.57 26.80 -11.70
C ARG G 98 14.10 26.87 -11.29
N GLY G 99 13.77 26.31 -10.13
CA GLY G 99 12.39 26.32 -9.65
C GLY G 99 11.93 27.76 -9.49
N ILE G 100 12.75 28.54 -8.79
CA ILE G 100 12.45 29.94 -8.57
C ILE G 100 12.20 30.66 -9.89
N ALA G 101 12.98 30.33 -10.90
CA ALA G 101 12.80 30.96 -12.19
C ALA G 101 11.38 30.69 -12.70
N GLN G 102 10.95 29.44 -12.59
CA GLN G 102 9.61 29.07 -13.04
C GLN G 102 8.49 29.75 -12.27
N MET G 103 8.64 29.79 -10.95
CA MET G 103 7.63 30.42 -10.12
C MET G 103 7.58 31.91 -10.42
N LEU G 104 8.75 32.51 -10.62
CA LEU G 104 8.82 33.92 -10.93
C LEU G 104 8.01 34.20 -12.18
N GLU G 105 8.00 33.23 -13.08
CA GLU G 105 7.26 33.36 -14.31
C GLU G 105 5.78 33.48 -13.97
N LYS G 106 5.26 32.48 -13.27
CA LYS G 106 3.84 32.46 -12.87
C LYS G 106 3.50 33.72 -12.09
N TYR G 107 4.44 34.17 -11.25
CA TYR G 107 4.25 35.38 -10.46
C TYR G 107 3.95 36.55 -11.39
N GLN G 108 4.76 36.69 -12.44
CA GLN G 108 4.55 37.76 -13.40
C GLN G 108 3.22 37.65 -14.11
N GLN G 109 2.66 36.44 -14.19
CA GLN G 109 1.37 36.24 -14.84
C GLN G 109 0.19 36.40 -13.87
N GLY G 110 0.46 36.68 -12.60
CA GLY G 110 -0.62 36.81 -11.64
C GLY G 110 -1.29 35.46 -11.39
N ASP G 111 -0.52 34.39 -11.59
CA ASP G 111 -1.00 33.01 -11.41
C ASP G 111 -1.45 32.69 -9.99
N PHE G 112 -0.94 33.45 -9.02
CA PHE G 112 -1.27 33.21 -7.62
C PHE G 112 -2.34 34.14 -7.07
N GLY G 113 -2.77 35.11 -7.85
CA GLY G 113 -3.81 36.00 -7.37
C GLY G 113 -3.24 37.33 -6.95
N TYR G 114 -4.11 38.28 -6.64
CA TYR G 114 -3.66 39.59 -6.24
C TYR G 114 -4.10 39.93 -4.83
N CYS G 115 -3.32 40.77 -4.15
CA CYS G 115 -3.63 41.16 -2.80
C CYS G 115 -4.99 41.83 -2.74
N PRO G 116 -5.83 41.42 -1.80
CA PRO G 116 -7.17 42.01 -1.65
C PRO G 116 -7.18 43.38 -0.99
N ARG G 117 -6.10 43.77 -0.32
CA ARG G 117 -6.08 45.08 0.30
C ARG G 117 -6.29 46.12 -0.77
N VAL G 118 -7.19 47.06 -0.52
CA VAL G 118 -7.45 48.11 -1.48
C VAL G 118 -6.19 48.93 -1.75
N TYR G 119 -5.39 49.18 -0.73
CA TYR G 119 -4.18 49.97 -0.91
C TYR G 119 -2.98 49.23 -1.43
N CYS G 120 -3.07 47.91 -1.56
CA CYS G 120 -1.97 47.11 -2.11
C CYS G 120 -2.09 47.19 -3.64
N GLU G 121 -3.22 47.73 -4.10
CA GLU G 121 -3.50 47.92 -5.52
C GLU G 121 -3.19 46.71 -6.39
N ASN G 122 -3.85 45.59 -6.11
CA ASN G 122 -3.67 44.36 -6.87
C ASN G 122 -2.24 43.90 -7.07
N GLN G 123 -1.47 43.93 -5.99
CA GLN G 123 -0.10 43.49 -6.01
C GLN G 123 -0.17 41.98 -6.16
N PRO G 124 0.51 41.41 -7.15
CA PRO G 124 0.43 39.96 -7.27
C PRO G 124 1.09 39.29 -6.05
N MET G 125 0.57 38.13 -5.64
CA MET G 125 1.09 37.43 -4.48
C MET G 125 1.84 36.14 -4.80
N LEU G 126 2.54 35.62 -3.81
CA LEU G 126 3.27 34.36 -3.96
C LEU G 126 2.63 33.34 -3.03
N PRO G 127 2.66 32.05 -3.39
CA PRO G 127 2.06 31.07 -2.50
C PRO G 127 3.04 30.91 -1.35
N ILE G 128 2.54 30.44 -0.21
CA ILE G 128 3.37 30.25 0.97
C ILE G 128 2.69 29.30 1.91
N GLY G 129 3.48 28.62 2.73
CA GLY G 129 2.94 27.68 3.67
C GLY G 129 3.12 28.22 5.07
N LEU G 130 2.16 27.95 5.94
CA LEU G 130 2.28 28.40 7.32
C LEU G 130 3.10 27.36 8.09
N SER G 131 3.27 26.20 7.48
CA SER G 131 4.04 25.12 8.10
C SER G 131 4.70 24.24 7.05
N ASP G 132 5.79 23.56 7.42
CA ASP G 132 6.48 22.70 6.49
C ASP G 132 6.09 21.24 6.73
N ILE G 133 5.22 21.03 7.71
CA ILE G 133 4.76 19.68 8.04
C ILE G 133 3.47 19.41 7.28
N PRO G 134 3.47 18.37 6.45
CA PRO G 134 2.26 18.04 5.68
C PRO G 134 1.10 17.85 6.61
N GLY G 135 -0.09 18.24 6.16
CA GLY G 135 -1.28 18.09 6.98
C GLY G 135 -1.53 19.18 8.01
N GLU G 136 -0.58 20.09 8.17
CA GLU G 136 -0.74 21.15 9.14
C GLU G 136 -1.75 22.20 8.69
N ALA G 137 -1.47 22.83 7.56
CA ALA G 137 -2.35 23.87 7.06
C ALA G 137 -2.33 23.90 5.54
N MET G 138 -3.37 24.47 4.96
CA MET G 138 -3.48 24.56 3.52
C MET G 138 -2.70 25.78 3.04
N VAL G 139 -2.38 25.82 1.76
CA VAL G 139 -1.60 26.92 1.19
C VAL G 139 -2.25 28.29 1.33
N LYS G 140 -1.41 29.27 1.63
CA LYS G 140 -1.87 30.64 1.80
C LYS G 140 -1.15 31.55 0.79
N LEU G 141 -1.58 32.80 0.71
CA LEU G 141 -0.94 33.73 -0.21
C LEU G 141 -0.25 34.89 0.52
N TYR G 142 0.97 35.18 0.10
CA TYR G 142 1.77 36.23 0.71
C TYR G 142 1.92 37.44 -0.19
N CYS G 143 1.44 38.59 0.26
CA CYS G 143 1.56 39.80 -0.54
C CYS G 143 2.87 40.44 -0.16
N PRO G 144 3.77 40.61 -1.13
CA PRO G 144 5.07 41.22 -0.82
C PRO G 144 5.02 42.71 -0.48
N LYS G 145 3.90 43.36 -0.77
CA LYS G 145 3.80 44.79 -0.49
C LYS G 145 3.40 45.08 0.95
N CYS G 146 2.25 44.56 1.39
CA CYS G 146 1.82 44.76 2.77
C CYS G 146 2.42 43.67 3.66
N MET G 147 3.16 42.76 3.05
CA MET G 147 3.83 41.67 3.75
C MET G 147 2.96 40.86 4.69
N ASP G 148 1.73 40.58 4.30
CA ASP G 148 0.81 39.80 5.14
C ASP G 148 0.39 38.51 4.41
N VAL G 149 -0.31 37.63 5.12
CA VAL G 149 -0.73 36.36 4.57
C VAL G 149 -2.25 36.24 4.47
N TYR G 150 -2.73 35.89 3.28
CA TYR G 150 -4.16 35.76 3.03
C TYR G 150 -4.62 34.38 2.59
N THR G 151 -5.91 34.13 2.73
CA THR G 151 -6.50 32.88 2.31
C THR G 151 -6.97 33.08 0.87
N PRO G 152 -6.68 32.12 -0.02
CA PRO G 152 -7.08 32.20 -1.41
C PRO G 152 -8.59 32.45 -1.55
N LYS G 153 -8.96 33.38 -2.43
CA LYS G 153 -10.36 33.70 -2.65
C LYS G 153 -11.14 32.49 -3.17
N SER G 154 -10.51 31.69 -4.04
CA SER G 154 -11.19 30.52 -4.59
C SER G 154 -11.11 29.28 -3.70
N SER G 155 -12.26 28.64 -3.49
CA SER G 155 -12.31 27.43 -2.67
C SER G 155 -11.61 26.27 -3.35
N ARG G 156 -11.30 26.44 -4.63
CA ARG G 156 -10.64 25.37 -5.37
C ARG G 156 -9.23 25.15 -4.83
N HIS G 157 -8.72 26.13 -4.09
CA HIS G 157 -7.37 26.04 -3.54
C HIS G 157 -7.34 25.70 -2.05
N HIS G 158 -8.49 25.42 -1.49
CA HIS G 158 -8.58 25.13 -0.07
C HIS G 158 -8.22 23.71 0.35
N HIS G 159 -7.64 22.96 -0.56
CA HIS G 159 -7.28 21.58 -0.25
C HIS G 159 -5.85 21.30 -0.67
N THR G 160 -5.13 22.36 -0.99
CA THR G 160 -3.75 22.23 -1.39
C THR G 160 -2.90 22.47 -0.16
N ASP G 161 -2.17 21.45 0.27
CA ASP G 161 -1.33 21.55 1.46
C ASP G 161 -0.26 22.60 1.25
N GLY G 162 -0.11 23.48 2.22
CA GLY G 162 0.90 24.53 2.12
C GLY G 162 2.33 24.02 2.25
N ALA G 163 2.49 22.81 2.79
CA ALA G 163 3.83 22.25 2.95
C ALA G 163 4.48 22.01 1.59
N TYR G 164 3.67 21.99 0.54
CA TYR G 164 4.18 21.78 -0.79
C TYR G 164 4.77 23.06 -1.36
N PHE G 165 4.73 24.14 -0.58
CA PHE G 165 5.28 25.42 -0.99
C PHE G 165 6.27 25.94 0.04
N GLY G 166 6.19 25.42 1.27
CA GLY G 166 7.13 25.84 2.30
C GLY G 166 6.95 27.22 2.92
N THR G 167 7.57 27.43 4.08
CA THR G 167 7.46 28.71 4.77
C THR G 167 8.48 29.72 4.31
N GLY G 168 9.52 29.26 3.63
CA GLY G 168 10.53 30.19 3.19
C GLY G 168 10.58 30.48 1.71
N PHE G 169 9.65 29.96 0.93
CA PHE G 169 9.69 30.20 -0.50
C PHE G 169 9.68 31.68 -0.91
N PRO G 170 8.65 32.44 -0.50
CA PRO G 170 8.59 33.86 -0.85
C PRO G 170 9.86 34.63 -0.51
N HIS G 171 10.49 34.30 0.62
CA HIS G 171 11.72 34.97 1.05
C HIS G 171 12.86 34.57 0.13
N MET G 172 12.87 33.31 -0.26
CA MET G 172 13.90 32.81 -1.15
C MET G 172 13.85 33.54 -2.49
N LEU G 173 12.65 33.62 -3.07
CA LEU G 173 12.49 34.26 -4.36
C LEU G 173 13.00 35.68 -4.40
N PHE G 174 12.64 36.47 -3.39
CA PHE G 174 13.08 37.86 -3.38
C PHE G 174 14.55 37.97 -3.02
N MET G 175 15.09 36.91 -2.42
CA MET G 175 16.50 36.90 -2.07
C MET G 175 17.33 36.75 -3.33
N VAL G 176 16.80 35.99 -4.27
CA VAL G 176 17.42 35.72 -5.57
C VAL G 176 17.02 36.77 -6.63
N HIS G 177 15.91 37.45 -6.41
CA HIS G 177 15.43 38.45 -7.35
C HIS G 177 15.01 39.72 -6.64
N PRO G 178 15.94 40.35 -5.89
CA PRO G 178 15.69 41.59 -5.14
C PRO G 178 14.98 42.66 -5.97
N GLU G 179 15.24 42.65 -7.27
CA GLU G 179 14.65 43.62 -8.17
C GLU G 179 13.12 43.59 -8.22
N TYR G 180 12.51 42.47 -7.87
CA TYR G 180 11.05 42.38 -7.90
C TYR G 180 10.36 42.77 -6.61
N ARG G 181 11.13 43.04 -5.56
CA ARG G 181 10.55 43.41 -4.28
C ARG G 181 9.89 44.79 -4.38
N PRO G 182 8.62 44.90 -3.92
CA PRO G 182 7.84 46.15 -3.95
C PRO G 182 8.61 47.39 -3.49
N LYS G 183 8.12 48.57 -3.89
CA LYS G 183 8.76 49.85 -3.56
C LYS G 183 9.03 50.00 -2.05
N ARG G 184 8.83 51.19 -1.51
CA ARG G 184 9.06 51.46 -0.09
C ARG G 184 10.48 51.03 0.36
N SER H 8 -52.48 26.42 0.35
CA SER H 8 -51.60 27.27 1.21
C SER H 8 -51.16 28.51 0.45
N SER H 9 -49.91 28.94 0.66
CA SER H 9 -49.37 30.12 -0.01
C SER H 9 -47.98 29.90 -0.64
N SER H 10 -47.51 30.93 -1.35
CA SER H 10 -46.21 30.91 -2.03
C SER H 10 -46.22 31.97 -3.13
N GLU H 11 -46.75 33.16 -2.84
CA GLU H 11 -46.80 34.23 -3.85
C GLU H 11 -46.88 35.67 -3.30
N GLU H 12 -46.71 36.62 -4.22
CA GLU H 12 -46.77 38.06 -3.97
C GLU H 12 -45.55 38.70 -3.32
N VAL H 13 -44.44 38.66 -4.03
CA VAL H 13 -43.21 39.25 -3.52
C VAL H 13 -43.06 40.69 -4.00
N SER H 14 -42.72 41.55 -3.05
CA SER H 14 -42.54 42.98 -3.28
C SER H 14 -41.29 43.26 -4.11
N TRP H 15 -41.27 44.41 -4.77
CA TRP H 15 -40.12 44.78 -5.59
C TRP H 15 -38.86 44.72 -4.75
N ILE H 16 -38.94 45.27 -3.54
CA ILE H 16 -37.82 45.28 -2.62
C ILE H 16 -37.35 43.88 -2.29
N SER H 17 -38.29 43.01 -1.93
CA SER H 17 -37.96 41.63 -1.61
C SER H 17 -37.32 40.94 -2.82
N TRP H 18 -37.86 41.23 -3.99
CA TRP H 18 -37.34 40.66 -5.23
C TRP H 18 -35.91 41.15 -5.48
N PHE H 19 -35.71 42.46 -5.34
CA PHE H 19 -34.41 43.08 -5.57
C PHE H 19 -33.32 42.52 -4.66
N CYS H 20 -33.53 42.66 -3.36
CA CYS H 20 -32.58 42.16 -2.39
C CYS H 20 -32.30 40.67 -2.54
N GLY H 21 -33.16 39.98 -3.29
CA GLY H 21 -32.99 38.55 -3.49
C GLY H 21 -32.16 38.18 -4.69
N LEU H 22 -31.91 39.11 -5.59
CA LEU H 22 -31.13 38.84 -6.78
C LEU H 22 -29.68 38.50 -6.46
N ARG H 23 -29.06 37.72 -7.33
CA ARG H 23 -27.67 37.37 -7.15
C ARG H 23 -26.85 38.65 -7.20
N GLY H 24 -25.97 38.82 -6.22
CA GLY H 24 -25.14 40.01 -6.20
C GLY H 24 -25.62 41.07 -5.22
N ASN H 25 -26.89 40.99 -4.84
CA ASN H 25 -27.45 41.96 -3.90
C ASN H 25 -27.55 41.40 -2.48
N GLU H 26 -26.67 40.45 -2.17
CA GLU H 26 -26.67 39.85 -0.84
C GLU H 26 -26.27 40.87 0.22
N PHE H 27 -25.51 41.90 -0.15
CA PHE H 27 -25.08 42.90 0.83
C PHE H 27 -26.18 43.85 1.26
N PHE H 28 -27.23 43.94 0.45
CA PHE H 28 -28.35 44.82 0.75
C PHE H 28 -29.28 44.24 1.80
N CYS H 29 -30.05 45.10 2.45
CA CYS H 29 -31.02 44.64 3.42
C CYS H 29 -32.33 45.22 2.92
N GLU H 30 -33.46 44.66 3.37
CA GLU H 30 -34.76 45.15 2.92
C GLU H 30 -35.24 46.39 3.70
N VAL H 31 -35.33 47.52 3.01
CA VAL H 31 -35.75 48.76 3.62
C VAL H 31 -37.24 48.74 3.96
N ASP H 32 -37.60 49.09 5.19
CA ASP H 32 -39.01 49.11 5.59
C ASP H 32 -39.81 50.03 4.69
N GLU H 33 -40.92 49.52 4.16
CA GLU H 33 -41.76 50.32 3.27
C GLU H 33 -42.11 51.67 3.88
N ASP H 34 -42.53 51.69 5.14
CA ASP H 34 -42.90 52.94 5.80
C ASP H 34 -41.79 53.99 5.82
N TYR H 35 -40.54 53.53 5.90
CA TYR H 35 -39.41 54.45 5.91
C TYR H 35 -39.39 55.20 4.59
N ILE H 36 -39.65 54.45 3.53
CA ILE H 36 -39.66 55.00 2.18
C ILE H 36 -40.87 55.89 1.95
N GLN H 37 -42.01 55.51 2.52
CA GLN H 37 -43.25 56.27 2.35
C GLN H 37 -43.21 57.65 2.98
N ASP H 38 -42.36 57.83 3.99
CA ASP H 38 -42.22 59.13 4.65
C ASP H 38 -41.37 60.01 3.72
N LYS H 39 -42.01 61.00 3.11
CA LYS H 39 -41.32 61.91 2.19
C LYS H 39 -40.08 62.54 2.81
N PHE H 40 -40.15 62.85 4.10
CA PHE H 40 -39.04 63.49 4.80
C PHE H 40 -37.73 62.71 4.77
N ASN H 41 -37.81 61.38 4.68
CA ASN H 41 -36.61 60.56 4.65
C ASN H 41 -35.91 60.57 3.30
N LEU H 42 -36.66 60.88 2.24
CA LEU H 42 -36.09 60.90 0.91
C LEU H 42 -35.76 62.31 0.38
N THR H 43 -35.92 63.32 1.24
CA THR H 43 -35.63 64.69 0.82
C THR H 43 -34.23 64.79 0.22
N GLY H 44 -34.15 65.27 -1.02
CA GLY H 44 -32.86 65.40 -1.68
C GLY H 44 -32.55 64.33 -2.69
N LEU H 45 -33.10 63.12 -2.50
CA LEU H 45 -32.85 62.01 -3.41
C LEU H 45 -33.54 62.20 -4.75
N ASN H 46 -34.75 62.78 -4.70
CA ASN H 46 -35.55 62.99 -5.91
C ASN H 46 -34.92 63.82 -7.02
N GLU H 47 -33.80 64.45 -6.72
CA GLU H 47 -33.11 65.24 -7.71
C GLU H 47 -31.78 64.62 -8.11
N GLN H 48 -31.61 63.33 -7.81
CA GLN H 48 -30.37 62.62 -8.15
C GLN H 48 -30.63 61.50 -9.15
N VAL H 49 -31.86 61.04 -9.23
CA VAL H 49 -32.21 59.96 -10.13
C VAL H 49 -33.24 60.38 -11.16
N PRO H 50 -33.10 59.91 -12.40
CA PRO H 50 -34.06 60.25 -13.45
C PRO H 50 -35.36 59.46 -13.27
N HIS H 51 -36.48 60.04 -13.69
CA HIS H 51 -37.79 59.38 -13.57
C HIS H 51 -38.10 59.07 -12.11
N TYR H 52 -37.61 59.92 -11.22
CA TYR H 52 -37.82 59.77 -9.79
C TYR H 52 -39.23 59.34 -9.39
N ARG H 53 -40.24 59.91 -10.04
CA ARG H 53 -41.63 59.58 -9.72
C ARG H 53 -41.96 58.13 -10.00
N GLN H 54 -41.77 57.70 -11.24
CA GLN H 54 -42.07 56.34 -11.66
C GLN H 54 -41.16 55.33 -10.96
N ALA H 55 -39.92 55.73 -10.70
CA ALA H 55 -38.97 54.85 -10.04
C ALA H 55 -39.38 54.58 -8.59
N LEU H 56 -39.80 55.64 -7.89
CA LEU H 56 -40.22 55.48 -6.51
C LEU H 56 -41.51 54.67 -6.46
N ASP H 57 -42.30 54.76 -7.52
CA ASP H 57 -43.56 54.01 -7.59
C ASP H 57 -43.24 52.53 -7.74
N MET H 58 -42.26 52.23 -8.58
CA MET H 58 -41.86 50.85 -8.82
C MET H 58 -41.33 50.19 -7.55
N ILE H 59 -40.56 50.93 -6.77
CA ILE H 59 -40.00 50.43 -5.53
C ILE H 59 -41.10 50.08 -4.53
N LEU H 60 -42.14 50.91 -4.51
CA LEU H 60 -43.25 50.71 -3.59
C LEU H 60 -44.41 49.87 -4.14
N ASP H 61 -44.22 49.32 -5.34
CA ASP H 61 -45.25 48.49 -5.97
C ASP H 61 -46.58 49.23 -6.17
N LEU H 62 -46.57 50.23 -7.05
CA LEU H 62 -47.76 51.01 -7.34
C LEU H 62 -48.05 50.97 -8.84
N GLU H 63 -49.30 51.26 -9.22
CA GLU H 63 -49.70 51.25 -10.62
C GLU H 63 -48.68 51.99 -11.48
N PRO H 64 -48.01 51.28 -12.40
CA PRO H 64 -47.00 51.89 -13.28
C PRO H 64 -47.33 53.31 -13.74
N ASN H 73 -36.39 50.18 -23.10
CA ASN H 73 -35.62 51.46 -23.10
C ASN H 73 -36.48 52.57 -22.49
N GLN H 74 -37.75 52.63 -22.90
CA GLN H 74 -38.70 53.62 -22.39
C GLN H 74 -39.20 53.17 -21.02
N SER H 75 -38.72 52.01 -20.62
CA SER H 75 -39.06 51.31 -19.39
C SER H 75 -37.80 50.97 -18.60
N ASP H 76 -36.85 50.31 -19.26
CA ASP H 76 -35.60 49.91 -18.64
C ASP H 76 -34.90 51.07 -17.94
N LEU H 77 -35.04 52.27 -18.49
CA LEU H 77 -34.42 53.45 -17.89
C LEU H 77 -35.01 53.74 -16.53
N ILE H 78 -36.28 53.38 -16.35
CA ILE H 78 -36.96 53.61 -15.09
C ILE H 78 -36.56 52.53 -14.09
N GLU H 79 -36.37 51.31 -14.59
CA GLU H 79 -35.95 50.21 -13.74
C GLU H 79 -34.57 50.52 -13.16
N GLN H 80 -33.69 51.07 -13.98
CA GLN H 80 -32.35 51.43 -13.52
C GLN H 80 -32.46 52.58 -12.51
N ALA H 81 -33.43 53.47 -12.70
CA ALA H 81 -33.63 54.60 -11.80
C ALA H 81 -34.08 54.11 -10.43
N ALA H 82 -34.98 53.12 -10.43
CA ALA H 82 -35.48 52.56 -9.19
C ALA H 82 -34.32 51.90 -8.45
N GLU H 83 -33.44 51.28 -9.22
CA GLU H 83 -32.28 50.61 -8.66
C GLU H 83 -31.36 51.63 -7.99
N MET H 84 -31.11 52.76 -8.66
CA MET H 84 -30.25 53.77 -8.09
C MET H 84 -30.91 54.43 -6.88
N LEU H 85 -32.20 54.72 -7.01
CA LEU H 85 -32.94 55.35 -5.93
C LEU H 85 -33.01 54.44 -4.72
N TYR H 86 -33.21 53.14 -4.93
CA TYR H 86 -33.28 52.24 -3.79
C TYR H 86 -31.94 52.25 -3.07
N GLY H 87 -30.87 52.26 -3.85
CA GLY H 87 -29.54 52.30 -3.28
C GLY H 87 -29.34 53.52 -2.40
N LEU H 88 -29.64 54.70 -2.91
CA LEU H 88 -29.46 55.93 -2.14
C LEU H 88 -30.29 55.90 -0.86
N ILE H 89 -31.48 55.31 -0.93
CA ILE H 89 -32.34 55.20 0.24
C ILE H 89 -31.71 54.24 1.23
N HIS H 90 -31.16 53.15 0.70
CA HIS H 90 -30.51 52.13 1.51
C HIS H 90 -29.40 52.77 2.34
N ALA H 91 -28.62 53.61 1.68
CA ALA H 91 -27.51 54.29 2.34
C ALA H 91 -27.95 55.05 3.57
N ARG H 92 -29.05 55.79 3.47
CA ARG H 92 -29.56 56.56 4.58
C ARG H 92 -30.14 55.62 5.62
N TYR H 93 -30.94 54.69 5.12
CA TYR H 93 -31.61 53.71 5.95
C TYR H 93 -30.72 52.95 6.93
N ILE H 94 -29.59 52.44 6.47
CA ILE H 94 -28.71 51.67 7.34
C ILE H 94 -27.94 52.48 8.38
N LEU H 95 -28.32 53.75 8.55
CA LEU H 95 -27.70 54.60 9.55
C LEU H 95 -28.68 54.79 10.70
N THR H 96 -29.94 54.45 10.43
CA THR H 96 -31.00 54.55 11.40
C THR H 96 -30.93 53.28 12.26
N ASN H 97 -31.38 53.39 13.50
CA ASN H 97 -31.34 52.26 14.41
C ASN H 97 -32.04 51.01 13.86
N ARG H 98 -33.07 51.20 13.03
CA ARG H 98 -33.77 50.06 12.49
C ARG H 98 -32.93 49.41 11.39
N GLY H 99 -32.35 50.24 10.51
CA GLY H 99 -31.51 49.71 9.45
C GLY H 99 -30.35 48.96 10.06
N ILE H 100 -29.66 49.63 10.98
CA ILE H 100 -28.51 49.04 11.64
C ILE H 100 -28.87 47.71 12.26
N ALA H 101 -30.06 47.62 12.84
CA ALA H 101 -30.50 46.36 13.44
C ALA H 101 -30.49 45.26 12.39
N GLN H 102 -31.04 45.56 11.23
CA GLN H 102 -31.11 44.59 10.14
C GLN H 102 -29.73 44.15 9.62
N MET H 103 -28.86 45.13 9.42
CA MET H 103 -27.51 44.84 8.93
C MET H 103 -26.75 44.01 9.96
N LEU H 104 -26.94 44.35 11.24
CA LEU H 104 -26.28 43.62 12.32
C LEU H 104 -26.71 42.16 12.25
N GLU H 105 -27.92 41.93 11.80
CA GLU H 105 -28.42 40.58 11.65
C GLU H 105 -27.57 39.87 10.60
N LYS H 106 -27.53 40.43 9.39
CA LYS H 106 -26.75 39.85 8.29
C LYS H 106 -25.30 39.67 8.71
N TYR H 107 -24.79 40.63 9.48
CA TYR H 107 -23.42 40.58 9.97
C TYR H 107 -23.21 39.30 10.77
N GLN H 108 -24.15 39.01 11.66
CA GLN H 108 -24.04 37.80 12.45
C GLN H 108 -24.13 36.54 11.61
N GLN H 109 -24.70 36.65 10.42
CA GLN H 109 -24.83 35.49 9.53
C GLN H 109 -23.63 35.37 8.56
N GLY H 110 -22.68 36.29 8.64
CA GLY H 110 -21.55 36.25 7.74
C GLY H 110 -21.97 36.58 6.32
N ASP H 111 -23.08 37.30 6.19
CA ASP H 111 -23.64 37.68 4.90
C ASP H 111 -22.71 38.51 4.04
N PHE H 112 -21.75 39.17 4.67
CA PHE H 112 -20.84 40.03 3.94
C PHE H 112 -19.49 39.39 3.65
N GLY H 113 -19.27 38.19 4.20
CA GLY H 113 -18.01 37.51 3.96
C GLY H 113 -17.08 37.63 5.15
N TYR H 114 -15.95 36.94 5.08
CA TYR H 114 -14.99 36.97 6.17
C TYR H 114 -13.65 37.53 5.75
N CYS H 115 -12.96 38.17 6.68
CA CYS H 115 -11.67 38.75 6.40
C CYS H 115 -10.70 37.69 5.89
N PRO H 116 -10.01 37.99 4.79
CA PRO H 116 -9.04 37.06 4.20
C PRO H 116 -7.72 36.93 4.95
N ARG H 117 -7.39 37.91 5.80
CA ARG H 117 -6.14 37.84 6.55
C ARG H 117 -6.15 36.56 7.36
N VAL H 118 -5.07 35.81 7.29
CA VAL H 118 -4.97 34.57 8.04
C VAL H 118 -5.12 34.83 9.54
N TYR H 119 -4.53 35.91 10.02
CA TYR H 119 -4.60 36.21 11.44
C TYR H 119 -5.87 36.88 11.92
N CYS H 120 -6.74 37.29 11.00
CA CYS H 120 -8.01 37.89 11.39
C CYS H 120 -8.97 36.73 11.71
N GLU H 121 -8.52 35.52 11.40
CA GLU H 121 -9.29 34.30 11.65
C GLU H 121 -10.77 34.35 11.26
N ASN H 122 -11.05 34.61 9.99
CA ASN H 122 -12.42 34.67 9.49
C ASN H 122 -13.35 35.60 10.23
N GLN H 123 -12.86 36.79 10.51
CA GLN H 123 -13.64 37.79 11.20
C GLN H 123 -14.70 38.24 10.19
N PRO H 124 -15.98 38.19 10.55
CA PRO H 124 -16.95 38.64 9.55
C PRO H 124 -16.78 40.13 9.27
N MET H 125 -17.00 40.55 8.02
CA MET H 125 -16.85 41.96 7.65
C MET H 125 -18.16 42.69 7.41
N LEU H 126 -18.07 44.01 7.30
CA LEU H 126 -19.23 44.86 7.02
C LEU H 126 -19.01 45.52 5.66
N PRO H 127 -20.09 45.77 4.91
CA PRO H 127 -19.88 46.43 3.61
C PRO H 127 -19.55 47.90 3.89
N ILE H 128 -18.86 48.53 2.97
CA ILE H 128 -18.48 49.92 3.16
C ILE H 128 -18.20 50.55 1.82
N GLY H 129 -18.34 51.87 1.73
CA GLY H 129 -18.09 52.56 0.48
C GLY H 129 -16.87 53.42 0.64
N LEU H 130 -16.08 53.54 -0.43
CA LEU H 130 -14.89 54.37 -0.37
C LEU H 130 -15.31 55.80 -0.66
N SER H 131 -16.53 55.96 -1.17
CA SER H 131 -17.05 57.28 -1.50
C SER H 131 -18.57 57.30 -1.38
N ASP H 132 -19.13 58.48 -1.15
CA ASP H 132 -20.57 58.62 -1.03
C ASP H 132 -21.19 59.12 -2.33
N ILE H 133 -20.34 59.37 -3.32
CA ILE H 133 -20.79 59.83 -4.62
C ILE H 133 -21.03 58.63 -5.53
N PRO H 134 -22.26 58.47 -6.03
CA PRO H 134 -22.55 57.33 -6.91
C PRO H 134 -21.60 57.32 -8.09
N GLY H 135 -21.25 56.14 -8.56
CA GLY H 135 -20.35 56.03 -9.70
C GLY H 135 -18.87 56.17 -9.41
N GLU H 136 -18.52 56.50 -8.17
CA GLU H 136 -17.11 56.66 -7.79
C GLU H 136 -16.39 55.31 -7.67
N ALA H 137 -16.87 54.45 -6.78
CA ALA H 137 -16.25 53.15 -6.59
C ALA H 137 -17.28 52.11 -6.21
N MET H 138 -16.94 50.85 -6.42
CA MET H 138 -17.83 49.75 -6.07
C MET H 138 -17.67 49.43 -4.59
N VAL H 139 -18.65 48.72 -4.03
CA VAL H 139 -18.63 48.39 -2.63
C VAL H 139 -17.43 47.54 -2.23
N LYS H 140 -16.89 47.85 -1.05
CA LYS H 140 -15.76 47.15 -0.50
C LYS H 140 -16.14 46.53 0.85
N LEU H 141 -15.23 45.76 1.42
CA LEU H 141 -15.51 45.13 2.70
C LEU H 141 -14.54 45.60 3.77
N TYR H 142 -15.09 45.92 4.94
CA TYR H 142 -14.31 46.41 6.05
C TYR H 142 -14.22 45.39 7.18
N CYS H 143 -13.02 44.95 7.51
CA CYS H 143 -12.84 44.01 8.61
C CYS H 143 -12.66 44.84 9.87
N PRO H 144 -13.54 44.64 10.85
CA PRO H 144 -13.41 45.41 12.09
C PRO H 144 -12.22 45.01 12.97
N LYS H 145 -11.62 43.86 12.69
CA LYS H 145 -10.48 43.42 13.50
C LYS H 145 -9.17 44.05 13.07
N CYS H 146 -8.79 43.88 11.81
CA CYS H 146 -7.56 44.48 11.30
C CYS H 146 -7.84 45.89 10.78
N MET H 147 -9.11 46.29 10.86
CA MET H 147 -9.56 47.61 10.43
C MET H 147 -9.07 48.04 9.04
N ASP H 148 -9.08 47.12 8.08
CA ASP H 148 -8.67 47.45 6.72
C ASP H 148 -9.82 47.21 5.73
N VAL H 149 -9.62 47.65 4.49
CA VAL H 149 -10.65 47.50 3.47
C VAL H 149 -10.25 46.55 2.34
N TYR H 150 -11.11 45.59 2.04
CA TYR H 150 -10.86 44.58 1.02
C TYR H 150 -11.87 44.53 -0.11
N THR H 151 -11.45 43.95 -1.22
CA THR H 151 -12.31 43.79 -2.38
C THR H 151 -13.00 42.43 -2.25
N PRO H 152 -14.32 42.40 -2.46
CA PRO H 152 -15.08 41.15 -2.34
C PRO H 152 -14.49 40.03 -3.20
N LYS H 153 -14.38 38.84 -2.64
CA LYS H 153 -13.83 37.71 -3.36
C LYS H 153 -14.67 37.36 -4.59
N SER H 154 -15.99 37.47 -4.47
CA SER H 154 -16.85 37.13 -5.59
C SER H 154 -17.05 38.28 -6.58
N SER H 155 -16.89 37.97 -7.87
CA SER H 155 -17.06 38.98 -8.91
C SER H 155 -18.52 39.42 -9.02
N ARG H 156 -19.42 38.66 -8.40
CA ARG H 156 -20.83 38.98 -8.44
C ARG H 156 -21.12 40.29 -7.72
N HIS H 157 -20.17 40.73 -6.89
CA HIS H 157 -20.35 41.97 -6.13
C HIS H 157 -19.52 43.13 -6.69
N HIS H 158 -18.91 42.94 -7.85
CA HIS H 158 -18.08 43.97 -8.42
C HIS H 158 -18.81 45.04 -9.23
N HIS H 159 -20.13 45.05 -9.12
CA HIS H 159 -20.90 46.04 -9.85
C HIS H 159 -21.90 46.73 -8.94
N THR H 160 -21.74 46.52 -7.64
CA THR H 160 -22.60 47.15 -6.66
C THR H 160 -21.91 48.42 -6.21
N ASP H 161 -22.53 49.57 -6.47
CA ASP H 161 -21.93 50.85 -6.09
C ASP H 161 -21.80 50.95 -4.59
N GLY H 162 -20.64 51.38 -4.13
CA GLY H 162 -20.38 51.51 -2.71
C GLY H 162 -21.13 52.65 -2.04
N ALA H 163 -21.58 53.60 -2.85
CA ALA H 163 -22.33 54.75 -2.34
C ALA H 163 -23.65 54.29 -1.72
N TYR H 164 -24.08 53.08 -2.06
CA TYR H 164 -25.32 52.57 -1.51
C TYR H 164 -25.11 52.02 -0.09
N PHE H 165 -23.88 52.14 0.40
CA PHE H 165 -23.55 51.68 1.74
C PHE H 165 -22.88 52.79 2.55
N GLY H 166 -22.32 53.78 1.87
CA GLY H 166 -21.70 54.89 2.55
C GLY H 166 -20.35 54.64 3.18
N THR H 167 -19.64 55.73 3.49
CA THR H 167 -18.33 55.63 4.08
C THR H 167 -18.38 55.51 5.59
N GLY H 168 -19.52 55.89 6.17
CA GLY H 168 -19.61 55.83 7.61
C GLY H 168 -20.49 54.75 8.21
N PHE H 169 -20.98 53.83 7.40
CA PHE H 169 -21.84 52.78 7.94
C PHE H 169 -21.19 51.91 9.02
N PRO H 170 -20.04 51.25 8.70
CA PRO H 170 -19.36 50.39 9.66
C PRO H 170 -19.12 51.08 10.98
N HIS H 171 -18.67 52.33 10.93
CA HIS H 171 -18.45 53.09 12.15
C HIS H 171 -19.74 53.26 12.95
N MET H 172 -20.81 53.68 12.25
CA MET H 172 -22.11 53.88 12.85
C MET H 172 -22.57 52.63 13.59
N LEU H 173 -22.45 51.48 12.93
CA LEU H 173 -22.90 50.24 13.54
C LEU H 173 -22.22 49.97 14.84
N PHE H 174 -20.90 50.14 14.88
CA PHE H 174 -20.19 49.88 16.13
C PHE H 174 -20.42 50.93 17.20
N MET H 175 -20.87 52.13 16.83
CA MET H 175 -21.16 53.15 17.81
C MET H 175 -22.42 52.72 18.51
N VAL H 176 -23.38 52.26 17.72
CA VAL H 176 -24.64 51.80 18.26
C VAL H 176 -24.55 50.43 18.93
N HIS H 177 -23.55 49.65 18.56
CA HIS H 177 -23.39 48.31 19.12
C HIS H 177 -21.95 48.04 19.51
N PRO H 178 -21.39 48.85 20.43
CA PRO H 178 -20.02 48.73 20.90
C PRO H 178 -19.66 47.32 21.31
N GLU H 179 -20.65 46.56 21.76
CA GLU H 179 -20.45 45.20 22.22
C GLU H 179 -19.95 44.26 21.14
N TYR H 180 -20.17 44.58 19.87
CA TYR H 180 -19.71 43.70 18.79
C TYR H 180 -18.32 44.01 18.30
N ARG H 181 -17.72 45.03 18.91
CA ARG H 181 -16.38 45.47 18.59
C ARG H 181 -15.46 44.42 19.19
N PRO H 182 -14.75 43.65 18.33
CA PRO H 182 -13.84 42.62 18.84
C PRO H 182 -12.68 43.20 19.65
N LYS H 183 -12.27 42.47 20.68
CA LYS H 183 -11.17 42.90 21.55
C LYS H 183 -9.89 42.14 21.19
N ARG H 184 -9.35 41.39 22.13
CA ARG H 184 -8.12 40.64 21.90
C ARG H 184 -8.42 39.27 21.27
N UNK I 1 31.68 -2.12 2.26
CA UNK I 1 31.33 -2.61 0.89
C UNK I 1 32.54 -3.29 0.26
N UNK I 2 32.27 -4.12 -0.75
CA UNK I 2 33.29 -4.88 -1.48
C UNK I 2 34.72 -4.39 -1.21
N UNK I 3 35.17 -3.37 -1.96
CA UNK I 3 36.51 -2.84 -1.79
C UNK I 3 36.73 -1.59 -2.66
N UNK I 4 11.25 -0.62 -1.39
CA UNK I 4 12.20 -0.59 -2.54
C UNK I 4 13.63 -0.83 -2.05
N UNK J 1 14.77 1.61 28.61
CA UNK J 1 14.95 0.25 28.02
C UNK J 1 13.60 -0.43 27.82
N UNK J 2 12.58 0.35 27.44
CA UNK J 2 11.23 -0.17 27.21
C UNK J 2 10.64 0.37 25.90
N UNK J 3 9.33 0.57 25.89
CA UNK J 3 8.64 1.07 24.69
C UNK J 3 7.13 1.23 24.97
N UNK J 4 3.53 -9.08 24.67
CA UNK J 4 4.94 -9.37 25.10
C UNK J 4 5.90 -8.23 24.75
N UNK K 1 6.97 -22.61 -17.48
CA UNK K 1 6.00 -21.91 -16.60
C UNK K 1 4.67 -22.68 -16.48
N UNK K 2 12.36 -27.56 -8.34
CA UNK K 2 12.51 -26.29 -9.11
C UNK K 2 12.32 -25.06 -8.22
N UNK K 3 5.48 -13.43 -12.66
CA UNK K 3 6.16 -13.94 -11.43
C UNK K 3 7.50 -14.61 -11.77
N UNK K 4 16.56 -30.13 -5.96
CA UNK K 4 16.84 -30.81 -7.25
C UNK K 4 15.72 -31.78 -7.66
N UNK K 5 15.99 -33.08 -7.50
CA UNK K 5 15.05 -34.16 -7.82
C UNK K 5 13.75 -33.71 -8.50
N UNK K 6 13.75 -19.09 -3.61
CA UNK K 6 13.96 -17.60 -3.59
C UNK K 6 12.66 -16.86 -3.90
N UNK K 7 12.25 -16.86 -5.16
CA UNK K 7 11.03 -16.18 -5.59
C UNK K 7 9.79 -16.60 -4.81
N UNK K 8 9.38 -15.73 -3.88
CA UNK K 8 8.21 -15.98 -3.06
C UNK K 8 6.97 -15.32 -3.69
N UNK L 1 21.65 -28.63 25.08
CA UNK L 1 20.66 -27.53 24.92
C UNK L 1 19.24 -28.06 24.64
N UNK L 2 19.13 -29.05 23.76
CA UNK L 2 17.84 -29.67 23.41
C UNK L 2 17.97 -30.63 22.22
N UNK L 3 18.83 -31.63 22.38
CA UNK L 3 19.10 -32.65 21.34
C UNK L 3 17.87 -33.48 20.93
N UNK M 1 -5.66 49.16 -6.89
CA UNK M 1 -7.15 49.30 -6.90
C UNK M 1 -7.56 50.77 -7.03
N UNK M 2 -8.71 51.13 -6.47
CA UNK M 2 -9.21 52.50 -6.52
C UNK M 2 -8.47 53.42 -5.56
N UNK M 3 -7.32 52.95 -5.06
CA UNK M 3 -6.50 53.70 -4.12
C UNK M 3 -6.25 55.14 -4.58
N UNK N 1 -8.93 25.10 3.80
CA UNK N 1 -7.93 26.20 3.94
C UNK N 1 -8.58 27.43 4.49
N UNK N 2 -9.86 27.63 4.17
CA UNK N 2 -10.58 28.81 4.64
C UNK N 2 -10.37 28.99 6.15
N UNK N 3 -9.75 28.00 6.78
CA UNK N 3 -9.44 28.03 8.20
C UNK N 3 -7.93 27.78 8.35
N UNK N 4 -7.50 26.55 8.05
CA UNK N 4 -6.10 26.12 8.11
C UNK N 4 -5.25 26.64 9.28
ZN ZN O . 5.38 -4.14 7.57
ZN ZN P . 14.45 -7.33 14.93
ZN ZN Q . 20.10 -20.72 7.72
ZN ZN R . 10.66 -22.07 15.27
N UNL S . -26.88 -21.81 -11.53
CA UNL S . -26.58 -22.32 -12.90
C UNL S . -27.84 -22.78 -13.62
O UNL S . -28.72 -21.91 -13.86
CB UNL S . -25.57 -23.48 -12.80
OXT UNL S . -27.96 -23.98 -13.94
ZN ZN T . -16.07 -18.85 -26.11
N UNL U . -10.65 -3.62 -39.66
CA UNL U . -9.96 -4.76 -40.32
C UNL U . -10.98 -5.71 -40.95
O UNL U . -12.16 -5.66 -40.57
CB UNL U . -9.10 -5.50 -39.30
OXT UNL U . -10.56 -6.51 -41.84
ZN ZN V . -21.64 -8.48 -28.20
ZN ZN W . -0.94 43.24 0.19
ZN ZN X . -9.21 41.68 8.95
#